data_7H3H
# 
_entry.id   7H3H 
# 
_audit_conform.dict_name       mmcif_pdbx.dic 
_audit_conform.dict_version    5.397 
_audit_conform.dict_location   http://mmcif.pdb.org/dictionaries/ascii/mmcif_pdbx.dic 
# 
loop_
_database_2.database_id 
_database_2.database_code 
_database_2.pdbx_database_accession 
_database_2.pdbx_DOI 
PDB   7H3H         pdb_00007h3h 10.2210/pdb7h3h/pdb 
WWPDB D_1001406976 ?            ?                   
# 
loop_
_pdbx_audit_revision_history.ordinal 
_pdbx_audit_revision_history.data_content_type 
_pdbx_audit_revision_history.major_revision 
_pdbx_audit_revision_history.minor_revision 
_pdbx_audit_revision_history.revision_date 
1 'Structure model' 1 0 2024-04-24 
2 'Structure model' 1 1 2024-10-16 
# 
_pdbx_audit_revision_details.ordinal             1 
_pdbx_audit_revision_details.revision_ordinal    1 
_pdbx_audit_revision_details.data_content_type   'Structure model' 
_pdbx_audit_revision_details.provider            repository 
_pdbx_audit_revision_details.type                'Initial release' 
_pdbx_audit_revision_details.description         ? 
_pdbx_audit_revision_details.details             ? 
# 
loop_
_pdbx_audit_revision_group.ordinal 
_pdbx_audit_revision_group.revision_ordinal 
_pdbx_audit_revision_group.data_content_type 
_pdbx_audit_revision_group.group 
1 2 'Structure model' 'Database references' 
2 2 'Structure model' 'Structure summary'   
# 
loop_
_pdbx_audit_revision_category.ordinal 
_pdbx_audit_revision_category.revision_ordinal 
_pdbx_audit_revision_category.data_content_type 
_pdbx_audit_revision_category.category 
1 2 'Structure model' citation           
2 2 'Structure model' citation_author    
3 2 'Structure model' pdbx_entry_details 
# 
loop_
_pdbx_audit_revision_item.ordinal 
_pdbx_audit_revision_item.revision_ordinal 
_pdbx_audit_revision_item.data_content_type 
_pdbx_audit_revision_item.item 
1 2 'Structure model' '_citation.country'                 
2 2 'Structure model' '_citation.journal_abbrev'          
3 2 'Structure model' '_citation.journal_id_CSD'          
4 2 'Structure model' '_citation.journal_id_ISSN'         
5 2 'Structure model' '_citation.pdbx_database_id_DOI'    
6 2 'Structure model' '_citation.pdbx_database_id_PubMed' 
7 2 'Structure model' '_citation.title'                   
8 2 'Structure model' '_citation.year'                    
# 
_pdbx_database_status.entry_id                        7H3H 
_pdbx_database_status.status_code                     REL 
_pdbx_database_status.status_code_sf                  REL 
_pdbx_database_status.status_code_mr                  ? 
_pdbx_database_status.status_code_cs                  ? 
_pdbx_database_status.recvd_initial_deposition_date   2024-04-04 
_pdbx_database_status.status_code_nmr_data            ? 
_pdbx_database_status.deposit_site                    RCSB 
_pdbx_database_status.process_site                    RCSB 
_pdbx_database_status.SG_entry                        ? 
_pdbx_database_status.pdb_format_compatible           Y 
_pdbx_database_status.methods_development_category    ? 
# 
_pdbx_contact_author.id                 1 
_pdbx_contact_author.email              frank.von-delft@diamond.ac.uk 
_pdbx_contact_author.name_first         Frank 
_pdbx_contact_author.name_last          'von Delft' 
_pdbx_contact_author.role               'principal investigator/group leader' 
_pdbx_contact_author.identifier_ORCID   0000-0003-0378-0017 
_pdbx_contact_author.name_mi            ? 
# 
loop_
_audit_author.name 
_audit_author.pdbx_ordinal 
'Lithgo, R.M.'        1  
'Fairhead, M.'        2  
'Koekemoer, L.'       3  
'Balcomb, B.H.'       4  
'Capkin, E.'          5  
'Chandran, A.V.'      6  
'Golding, M.'         7  
'Godoy, A.S.'         8  
'Aschenbrenner, J.C.' 9  
'Marples, P.G.'       10 
'Ni, X.'              11 
'Thompson, W.'        12 
'Tomlinson, C.W.E.'   13 
'Wild, C.'            14 
'Winokan, M.'         15 
'Xavier, M.-A.E.'     16 
'Fearon, D.'          17 
'von Delft, F.'       18 
# 
_citation.id                        primary 
_citation.title                     
;Crystallographic Fragment Screen of Coxsackievirus A16 2A Protease identifies new opportunities for the development of broad-spectrum anti-enterovirals.
;
_citation.journal_abbrev            Biorxiv 
_citation.journal_volume            ? 
_citation.page_first                ? 
_citation.page_last                 ? 
_citation.year                      2024 
_citation.journal_id_ASTM           ? 
_citation.country                   US 
_citation.journal_id_ISSN           2692-8205 
_citation.journal_id_CSD            ? 
_citation.book_publisher            ? 
_citation.pdbx_database_id_PubMed   38746446 
_citation.pdbx_database_id_DOI      10.1101/2024.04.29.591684 
# 
loop_
_citation_author.citation_id 
_citation_author.name 
_citation_author.identifier_ORCID 
_citation_author.ordinal 
primary 'Lithgo, R.M.'        0000-0002-4706-9916 1  
primary 'Tomlinson, C.W.E.'   0000-0002-1845-6028 2  
primary 'Fairhead, M.'        0000-0001-5361-3933 3  
primary 'Winokan, M.'         ?                   4  
primary 'Thompson, W.'        0000-0003-1474-7810 5  
primary 'Wild, C.'            0000-0003-0654-8141 6  
primary 'Aschenbrenner, J.C.' 0000-0002-4318-0481 7  
primary 'Balcomb, B.H.'       0000-0001-7599-8467 8  
primary 'Marples, P.G.'       0000-0002-8787-7969 9  
primary 'Chandran, A.V.'      0000-0001-9942-2614 10 
primary 'Golding, M.'         0009-0004-7472-8333 11 
primary 'Koekemoer, L.'       0000-0001-9226-9127 12 
primary 'Williams, E.P.'      0000-0002-1331-9518 13 
primary 'Wang, S.'            ?                   14 
primary 'Ni, X.'              0000-0002-7769-8297 15 
primary 'MacLean, E.'         0000-0003-1680-4292 16 
primary 'Giroud, C.'          0000-0002-1629-1581 17 
primary 'Godoy, A.S.'         0000-0002-0613-9164 18 
primary 'Xavier, M.A.'        0000-0002-1709-9479 19 
primary 'Walsh, M.'           0000-0001-5683-1151 20 
primary 'Fearon, D.'          0000-0003-3529-7863 21 
primary 'von Delft, F.'       0000-0003-0378-0017 22 
# 
loop_
_entity.id 
_entity.type 
_entity.src_method 
_entity.pdbx_description 
_entity.formula_weight 
_entity.pdbx_number_of_molecules 
_entity.pdbx_ec 
_entity.pdbx_mutation 
_entity.pdbx_fragment 
_entity.details 
1 polymer     man 'Protease 2A'                                             16493.311 1   3.4.22.29 ? ? ? 
2 non-polymer man '1-[2-methyl-1,3-bis(oxidanyl)propan-2-yl]-3-phenyl-urea' 224.256   2   ?         ? ? ? 
3 non-polymer syn 'ZINC ION'                                                65.409    1   ?         ? ? ? 
4 non-polymer syn 'DIMETHYL SULFOXIDE'                                      78.133    2   ?         ? ? ? 
5 non-polymer syn 'SULFATE ION'                                             96.063    1   ?         ? ? ? 
6 water       nat water                                                     18.015    183 ?         ? ? ? 
# 
_entity_name_com.entity_id   1 
_entity_name_com.name        'P2A,Picornain 2A,Protein 2A' 
# 
_entity_poly.entity_id                      1 
_entity_poly.type                           'polypeptide(L)' 
_entity_poly.nstd_linkage                   no 
_entity_poly.nstd_monomer                   no 
_entity_poly.pdbx_seq_one_letter_code       
;QEQTGGSGAIYVGNYRVVNRHLATHNDWANLVWEDSSRDLLVSSTTAQGCDTIARCDCQTGVYYCSSRRKHYPVSFSKPS
LIFVEASEYYPARYQSHLMLAVGHSEPGDCGGILRCQHGVVGIVSTGGNGLVGFADVRDLLWLDEEAMEQ
;
_entity_poly.pdbx_seq_one_letter_code_can   
;QEQTGGSGAIYVGNYRVVNRHLATHNDWANLVWEDSSRDLLVSSTTAQGCDTIARCDCQTGVYYCSSRRKHYPVSFSKPS
LIFVEASEYYPARYQSHLMLAVGHSEPGDCGGILRCQHGVVGIVSTGGNGLVGFADVRDLLWLDEEAMEQ
;
_entity_poly.pdbx_strand_id                 A 
_entity_poly.pdbx_target_identifier         ? 
# 
loop_
_pdbx_entity_nonpoly.entity_id 
_pdbx_entity_nonpoly.name 
_pdbx_entity_nonpoly.comp_id 
2 '1-[2-methyl-1,3-bis(oxidanyl)propan-2-yl]-3-phenyl-urea' AYV 
3 'ZINC ION'                                                ZN  
4 'DIMETHYL SULFOXIDE'                                      DMS 
5 'SULFATE ION'                                             SO4 
6 water                                                     HOH 
# 
loop_
_entity_poly_seq.entity_id 
_entity_poly_seq.num 
_entity_poly_seq.mon_id 
_entity_poly_seq.hetero 
1 1   GLN n 
1 2   GLU n 
1 3   GLN n 
1 4   THR n 
1 5   GLY n 
1 6   GLY n 
1 7   SER n 
1 8   GLY n 
1 9   ALA n 
1 10  ILE n 
1 11  TYR n 
1 12  VAL n 
1 13  GLY n 
1 14  ASN n 
1 15  TYR n 
1 16  ARG n 
1 17  VAL n 
1 18  VAL n 
1 19  ASN n 
1 20  ARG n 
1 21  HIS n 
1 22  LEU n 
1 23  ALA n 
1 24  THR n 
1 25  HIS n 
1 26  ASN n 
1 27  ASP n 
1 28  TRP n 
1 29  ALA n 
1 30  ASN n 
1 31  LEU n 
1 32  VAL n 
1 33  TRP n 
1 34  GLU n 
1 35  ASP n 
1 36  SER n 
1 37  SER n 
1 38  ARG n 
1 39  ASP n 
1 40  LEU n 
1 41  LEU n 
1 42  VAL n 
1 43  SER n 
1 44  SER n 
1 45  THR n 
1 46  THR n 
1 47  ALA n 
1 48  GLN n 
1 49  GLY n 
1 50  CYS n 
1 51  ASP n 
1 52  THR n 
1 53  ILE n 
1 54  ALA n 
1 55  ARG n 
1 56  CYS n 
1 57  ASP n 
1 58  CYS n 
1 59  GLN n 
1 60  THR n 
1 61  GLY n 
1 62  VAL n 
1 63  TYR n 
1 64  TYR n 
1 65  CYS n 
1 66  SER n 
1 67  SER n 
1 68  ARG n 
1 69  ARG n 
1 70  LYS n 
1 71  HIS n 
1 72  TYR n 
1 73  PRO n 
1 74  VAL n 
1 75  SER n 
1 76  PHE n 
1 77  SER n 
1 78  LYS n 
1 79  PRO n 
1 80  SER n 
1 81  LEU n 
1 82  ILE n 
1 83  PHE n 
1 84  VAL n 
1 85  GLU n 
1 86  ALA n 
1 87  SER n 
1 88  GLU n 
1 89  TYR n 
1 90  TYR n 
1 91  PRO n 
1 92  ALA n 
1 93  ARG n 
1 94  TYR n 
1 95  GLN n 
1 96  SER n 
1 97  HIS n 
1 98  LEU n 
1 99  MET n 
1 100 LEU n 
1 101 ALA n 
1 102 VAL n 
1 103 GLY n 
1 104 HIS n 
1 105 SER n 
1 106 GLU n 
1 107 PRO n 
1 108 GLY n 
1 109 ASP n 
1 110 CYS n 
1 111 GLY n 
1 112 GLY n 
1 113 ILE n 
1 114 LEU n 
1 115 ARG n 
1 116 CYS n 
1 117 GLN n 
1 118 HIS n 
1 119 GLY n 
1 120 VAL n 
1 121 VAL n 
1 122 GLY n 
1 123 ILE n 
1 124 VAL n 
1 125 SER n 
1 126 THR n 
1 127 GLY n 
1 128 GLY n 
1 129 ASN n 
1 130 GLY n 
1 131 LEU n 
1 132 VAL n 
1 133 GLY n 
1 134 PHE n 
1 135 ALA n 
1 136 ASP n 
1 137 VAL n 
1 138 ARG n 
1 139 ASP n 
1 140 LEU n 
1 141 LEU n 
1 142 TRP n 
1 143 LEU n 
1 144 ASP n 
1 145 GLU n 
1 146 GLU n 
1 147 ALA n 
1 148 MET n 
1 149 GLU n 
1 150 GLN n 
# 
loop_
_entity_src_gen.entity_id 
_entity_src_gen.pdbx_src_id 
_entity_src_gen.pdbx_alt_source_flag 
_entity_src_gen.pdbx_seq_type 
_entity_src_gen.pdbx_beg_seq_num 
_entity_src_gen.pdbx_end_seq_num 
_entity_src_gen.gene_src_common_name 
_entity_src_gen.gene_src_genus 
_entity_src_gen.pdbx_gene_src_gene 
_entity_src_gen.gene_src_species 
_entity_src_gen.gene_src_strain 
_entity_src_gen.gene_src_tissue 
_entity_src_gen.gene_src_tissue_fraction 
_entity_src_gen.gene_src_details 
_entity_src_gen.pdbx_gene_src_fragment 
_entity_src_gen.pdbx_gene_src_scientific_name 
_entity_src_gen.pdbx_gene_src_ncbi_taxonomy_id 
_entity_src_gen.pdbx_gene_src_variant 
_entity_src_gen.pdbx_gene_src_cell_line 
_entity_src_gen.pdbx_gene_src_atcc 
_entity_src_gen.pdbx_gene_src_organ 
_entity_src_gen.pdbx_gene_src_organelle 
_entity_src_gen.pdbx_gene_src_cell 
_entity_src_gen.pdbx_gene_src_cellular_location 
_entity_src_gen.host_org_common_name 
_entity_src_gen.pdbx_host_org_scientific_name 
_entity_src_gen.pdbx_host_org_ncbi_taxonomy_id 
_entity_src_gen.host_org_genus 
_entity_src_gen.pdbx_host_org_gene 
_entity_src_gen.pdbx_host_org_organ 
_entity_src_gen.host_org_species 
_entity_src_gen.pdbx_host_org_tissue 
_entity_src_gen.pdbx_host_org_tissue_fraction 
_entity_src_gen.pdbx_host_org_strain 
_entity_src_gen.pdbx_host_org_variant 
_entity_src_gen.pdbx_host_org_cell_line 
_entity_src_gen.pdbx_host_org_atcc 
_entity_src_gen.pdbx_host_org_culture_collection 
_entity_src_gen.pdbx_host_org_cell 
_entity_src_gen.pdbx_host_org_organelle 
_entity_src_gen.pdbx_host_org_cellular_location 
_entity_src_gen.pdbx_host_org_vector_type 
_entity_src_gen.pdbx_host_org_vector 
_entity_src_gen.host_org_details 
_entity_src_gen.expression_system_id 
_entity_src_gen.plasmid_name 
_entity_src_gen.plasmid_details 
_entity_src_gen.pdbx_description 
1 1 sample 'Biological sequence' 1 150 ? ? ? ? ? ? ? ? ? 'Coxsackievirus A16' 31704 ? ? ? ? ? ? ? ? 'Escherichia coli' 562 ? ? ? ? 
? ? ? ? ? ? ? ? ? ? ? ? ? ? ? ? ? 
2 1 sample ?                     ? ?   ? ? ? ? ? ? ? ? ? 'Coxsackievirus A16' 31704 ? ? ? ? ? ? ? ? 'Escherichia coli' 562 ? ? ? ? 
? ? ? ? ? ? ? ? ? ? ? ? ? ? ? ? ? 
# 
loop_
_chem_comp.id 
_chem_comp.type 
_chem_comp.mon_nstd_flag 
_chem_comp.name 
_chem_comp.pdbx_synonyms 
_chem_comp.formula 
_chem_comp.formula_weight 
ALA 'L-peptide linking' y ALANINE                                                   ? 'C3 H7 N O2'     89.093  
ARG 'L-peptide linking' y ARGININE                                                  ? 'C6 H15 N4 O2 1' 175.209 
ASN 'L-peptide linking' y ASPARAGINE                                                ? 'C4 H8 N2 O3'    132.118 
ASP 'L-peptide linking' y 'ASPARTIC ACID'                                           ? 'C4 H7 N O4'     133.103 
AYV non-polymer         . '1-[2-methyl-1,3-bis(oxidanyl)propan-2-yl]-3-phenyl-urea' ? 'C11 H16 N2 O3'  224.256 
CYS 'L-peptide linking' y CYSTEINE                                                  ? 'C3 H7 N O2 S'   121.158 
DMS non-polymer         . 'DIMETHYL SULFOXIDE'                                      ? 'C2 H6 O S'      78.133  
GLN 'L-peptide linking' y GLUTAMINE                                                 ? 'C5 H10 N2 O3'   146.144 
GLU 'L-peptide linking' y 'GLUTAMIC ACID'                                           ? 'C5 H9 N O4'     147.129 
GLY 'peptide linking'   y GLYCINE                                                   ? 'C2 H5 N O2'     75.067  
HIS 'L-peptide linking' y HISTIDINE                                                 ? 'C6 H10 N3 O2 1' 156.162 
HOH non-polymer         . WATER                                                     ? 'H2 O'           18.015  
ILE 'L-peptide linking' y ISOLEUCINE                                                ? 'C6 H13 N O2'    131.173 
LEU 'L-peptide linking' y LEUCINE                                                   ? 'C6 H13 N O2'    131.173 
LYS 'L-peptide linking' y LYSINE                                                    ? 'C6 H15 N2 O2 1' 147.195 
MET 'L-peptide linking' y METHIONINE                                                ? 'C5 H11 N O2 S'  149.211 
PHE 'L-peptide linking' y PHENYLALANINE                                             ? 'C9 H11 N O2'    165.189 
PRO 'L-peptide linking' y PROLINE                                                   ? 'C5 H9 N O2'     115.130 
SER 'L-peptide linking' y SERINE                                                    ? 'C3 H7 N O3'     105.093 
SO4 non-polymer         . 'SULFATE ION'                                             ? 'O4 S -2'        96.063  
THR 'L-peptide linking' y THREONINE                                                 ? 'C4 H9 N O3'     119.119 
TRP 'L-peptide linking' y TRYPTOPHAN                                                ? 'C11 H12 N2 O2'  204.225 
TYR 'L-peptide linking' y TYROSINE                                                  ? 'C9 H11 N O3'    181.189 
VAL 'L-peptide linking' y VALINE                                                    ? 'C5 H11 N O2'    117.146 
ZN  non-polymer         . 'ZINC ION'                                                ? 'Zn 2'           65.409  
# 
loop_
_pdbx_poly_seq_scheme.asym_id 
_pdbx_poly_seq_scheme.entity_id 
_pdbx_poly_seq_scheme.seq_id 
_pdbx_poly_seq_scheme.mon_id 
_pdbx_poly_seq_scheme.ndb_seq_num 
_pdbx_poly_seq_scheme.pdb_seq_num 
_pdbx_poly_seq_scheme.auth_seq_num 
_pdbx_poly_seq_scheme.pdb_mon_id 
_pdbx_poly_seq_scheme.auth_mon_id 
_pdbx_poly_seq_scheme.pdb_strand_id 
_pdbx_poly_seq_scheme.pdb_ins_code 
_pdbx_poly_seq_scheme.hetero 
A 1 1   GLN 1   1   ?   ?   ?   A . n 
A 1 2   GLU 2   2   ?   ?   ?   A . n 
A 1 3   GLN 3   3   ?   ?   ?   A . n 
A 1 4   THR 4   4   ?   ?   ?   A . n 
A 1 5   GLY 5   5   ?   ?   ?   A . n 
A 1 6   GLY 6   6   ?   ?   ?   A . n 
A 1 7   SER 7   7   7   SER SER A . n 
A 1 8   GLY 8   8   8   GLY GLY A . n 
A 1 9   ALA 9   9   9   ALA ALA A . n 
A 1 10  ILE 10  10  10  ILE ILE A . n 
A 1 11  TYR 11  11  11  TYR TYR A . n 
A 1 12  VAL 12  12  12  VAL VAL A . n 
A 1 13  GLY 13  13  13  GLY GLY A . n 
A 1 14  ASN 14  14  14  ASN ASN A . n 
A 1 15  TYR 15  15  15  TYR TYR A . n 
A 1 16  ARG 16  16  16  ARG ARG A . n 
A 1 17  VAL 17  17  17  VAL VAL A . n 
A 1 18  VAL 18  18  18  VAL VAL A . n 
A 1 19  ASN 19  19  19  ASN ASN A . n 
A 1 20  ARG 20  20  20  ARG ARG A . n 
A 1 21  HIS 21  21  21  HIS HIS A . n 
A 1 22  LEU 22  22  22  LEU LEU A . n 
A 1 23  ALA 23  23  23  ALA ALA A . n 
A 1 24  THR 24  24  24  THR THR A . n 
A 1 25  HIS 25  25  25  HIS HIS A . n 
A 1 26  ASN 26  26  26  ASN ASN A . n 
A 1 27  ASP 27  27  27  ASP ASP A . n 
A 1 28  TRP 28  28  28  TRP TRP A . n 
A 1 29  ALA 29  29  29  ALA ALA A . n 
A 1 30  ASN 30  30  30  ASN ASN A . n 
A 1 31  LEU 31  31  31  LEU LEU A . n 
A 1 32  VAL 32  32  32  VAL VAL A . n 
A 1 33  TRP 33  33  33  TRP TRP A . n 
A 1 34  GLU 34  34  34  GLU GLU A . n 
A 1 35  ASP 35  35  35  ASP ASP A . n 
A 1 36  SER 36  36  36  SER SER A . n 
A 1 37  SER 37  37  37  SER SER A . n 
A 1 38  ARG 38  38  38  ARG ARG A . n 
A 1 39  ASP 39  39  39  ASP ASP A . n 
A 1 40  LEU 40  40  40  LEU LEU A . n 
A 1 41  LEU 41  41  41  LEU LEU A . n 
A 1 42  VAL 42  42  42  VAL VAL A . n 
A 1 43  SER 43  43  43  SER SER A . n 
A 1 44  SER 44  44  44  SER SER A . n 
A 1 45  THR 45  45  45  THR THR A . n 
A 1 46  THR 46  46  46  THR THR A . n 
A 1 47  ALA 47  47  47  ALA ALA A . n 
A 1 48  GLN 48  48  48  GLN GLN A . n 
A 1 49  GLY 49  49  49  GLY GLY A . n 
A 1 50  CYS 50  50  50  CYS CYS A . n 
A 1 51  ASP 51  51  51  ASP ASP A . n 
A 1 52  THR 52  52  52  THR THR A . n 
A 1 53  ILE 53  53  53  ILE ILE A . n 
A 1 54  ALA 54  54  54  ALA ALA A . n 
A 1 55  ARG 55  55  55  ARG ARG A . n 
A 1 56  CYS 56  56  56  CYS CYS A . n 
A 1 57  ASP 57  57  57  ASP ASP A . n 
A 1 58  CYS 58  58  58  CYS CYS A . n 
A 1 59  GLN 59  59  59  GLN GLN A . n 
A 1 60  THR 60  60  60  THR THR A . n 
A 1 61  GLY 61  61  61  GLY GLY A . n 
A 1 62  VAL 62  62  62  VAL VAL A . n 
A 1 63  TYR 63  63  63  TYR TYR A . n 
A 1 64  TYR 64  64  64  TYR TYR A . n 
A 1 65  CYS 65  65  65  CYS CYS A . n 
A 1 66  SER 66  66  66  SER SER A . n 
A 1 67  SER 67  67  67  SER SER A . n 
A 1 68  ARG 68  68  68  ARG ARG A . n 
A 1 69  ARG 69  69  69  ARG ARG A . n 
A 1 70  LYS 70  70  70  LYS LYS A . n 
A 1 71  HIS 71  71  71  HIS HIS A . n 
A 1 72  TYR 72  72  72  TYR TYR A . n 
A 1 73  PRO 73  73  73  PRO PRO A . n 
A 1 74  VAL 74  74  74  VAL VAL A . n 
A 1 75  SER 75  75  75  SER SER A . n 
A 1 76  PHE 76  76  76  PHE PHE A . n 
A 1 77  SER 77  77  77  SER SER A . n 
A 1 78  LYS 78  78  78  LYS LYS A . n 
A 1 79  PRO 79  79  79  PRO PRO A . n 
A 1 80  SER 80  80  80  SER SER A . n 
A 1 81  LEU 81  81  81  LEU LEU A . n 
A 1 82  ILE 82  82  82  ILE ILE A . n 
A 1 83  PHE 83  83  83  PHE PHE A . n 
A 1 84  VAL 84  84  84  VAL VAL A . n 
A 1 85  GLU 85  85  85  GLU GLU A . n 
A 1 86  ALA 86  86  86  ALA ALA A . n 
A 1 87  SER 87  87  87  SER SER A . n 
A 1 88  GLU 88  88  88  GLU GLU A . n 
A 1 89  TYR 89  89  89  TYR TYR A . n 
A 1 90  TYR 90  90  90  TYR TYR A . n 
A 1 91  PRO 91  91  91  PRO PRO A . n 
A 1 92  ALA 92  92  92  ALA ALA A . n 
A 1 93  ARG 93  93  93  ARG ARG A . n 
A 1 94  TYR 94  94  94  TYR TYR A . n 
A 1 95  GLN 95  95  95  GLN GLN A . n 
A 1 96  SER 96  96  96  SER SER A . n 
A 1 97  HIS 97  97  97  HIS HIS A . n 
A 1 98  LEU 98  98  98  LEU LEU A . n 
A 1 99  MET 99  99  99  MET MET A . n 
A 1 100 LEU 100 100 100 LEU LEU A . n 
A 1 101 ALA 101 101 101 ALA ALA A . n 
A 1 102 VAL 102 102 102 VAL VAL A . n 
A 1 103 GLY 103 103 103 GLY GLY A . n 
A 1 104 HIS 104 104 104 HIS HIS A . n 
A 1 105 SER 105 105 105 SER SER A . n 
A 1 106 GLU 106 106 106 GLU GLU A . n 
A 1 107 PRO 107 107 107 PRO PRO A . n 
A 1 108 GLY 108 108 108 GLY GLY A . n 
A 1 109 ASP 109 109 109 ASP ASP A . n 
A 1 110 CYS 110 110 110 CYS CYS A . n 
A 1 111 GLY 111 111 111 GLY GLY A . n 
A 1 112 GLY 112 112 112 GLY GLY A . n 
A 1 113 ILE 113 113 113 ILE ILE A . n 
A 1 114 LEU 114 114 114 LEU LEU A . n 
A 1 115 ARG 115 115 115 ARG ARG A . n 
A 1 116 CYS 116 116 116 CYS CYS A . n 
A 1 117 GLN 117 117 117 GLN GLN A . n 
A 1 118 HIS 118 118 118 HIS HIS A . n 
A 1 119 GLY 119 119 119 GLY GLY A . n 
A 1 120 VAL 120 120 120 VAL VAL A . n 
A 1 121 VAL 121 121 121 VAL VAL A . n 
A 1 122 GLY 122 122 122 GLY GLY A . n 
A 1 123 ILE 123 123 123 ILE ILE A . n 
A 1 124 VAL 124 124 124 VAL VAL A . n 
A 1 125 SER 125 125 125 SER SER A . n 
A 1 126 THR 126 126 126 THR THR A . n 
A 1 127 GLY 127 127 127 GLY GLY A . n 
A 1 128 GLY 128 128 128 GLY GLY A . n 
A 1 129 ASN 129 129 129 ASN ASN A . n 
A 1 130 GLY 130 130 130 GLY GLY A . n 
A 1 131 LEU 131 131 131 LEU LEU A . n 
A 1 132 VAL 132 132 132 VAL VAL A . n 
A 1 133 GLY 133 133 133 GLY GLY A . n 
A 1 134 PHE 134 134 134 PHE PHE A . n 
A 1 135 ALA 135 135 135 ALA ALA A . n 
A 1 136 ASP 136 136 136 ASP ASP A . n 
A 1 137 VAL 137 137 137 VAL VAL A . n 
A 1 138 ARG 138 138 138 ARG ARG A . n 
A 1 139 ASP 139 139 139 ASP ASP A . n 
A 1 140 LEU 140 140 140 LEU LEU A . n 
A 1 141 LEU 141 141 141 LEU LEU A . n 
A 1 142 TRP 142 142 142 TRP TRP A . n 
A 1 143 LEU 143 143 143 LEU LEU A . n 
A 1 144 ASP 144 144 144 ASP ASP A . n 
A 1 145 GLU 145 145 145 GLU GLU A . n 
A 1 146 GLU 146 146 146 GLU GLU A . n 
A 1 147 ALA 147 147 ?   ?   ?   A . n 
A 1 148 MET 148 148 ?   ?   ?   A . n 
A 1 149 GLU 149 149 ?   ?   ?   A . n 
A 1 150 GLN 150 150 ?   ?   ?   A . n 
# 
loop_
_pdbx_nonpoly_scheme.asym_id 
_pdbx_nonpoly_scheme.entity_id 
_pdbx_nonpoly_scheme.mon_id 
_pdbx_nonpoly_scheme.ndb_seq_num 
_pdbx_nonpoly_scheme.pdb_seq_num 
_pdbx_nonpoly_scheme.auth_seq_num 
_pdbx_nonpoly_scheme.pdb_mon_id 
_pdbx_nonpoly_scheme.auth_mon_id 
_pdbx_nonpoly_scheme.pdb_strand_id 
_pdbx_nonpoly_scheme.pdb_ins_code 
B 2 AYV 1   201 147 AYV LIG A . 
C 2 AYV 1   202 148 AYV LIG A . 
D 3 ZN  1   203 1   ZN  ZN  A . 
E 4 DMS 1   204 0   DMS DMS A . 
F 4 DMS 1   205 3   DMS DMS A . 
G 5 SO4 1   206 1   SO4 SO4 A . 
H 6 HOH 1   301 251 HOH HOH A . 
H 6 HOH 2   302 124 HOH HOH A . 
H 6 HOH 3   303 52  HOH HOH A . 
H 6 HOH 4   304 107 HOH HOH A . 
H 6 HOH 5   305 10  HOH HOH A . 
H 6 HOH 6   306 30  HOH HOH A . 
H 6 HOH 7   307 13  HOH HOH A . 
H 6 HOH 8   308 66  HOH HOH A . 
H 6 HOH 9   309 216 HOH HOH A . 
H 6 HOH 10  310 147 HOH HOH A . 
H 6 HOH 11  311 152 HOH HOH A . 
H 6 HOH 12  312 4   HOH HOH A . 
H 6 HOH 13  313 211 HOH HOH A . 
H 6 HOH 14  314 174 HOH HOH A . 
H 6 HOH 15  315 135 HOH HOH A . 
H 6 HOH 16  316 68  HOH HOH A . 
H 6 HOH 17  317 173 HOH HOH A . 
H 6 HOH 18  318 24  HOH HOH A . 
H 6 HOH 19  319 161 HOH HOH A . 
H 6 HOH 20  320 55  HOH HOH A . 
H 6 HOH 21  321 76  HOH HOH A . 
H 6 HOH 22  322 245 HOH HOH A . 
H 6 HOH 23  323 157 HOH HOH A . 
H 6 HOH 24  324 46  HOH HOH A . 
H 6 HOH 25  325 81  HOH HOH A . 
H 6 HOH 26  326 103 HOH HOH A . 
H 6 HOH 27  327 16  HOH HOH A . 
H 6 HOH 28  328 36  HOH HOH A . 
H 6 HOH 29  329 59  HOH HOH A . 
H 6 HOH 30  330 31  HOH HOH A . 
H 6 HOH 31  331 50  HOH HOH A . 
H 6 HOH 32  332 121 HOH HOH A . 
H 6 HOH 33  333 181 HOH HOH A . 
H 6 HOH 34  334 253 HOH HOH A . 
H 6 HOH 35  335 134 HOH HOH A . 
H 6 HOH 36  336 186 HOH HOH A . 
H 6 HOH 37  337 218 HOH HOH A . 
H 6 HOH 38  338 132 HOH HOH A . 
H 6 HOH 39  339 90  HOH HOH A . 
H 6 HOH 40  340 226 HOH HOH A . 
H 6 HOH 41  341 19  HOH HOH A . 
H 6 HOH 42  342 34  HOH HOH A . 
H 6 HOH 43  343 9   HOH HOH A . 
H 6 HOH 44  344 3   HOH HOH A . 
H 6 HOH 45  345 2   HOH HOH A . 
H 6 HOH 46  346 106 HOH HOH A . 
H 6 HOH 47  347 138 HOH HOH A . 
H 6 HOH 48  348 205 HOH HOH A . 
H 6 HOH 49  349 28  HOH HOH A . 
H 6 HOH 50  350 177 HOH HOH A . 
H 6 HOH 51  351 89  HOH HOH A . 
H 6 HOH 52  352 137 HOH HOH A . 
H 6 HOH 53  353 43  HOH HOH A . 
H 6 HOH 54  354 5   HOH HOH A . 
H 6 HOH 55  355 102 HOH HOH A . 
H 6 HOH 56  356 17  HOH HOH A . 
H 6 HOH 57  357 232 HOH HOH A . 
H 6 HOH 58  358 14  HOH HOH A . 
H 6 HOH 59  359 74  HOH HOH A . 
H 6 HOH 60  360 20  HOH HOH A . 
H 6 HOH 61  361 21  HOH HOH A . 
H 6 HOH 62  362 84  HOH HOH A . 
H 6 HOH 63  363 184 HOH HOH A . 
H 6 HOH 64  364 77  HOH HOH A . 
H 6 HOH 65  365 33  HOH HOH A . 
H 6 HOH 66  366 25  HOH HOH A . 
H 6 HOH 67  367 85  HOH HOH A . 
H 6 HOH 68  368 169 HOH HOH A . 
H 6 HOH 69  369 168 HOH HOH A . 
H 6 HOH 70  370 95  HOH HOH A . 
H 6 HOH 71  371 104 HOH HOH A . 
H 6 HOH 72  372 101 HOH HOH A . 
H 6 HOH 73  373 29  HOH HOH A . 
H 6 HOH 74  374 37  HOH HOH A . 
H 6 HOH 75  375 8   HOH HOH A . 
H 6 HOH 76  376 93  HOH HOH A . 
H 6 HOH 77  377 126 HOH HOH A . 
H 6 HOH 78  378 233 HOH HOH A . 
H 6 HOH 79  379 182 HOH HOH A . 
H 6 HOH 80  380 133 HOH HOH A . 
H 6 HOH 81  381 155 HOH HOH A . 
H 6 HOH 82  382 40  HOH HOH A . 
H 6 HOH 83  383 7   HOH HOH A . 
H 6 HOH 84  384 45  HOH HOH A . 
H 6 HOH 85  385 82  HOH HOH A . 
H 6 HOH 86  386 80  HOH HOH A . 
H 6 HOH 87  387 12  HOH HOH A . 
H 6 HOH 88  388 227 HOH HOH A . 
H 6 HOH 89  389 62  HOH HOH A . 
H 6 HOH 90  390 65  HOH HOH A . 
H 6 HOH 91  391 252 HOH HOH A . 
H 6 HOH 92  392 26  HOH HOH A . 
H 6 HOH 93  393 18  HOH HOH A . 
H 6 HOH 94  394 35  HOH HOH A . 
H 6 HOH 95  395 256 HOH HOH A . 
H 6 HOH 96  396 192 HOH HOH A . 
H 6 HOH 97  397 96  HOH HOH A . 
H 6 HOH 98  398 117 HOH HOH A . 
H 6 HOH 99  399 172 HOH HOH A . 
H 6 HOH 100 400 38  HOH HOH A . 
H 6 HOH 101 401 105 HOH HOH A . 
H 6 HOH 102 402 150 HOH HOH A . 
H 6 HOH 103 403 51  HOH HOH A . 
H 6 HOH 104 404 163 HOH HOH A . 
H 6 HOH 105 405 219 HOH HOH A . 
H 6 HOH 106 406 224 HOH HOH A . 
H 6 HOH 107 407 179 HOH HOH A . 
H 6 HOH 108 408 141 HOH HOH A . 
H 6 HOH 109 409 128 HOH HOH A . 
H 6 HOH 110 410 183 HOH HOH A . 
H 6 HOH 111 411 23  HOH HOH A . 
H 6 HOH 112 412 11  HOH HOH A . 
H 6 HOH 113 413 111 HOH HOH A . 
H 6 HOH 114 414 215 HOH HOH A . 
H 6 HOH 115 415 203 HOH HOH A . 
H 6 HOH 116 416 47  HOH HOH A . 
H 6 HOH 117 417 110 HOH HOH A . 
H 6 HOH 118 418 53  HOH HOH A . 
H 6 HOH 119 419 170 HOH HOH A . 
H 6 HOH 120 420 159 HOH HOH A . 
H 6 HOH 121 421 69  HOH HOH A . 
H 6 HOH 122 422 6   HOH HOH A . 
H 6 HOH 123 423 100 HOH HOH A . 
H 6 HOH 124 424 60  HOH HOH A . 
H 6 HOH 125 425 142 HOH HOH A . 
H 6 HOH 126 426 249 HOH HOH A . 
H 6 HOH 127 427 206 HOH HOH A . 
H 6 HOH 128 428 222 HOH HOH A . 
H 6 HOH 129 429 42  HOH HOH A . 
H 6 HOH 130 430 175 HOH HOH A . 
H 6 HOH 131 431 113 HOH HOH A . 
H 6 HOH 132 432 213 HOH HOH A . 
H 6 HOH 133 433 144 HOH HOH A . 
H 6 HOH 134 434 189 HOH HOH A . 
H 6 HOH 135 435 125 HOH HOH A . 
H 6 HOH 136 436 22  HOH HOH A . 
H 6 HOH 137 437 254 HOH HOH A . 
H 6 HOH 138 438 156 HOH HOH A . 
H 6 HOH 139 439 255 HOH HOH A . 
H 6 HOH 140 440 127 HOH HOH A . 
H 6 HOH 141 441 148 HOH HOH A . 
H 6 HOH 142 442 190 HOH HOH A . 
H 6 HOH 143 443 197 HOH HOH A . 
H 6 HOH 144 444 246 HOH HOH A . 
H 6 HOH 145 445 48  HOH HOH A . 
H 6 HOH 146 446 67  HOH HOH A . 
H 6 HOH 147 447 154 HOH HOH A . 
H 6 HOH 148 448 64  HOH HOH A . 
H 6 HOH 149 449 230 HOH HOH A . 
H 6 HOH 150 450 223 HOH HOH A . 
H 6 HOH 151 451 201 HOH HOH A . 
H 6 HOH 152 452 99  HOH HOH A . 
H 6 HOH 153 453 242 HOH HOH A . 
H 6 HOH 154 454 240 HOH HOH A . 
H 6 HOH 155 455 247 HOH HOH A . 
H 6 HOH 156 456 129 HOH HOH A . 
H 6 HOH 157 457 73  HOH HOH A . 
H 6 HOH 158 458 202 HOH HOH A . 
H 6 HOH 159 459 236 HOH HOH A . 
H 6 HOH 160 460 71  HOH HOH A . 
H 6 HOH 161 461 86  HOH HOH A . 
H 6 HOH 162 462 204 HOH HOH A . 
H 6 HOH 163 463 165 HOH HOH A . 
H 6 HOH 164 464 87  HOH HOH A . 
H 6 HOH 165 465 118 HOH HOH A . 
H 6 HOH 166 466 153 HOH HOH A . 
H 6 HOH 167 467 164 HOH HOH A . 
H 6 HOH 168 468 92  HOH HOH A . 
H 6 HOH 169 469 122 HOH HOH A . 
H 6 HOH 170 470 98  HOH HOH A . 
H 6 HOH 171 471 56  HOH HOH A . 
H 6 HOH 172 472 208 HOH HOH A . 
H 6 HOH 173 473 235 HOH HOH A . 
H 6 HOH 174 474 243 HOH HOH A . 
H 6 HOH 175 475 162 HOH HOH A . 
H 6 HOH 176 476 83  HOH HOH A . 
H 6 HOH 177 477 241 HOH HOH A . 
H 6 HOH 178 478 257 HOH HOH A . 
H 6 HOH 179 479 112 HOH HOH A . 
H 6 HOH 180 480 187 HOH HOH A . 
H 6 HOH 181 481 209 HOH HOH A . 
H 6 HOH 182 482 217 HOH HOH A . 
H 6 HOH 183 483 258 HOH HOH A . 
# 
loop_
_software.classification 
_software.name 
_software.version 
_software.citation_id 
_software.pdbx_ordinal 
refinement       REFMAC  5.8.0267 ? 1 
refinement       REFMAC5 .        ? 2 
'data scaling'   Aimless .        ? 3 
phasing          PHASER  .        ? 4 
'data reduction' XDS     .        ? 5 
# 
_cell.entry_id           7H3H 
_cell.length_a           86.767 
_cell.length_b           57.719 
_cell.length_c           32.500 
_cell.angle_alpha        90.00 
_cell.angle_beta         92.51 
_cell.angle_gamma        90.00 
_cell.Z_PDB              4 
_cell.pdbx_unique_axis   ? 
# 
_symmetry.entry_id                         7H3H 
_symmetry.space_group_name_H-M             'C 1 2 1' 
_symmetry.pdbx_full_space_group_name_H-M   ? 
_symmetry.cell_setting                     ? 
_symmetry.Int_Tables_number                5 
# 
_exptl.entry_id          7H3H 
_exptl.method            'X-RAY DIFFRACTION' 
_exptl.crystals_number   1 
# 
_exptl_crystal.id                    1 
_exptl_crystal.density_meas          ? 
_exptl_crystal.density_Matthews      2.46 
_exptl_crystal.density_percent_sol   50.10 
_exptl_crystal.description           ? 
# 
_exptl_crystal_grow.crystal_id      1 
_exptl_crystal_grow.method          'VAPOR DIFFUSION, SITTING DROP' 
_exptl_crystal_grow.pH              6.05 
_exptl_crystal_grow.temp            293.15 
_exptl_crystal_grow.pdbx_details    '0.1 M MES, pH 6.05, 16 % PEG 20,000' 
_exptl_crystal_grow.temp_details    ? 
_exptl_crystal_grow.pdbx_pH_range   ? 
# 
_diffrn.id                     1 
_diffrn.ambient_temp           100 
_diffrn.crystal_id             1 
_diffrn.ambient_temp_details   ? 
# 
_diffrn_detector.detector               PIXEL 
_diffrn_detector.type                   'DECTRIS EIGER2 XE 16M' 
_diffrn_detector.pdbx_collection_date   2023-10-11 
_diffrn_detector.diffrn_id              1 
_diffrn_detector.details                ? 
# 
_diffrn_radiation.diffrn_id                        1 
_diffrn_radiation.wavelength_id                    1 
_diffrn_radiation.pdbx_diffrn_protocol             'SINGLE WAVELENGTH' 
_diffrn_radiation.pdbx_monochromatic_or_laue_m_l   ? 
_diffrn_radiation.monochromator                    ? 
_diffrn_radiation.pdbx_scattering_type             x-ray 
# 
_diffrn_radiation_wavelength.id           1 
_diffrn_radiation_wavelength.wavelength   0.94055 
_diffrn_radiation_wavelength.wt           1.0 
# 
_diffrn_source.diffrn_id                   1 
_diffrn_source.source                      SYNCHROTRON 
_diffrn_source.type                        'DIAMOND BEAMLINE I03' 
_diffrn_source.pdbx_wavelength_list        0.94055 
_diffrn_source.pdbx_synchrotron_site       Diamond 
_diffrn_source.pdbx_synchrotron_beamline   I03 
_diffrn_source.pdbx_wavelength             ? 
# 
_reflns.entry_id                     7H3H 
_reflns.pdbx_diffrn_id               1 
_reflns.pdbx_ordinal                 1 
_reflns.d_resolution_low             48.07 
_reflns.d_resolution_high            1.41 
_reflns.number_obs                   30555 
_reflns.percent_possible_obs         99.0 
_reflns.pdbx_Rmerge_I_obs            0.166 
_reflns.pdbx_netI_over_sigmaI        6.0 
_reflns.pdbx_redundancy              6.9 
_reflns.pdbx_Rrim_I_all              0.180 
_reflns.pdbx_Rpim_I_all              0.068 
_reflns.pdbx_CC_half                 0.997 
_reflns.pdbx_number_measured_all     210019 
_reflns.pdbx_chi_squared             0.44 
_reflns.observed_criterion_sigma_I   ? 
_reflns.observed_criterion_sigma_F   ? 
_reflns.number_all                   ? 
_reflns.pdbx_Rsym_value              ? 
_reflns.B_iso_Wilson_estimate        ? 
# 
_reflns_shell.pdbx_diffrn_id              1 
_reflns_shell.pdbx_ordinal                1 
_reflns_shell.d_res_high                  1.41 
_reflns_shell.d_res_low                   1.44 
_reflns_shell.number_measured_all         10441 
_reflns_shell.number_unique_obs           1489 
_reflns_shell.Rmerge_I_obs                5.902 
_reflns_shell.pdbx_chi_squared            0.09 
_reflns_shell.pdbx_redundancy             7.0 
_reflns_shell.percent_possible_obs        96.7 
_reflns_shell.pdbx_netI_over_sigmaI_obs   0.2 
_reflns_shell.pdbx_Rrim_I_all             6.379 
_reflns_shell.pdbx_Rpim_I_all             2.397 
_reflns_shell.pdbx_CC_half                0.274 
_reflns_shell.percent_possible_all        ? 
_reflns_shell.pdbx_Rsym_value             ? 
_reflns_shell.meanI_over_sigI_obs         ? 
# 
_refine.pdbx_refine_id                           'X-RAY DIFFRACTION' 
_refine.entry_id                                 7H3H 
_refine.pdbx_diffrn_id                           1 
_refine.pdbx_TLS_residual_ADP_flag               ? 
_refine.ls_number_reflns_obs                     26284 
_refine.ls_number_reflns_all                     ? 
_refine.pdbx_ls_sigma_I                          ? 
_refine.pdbx_ls_sigma_F                          ? 
_refine.pdbx_data_cutoff_high_absF               ? 
_refine.pdbx_data_cutoff_low_absF                ? 
_refine.pdbx_data_cutoff_high_rms_absF           ? 
_refine.ls_d_res_low                             48.04 
_refine.ls_d_res_high                            1.41 
_refine.ls_percent_reflns_obs                    89.80 
_refine.ls_R_factor_obs                          0.28031 
_refine.ls_R_factor_all                          ? 
_refine.ls_R_factor_R_work                       0.27721 
_refine.ls_R_factor_R_free                       0.33788 
_refine.ls_R_factor_R_free_error                 ? 
_refine.ls_R_factor_R_free_error_details         ? 
_refine.ls_percent_reflns_R_free                 5.1 
_refine.ls_number_reflns_R_free                  1413 
_refine.ls_number_parameters                     ? 
_refine.ls_number_restraints                     ? 
_refine.occupancy_min                            ? 
_refine.occupancy_max                            ? 
_refine.correlation_coeff_Fo_to_Fc               0.946 
_refine.correlation_coeff_Fo_to_Fc_free          0.910 
_refine.B_iso_mean                               30.488 
_refine.aniso_B[1][1]                            2.80 
_refine.aniso_B[2][2]                            -2.01 
_refine.aniso_B[3][3]                            -0.96 
_refine.aniso_B[1][2]                            0.00 
_refine.aniso_B[1][3]                            1.88 
_refine.aniso_B[2][3]                            0.00 
_refine.solvent_model_details                    MASK 
_refine.solvent_model_param_ksol                 ? 
_refine.solvent_model_param_bsol                 ? 
_refine.pdbx_solvent_vdw_probe_radii             1.20 
_refine.pdbx_solvent_ion_probe_radii             0.80 
_refine.pdbx_solvent_shrinkage_radii             0.80 
_refine.pdbx_ls_cross_valid_method               THROUGHOUT 
_refine.details                                  'HYDROGENS HAVE BEEN ADDED IN THE RIDING POSITIONS' 
_refine.pdbx_starting_model                      ? 
_refine.pdbx_method_to_determine_struct          'MOLECULAR REPLACEMENT' 
_refine.pdbx_isotropic_thermal_model             ? 
_refine.pdbx_stereochemistry_target_values       'MAXIMUM LIKELIHOOD' 
_refine.pdbx_stereochem_target_val_spec_case     ? 
_refine.pdbx_R_Free_selection_details            RANDOM 
_refine.pdbx_overall_ESU_R                       0.155 
_refine.pdbx_overall_ESU_R_Free                  0.151 
_refine.overall_SU_ML                            0.327 
_refine.pdbx_overall_phase_error                 ? 
_refine.overall_SU_B                             9.954 
_refine.overall_SU_R_Cruickshank_DPI             ? 
_refine.pdbx_overall_SU_R_free_Cruickshank_DPI   ? 
_refine.pdbx_overall_SU_R_Blow_DPI               ? 
_refine.pdbx_overall_SU_R_free_Blow_DPI          ? 
# 
_refine_hist.pdbx_refine_id                   'X-RAY DIFFRACTION' 
_refine_hist.cycle_id                         1 
_refine_hist.pdbx_number_atoms_protein        1083 
_refine_hist.pdbx_number_atoms_nucleic_acid   0 
_refine_hist.pdbx_number_atoms_ligand         46 
_refine_hist.number_atoms_solvent             183 
_refine_hist.number_atoms_total               1312 
_refine_hist.d_res_high                       1.41 
_refine_hist.d_res_low                        48.04 
# 
loop_
_refine_ls_restr.type 
_refine_ls_restr.dev_ideal 
_refine_ls_restr.dev_ideal_target 
_refine_ls_restr.weight 
_refine_ls_restr.number 
_refine_ls_restr.pdbx_refine_id 
_refine_ls_restr.pdbx_restraint_function 
r_bond_refined_d             0.006  0.015  ? 2967 'X-RAY DIFFRACTION' ? 
r_bond_other_d               0.001  0.014  ? 1786 'X-RAY DIFFRACTION' ? 
r_angle_refined_deg          1.440  1.641  ? 2852 'X-RAY DIFFRACTION' ? 
r_angle_other_deg            1.224  1.619  ? 4122 'X-RAY DIFFRACTION' ? 
r_dihedral_angle_1_deg       7.090  5.000  ? 280  'X-RAY DIFFRACTION' ? 
r_dihedral_angle_2_deg       35.020 21.121 ? 107  'X-RAY DIFFRACTION' ? 
r_dihedral_angle_3_deg       14.856 15.000 ? 289  'X-RAY DIFFRACTION' ? 
r_dihedral_angle_4_deg       23.793 15.000 ? 15   'X-RAY DIFFRACTION' ? 
r_chiral_restr               0.060  0.200  ? 255  'X-RAY DIFFRACTION' ? 
r_gen_planes_refined         0.005  0.020  ? 2755 'X-RAY DIFFRACTION' ? 
r_gen_planes_other           0.002  0.020  ? 543  'X-RAY DIFFRACTION' ? 
r_nbd_refined                ?      ?      ? ?    'X-RAY DIFFRACTION' ? 
r_nbd_other                  ?      ?      ? ?    'X-RAY DIFFRACTION' ? 
r_nbtor_refined              ?      ?      ? ?    'X-RAY DIFFRACTION' ? 
r_nbtor_other                ?      ?      ? ?    'X-RAY DIFFRACTION' ? 
r_xyhbond_nbd_refined        ?      ?      ? ?    'X-RAY DIFFRACTION' ? 
r_xyhbond_nbd_other          ?      ?      ? ?    'X-RAY DIFFRACTION' ? 
r_metal_ion_refined          ?      ?      ? ?    'X-RAY DIFFRACTION' ? 
r_metal_ion_other            ?      ?      ? ?    'X-RAY DIFFRACTION' ? 
r_symmetry_vdw_refined       ?      ?      ? ?    'X-RAY DIFFRACTION' ? 
r_symmetry_vdw_other         ?      ?      ? ?    'X-RAY DIFFRACTION' ? 
r_symmetry_hbond_refined     ?      ?      ? ?    'X-RAY DIFFRACTION' ? 
r_symmetry_hbond_other       ?      ?      ? ?    'X-RAY DIFFRACTION' ? 
r_symmetry_metal_ion_refined ?      ?      ? ?    'X-RAY DIFFRACTION' ? 
r_symmetry_metal_ion_other   ?      ?      ? ?    'X-RAY DIFFRACTION' ? 
r_mcbond_it                  1.474  2.969  ? 1531 'X-RAY DIFFRACTION' ? 
r_mcbond_other               1.536  2.893  ? 1410 'X-RAY DIFFRACTION' ? 
r_mcangle_it                 2.712  4.346  ? 1334 'X-RAY DIFFRACTION' ? 
r_mcangle_other              2.719  4.351  ? 1331 'X-RAY DIFFRACTION' ? 
r_scbond_it                  1.477  3.248  ? 1436 'X-RAY DIFFRACTION' ? 
r_scbond_other               1.474  3.236  ? 1433 'X-RAY DIFFRACTION' ? 
r_scangle_it                 ?      ?      ? ?    'X-RAY DIFFRACTION' ? 
r_scangle_other              2.545  4.747  ? 1513 'X-RAY DIFFRACTION' ? 
r_long_range_B_refined       7.263  34.853 ? 2463 'X-RAY DIFFRACTION' ? 
r_long_range_B_other         7.261  34.867 ? 2464 'X-RAY DIFFRACTION' ? 
r_rigid_bond_restr           ?      ?      ? ?    'X-RAY DIFFRACTION' ? 
r_sphericity_free            ?      ?      ? ?    'X-RAY DIFFRACTION' ? 
r_sphericity_bonded          ?      ?      ? ?    'X-RAY DIFFRACTION' ? 
# 
_refine_ls_shell.pdbx_refine_id                   'X-RAY DIFFRACTION' 
_refine_ls_shell.pdbx_total_number_of_bins_used   20 
_refine_ls_shell.d_res_high                       1.411 
_refine_ls_shell.d_res_low                        1.448 
_refine_ls_shell.number_reflns_R_work             578 
_refine_ls_shell.R_factor_R_work                  0.540 
_refine_ls_shell.percent_reflns_obs               27.36 
_refine_ls_shell.R_factor_R_free                  0.468 
_refine_ls_shell.R_factor_R_free_error            ? 
_refine_ls_shell.percent_reflns_R_free            ? 
_refine_ls_shell.number_reflns_R_free             36 
_refine_ls_shell.number_reflns_all                ? 
_refine_ls_shell.R_factor_all                     ? 
# 
_struct.entry_id                  7H3H 
_struct.title                     
;Group deposition for crystallographic fragment screening of Coxsackievirus A16 (G-10) 2A protease -- Crystal structure of Coxsackievirus A16 (G-10) 2A protease in complex with Z57472297 (A71EV2A-x0395)
;
_struct.pdbx_model_details        ? 
_struct.pdbx_CASP_flag            ? 
_struct.pdbx_model_type_details   ? 
# 
_struct_keywords.entry_id        7H3H 
_struct_keywords.pdbx_keywords   HYDROLASE 
_struct_keywords.text            
;Diamond Light Source, I03, ASAP, Coxsackievirus A16, crystallographic fragment screening, PanDDA, Pandda2, XChemExplorer, viral protein, HYDROLASE
;
# 
loop_
_struct_asym.id 
_struct_asym.pdbx_blank_PDB_chainid_flag 
_struct_asym.pdbx_modified 
_struct_asym.entity_id 
_struct_asym.details 
A N N 1 ? 
B N N 2 ? 
C N N 2 ? 
D N N 3 ? 
E N N 4 ? 
F N N 4 ? 
G N N 5 ? 
H N N 6 ? 
# 
_struct_ref.id                         1 
_struct_ref.db_name                    UNP 
_struct_ref.db_code                    POLG_CX16G 
_struct_ref.pdbx_db_accession          Q65900 
_struct_ref.pdbx_db_isoform            ? 
_struct_ref.entity_id                  1 
_struct_ref.pdbx_seq_one_letter_code   
;SGAIYVGNYRVVNRHLATHNDWANLVWEDSSRDLLVSSTTAQGCDTIARCDCQTGVYYCSSRRKHYPVSFSKPSLIFVEA
SEYYPARYQSHLMLAVGHSEPGDCGGILRCQHGVVGIVSTGGNGLVGFADVRDLLWLDEEAMEQ
;
_struct_ref.pdbx_align_begin           869 
# 
_struct_ref_seq.align_id                      1 
_struct_ref_seq.ref_id                        1 
_struct_ref_seq.pdbx_PDB_id_code              7H3H 
_struct_ref_seq.pdbx_strand_id                A 
_struct_ref_seq.seq_align_beg                 7 
_struct_ref_seq.pdbx_seq_align_beg_ins_code   ? 
_struct_ref_seq.seq_align_end                 150 
_struct_ref_seq.pdbx_seq_align_end_ins_code   ? 
_struct_ref_seq.pdbx_db_accession             Q65900 
_struct_ref_seq.db_align_beg                  869 
_struct_ref_seq.pdbx_db_align_beg_ins_code    ? 
_struct_ref_seq.db_align_end                  1012 
_struct_ref_seq.pdbx_db_align_end_ins_code    ? 
_struct_ref_seq.pdbx_auth_seq_align_beg       7 
_struct_ref_seq.pdbx_auth_seq_align_end       150 
# 
loop_
_struct_ref_seq_dif.align_id 
_struct_ref_seq_dif.pdbx_pdb_id_code 
_struct_ref_seq_dif.mon_id 
_struct_ref_seq_dif.pdbx_pdb_strand_id 
_struct_ref_seq_dif.seq_num 
_struct_ref_seq_dif.pdbx_pdb_ins_code 
_struct_ref_seq_dif.pdbx_seq_db_name 
_struct_ref_seq_dif.pdbx_seq_db_accession_code 
_struct_ref_seq_dif.db_mon_id 
_struct_ref_seq_dif.pdbx_seq_db_seq_num 
_struct_ref_seq_dif.details 
_struct_ref_seq_dif.pdbx_auth_seq_num 
_struct_ref_seq_dif.pdbx_ordinal 
1 7H3H GLN A 1 ? UNP Q65900 ? ? 'expression tag' 1 1 
1 7H3H GLU A 2 ? UNP Q65900 ? ? 'expression tag' 2 2 
1 7H3H GLN A 3 ? UNP Q65900 ? ? 'expression tag' 3 3 
1 7H3H THR A 4 ? UNP Q65900 ? ? 'expression tag' 4 4 
1 7H3H GLY A 5 ? UNP Q65900 ? ? 'expression tag' 5 5 
1 7H3H GLY A 6 ? UNP Q65900 ? ? 'expression tag' 6 6 
# 
_pdbx_struct_assembly.id                   1 
_pdbx_struct_assembly.details              author_and_software_defined_assembly 
_pdbx_struct_assembly.method_details       PISA 
_pdbx_struct_assembly.oligomeric_details   monomeric 
_pdbx_struct_assembly.oligomeric_count     1 
# 
loop_
_pdbx_struct_assembly_prop.biol_id 
_pdbx_struct_assembly_prop.type 
_pdbx_struct_assembly_prop.value 
_pdbx_struct_assembly_prop.details 
1 'ABSA (A^2)' 360  ? 
1 MORE         -8   ? 
1 'SSA (A^2)'  7460 ? 
# 
_pdbx_struct_assembly_gen.assembly_id       1 
_pdbx_struct_assembly_gen.oper_expression   1 
_pdbx_struct_assembly_gen.asym_id_list      A,B,C,D,E,F,G,H 
# 
_pdbx_struct_oper_list.id                   1 
_pdbx_struct_oper_list.type                 'identity operation' 
_pdbx_struct_oper_list.name                 1_555 
_pdbx_struct_oper_list.symmetry_operation   x,y,z 
_pdbx_struct_oper_list.matrix[1][1]         1.0000000000 
_pdbx_struct_oper_list.matrix[1][2]         0.0000000000 
_pdbx_struct_oper_list.matrix[1][3]         0.0000000000 
_pdbx_struct_oper_list.vector[1]            0.0000000000 
_pdbx_struct_oper_list.matrix[2][1]         0.0000000000 
_pdbx_struct_oper_list.matrix[2][2]         1.0000000000 
_pdbx_struct_oper_list.matrix[2][3]         0.0000000000 
_pdbx_struct_oper_list.vector[2]            0.0000000000 
_pdbx_struct_oper_list.matrix[3][1]         0.0000000000 
_pdbx_struct_oper_list.matrix[3][2]         0.0000000000 
_pdbx_struct_oper_list.matrix[3][3]         1.0000000000 
_pdbx_struct_oper_list.vector[3]            0.0000000000 
# 
loop_
_struct_conf.conf_type_id 
_struct_conf.id 
_struct_conf.pdbx_PDB_helix_id 
_struct_conf.beg_label_comp_id 
_struct_conf.beg_label_asym_id 
_struct_conf.beg_label_seq_id 
_struct_conf.pdbx_beg_PDB_ins_code 
_struct_conf.end_label_comp_id 
_struct_conf.end_label_asym_id 
_struct_conf.end_label_seq_id 
_struct_conf.pdbx_end_PDB_ins_code 
_struct_conf.beg_auth_comp_id 
_struct_conf.beg_auth_asym_id 
_struct_conf.beg_auth_seq_id 
_struct_conf.end_auth_comp_id 
_struct_conf.end_auth_asym_id 
_struct_conf.end_auth_seq_id 
_struct_conf.pdbx_PDB_helix_class 
_struct_conf.details 
_struct_conf.pdbx_PDB_helix_length 
HELX_P HELX_P1 AA1 HIS A 21  ? ALA A 23  ? HIS A 21  ALA A 23  5 ? 3 
HELX_P HELX_P2 AA2 THR A 24  ? ASN A 30  ? THR A 24  ASN A 30  1 ? 7 
HELX_P HELX_P3 AA3 SER A 36  ? ARG A 38  ? SER A 36  ARG A 38  5 ? 3 
HELX_P HELX_P4 AA4 SER A 66  ? ARG A 69  ? SER A 66  ARG A 69  5 ? 4 
HELX_P HELX_P5 AA5 GLU A 106 ? CYS A 110 ? GLU A 106 CYS A 110 5 ? 5 
HELX_P HELX_P6 AA6 LEU A 140 ? GLU A 145 ? LEU A 140 GLU A 145 5 ? 6 
# 
_struct_conf_type.id          HELX_P 
_struct_conf_type.criteria    ? 
_struct_conf_type.reference   ? 
# 
loop_
_struct_conn.id 
_struct_conn.conn_type_id 
_struct_conn.pdbx_leaving_atom_flag 
_struct_conn.pdbx_PDB_id 
_struct_conn.ptnr1_label_asym_id 
_struct_conn.ptnr1_label_comp_id 
_struct_conn.ptnr1_label_seq_id 
_struct_conn.ptnr1_label_atom_id 
_struct_conn.pdbx_ptnr1_label_alt_id 
_struct_conn.pdbx_ptnr1_PDB_ins_code 
_struct_conn.pdbx_ptnr1_standard_comp_id 
_struct_conn.ptnr1_symmetry 
_struct_conn.ptnr2_label_asym_id 
_struct_conn.ptnr2_label_comp_id 
_struct_conn.ptnr2_label_seq_id 
_struct_conn.ptnr2_label_atom_id 
_struct_conn.pdbx_ptnr2_label_alt_id 
_struct_conn.pdbx_ptnr2_PDB_ins_code 
_struct_conn.ptnr1_auth_asym_id 
_struct_conn.ptnr1_auth_comp_id 
_struct_conn.ptnr1_auth_seq_id 
_struct_conn.ptnr2_auth_asym_id 
_struct_conn.ptnr2_auth_comp_id 
_struct_conn.ptnr2_auth_seq_id 
_struct_conn.ptnr2_symmetry 
_struct_conn.pdbx_ptnr3_label_atom_id 
_struct_conn.pdbx_ptnr3_label_seq_id 
_struct_conn.pdbx_ptnr3_label_comp_id 
_struct_conn.pdbx_ptnr3_label_asym_id 
_struct_conn.pdbx_ptnr3_label_alt_id 
_struct_conn.pdbx_ptnr3_PDB_ins_code 
_struct_conn.details 
_struct_conn.pdbx_dist_value 
_struct_conn.pdbx_value_order 
_struct_conn.pdbx_role 
metalc1 metalc ? ? A CYS 56  SG  ? ? ? 1_555 D ZN . ZN ? ? A CYS 56  A ZN 203 1_555 ? ? ? ? ? ? ? 2.346 ? ? 
metalc2 metalc ? ? A CYS 58  SG  ? ? ? 1_555 D ZN . ZN ? ? A CYS 58  A ZN 203 1_555 ? ? ? ? ? ? ? 2.261 ? ? 
metalc3 metalc ? ? A CYS 116 SG  ? ? ? 1_555 D ZN . ZN ? ? A CYS 116 A ZN 203 1_555 ? ? ? ? ? ? ? 2.248 ? ? 
metalc4 metalc ? ? A HIS 118 ND1 ? ? ? 1_555 D ZN . ZN ? ? A HIS 118 A ZN 203 1_555 ? ? ? ? ? ? ? 2.241 ? ? 
# 
_struct_conn_type.id          metalc 
_struct_conn_type.criteria    ? 
_struct_conn_type.reference   ? 
# 
loop_
_pdbx_struct_conn_angle.id 
_pdbx_struct_conn_angle.ptnr1_label_atom_id 
_pdbx_struct_conn_angle.ptnr1_label_alt_id 
_pdbx_struct_conn_angle.ptnr1_label_asym_id 
_pdbx_struct_conn_angle.ptnr1_label_comp_id 
_pdbx_struct_conn_angle.ptnr1_label_seq_id 
_pdbx_struct_conn_angle.ptnr1_auth_atom_id 
_pdbx_struct_conn_angle.ptnr1_auth_asym_id 
_pdbx_struct_conn_angle.ptnr1_auth_comp_id 
_pdbx_struct_conn_angle.ptnr1_auth_seq_id 
_pdbx_struct_conn_angle.ptnr1_PDB_ins_code 
_pdbx_struct_conn_angle.ptnr1_symmetry 
_pdbx_struct_conn_angle.ptnr2_label_atom_id 
_pdbx_struct_conn_angle.ptnr2_label_alt_id 
_pdbx_struct_conn_angle.ptnr2_label_asym_id 
_pdbx_struct_conn_angle.ptnr2_label_comp_id 
_pdbx_struct_conn_angle.ptnr2_label_seq_id 
_pdbx_struct_conn_angle.ptnr2_auth_atom_id 
_pdbx_struct_conn_angle.ptnr2_auth_asym_id 
_pdbx_struct_conn_angle.ptnr2_auth_comp_id 
_pdbx_struct_conn_angle.ptnr2_auth_seq_id 
_pdbx_struct_conn_angle.ptnr2_PDB_ins_code 
_pdbx_struct_conn_angle.ptnr2_symmetry 
_pdbx_struct_conn_angle.ptnr3_label_atom_id 
_pdbx_struct_conn_angle.ptnr3_label_alt_id 
_pdbx_struct_conn_angle.ptnr3_label_asym_id 
_pdbx_struct_conn_angle.ptnr3_label_comp_id 
_pdbx_struct_conn_angle.ptnr3_label_seq_id 
_pdbx_struct_conn_angle.ptnr3_auth_atom_id 
_pdbx_struct_conn_angle.ptnr3_auth_asym_id 
_pdbx_struct_conn_angle.ptnr3_auth_comp_id 
_pdbx_struct_conn_angle.ptnr3_auth_seq_id 
_pdbx_struct_conn_angle.ptnr3_PDB_ins_code 
_pdbx_struct_conn_angle.ptnr3_symmetry 
_pdbx_struct_conn_angle.value 
_pdbx_struct_conn_angle.value_esd 
1 SG ? A CYS 56  ? A CYS 56  ? 1_555 ZN ? D ZN . ? A ZN 203 ? 1_555 SG  ? A CYS 58  ? A CYS 58  ? 1_555 105.7 ? 
2 SG ? A CYS 56  ? A CYS 56  ? 1_555 ZN ? D ZN . ? A ZN 203 ? 1_555 SG  ? A CYS 116 ? A CYS 116 ? 1_555 108.7 ? 
3 SG ? A CYS 58  ? A CYS 58  ? 1_555 ZN ? D ZN . ? A ZN 203 ? 1_555 SG  ? A CYS 116 ? A CYS 116 ? 1_555 126.7 ? 
4 SG ? A CYS 56  ? A CYS 56  ? 1_555 ZN ? D ZN . ? A ZN 203 ? 1_555 ND1 ? A HIS 118 ? A HIS 118 ? 1_555 106.1 ? 
5 SG ? A CYS 58  ? A CYS 58  ? 1_555 ZN ? D ZN . ? A ZN 203 ? 1_555 ND1 ? A HIS 118 ? A HIS 118 ? 1_555 93.5  ? 
6 SG ? A CYS 116 ? A CYS 116 ? 1_555 ZN ? D ZN . ? A ZN 203 ? 1_555 ND1 ? A HIS 118 ? A HIS 118 ? 1_555 114.0 ? 
# 
loop_
_struct_sheet.id 
_struct_sheet.type 
_struct_sheet.number_strands 
_struct_sheet.details 
AA1 ? 4 ? 
AA2 ? 7 ? 
# 
loop_
_struct_sheet_order.sheet_id 
_struct_sheet_order.range_id_1 
_struct_sheet_order.range_id_2 
_struct_sheet_order.offset 
_struct_sheet_order.sense 
AA1 1 2 ? anti-parallel 
AA1 2 3 ? anti-parallel 
AA1 3 4 ? anti-parallel 
AA2 1 2 ? anti-parallel 
AA2 2 3 ? anti-parallel 
AA2 3 4 ? anti-parallel 
AA2 4 5 ? anti-parallel 
AA2 5 6 ? anti-parallel 
AA2 6 7 ? anti-parallel 
# 
loop_
_struct_sheet_range.sheet_id 
_struct_sheet_range.id 
_struct_sheet_range.beg_label_comp_id 
_struct_sheet_range.beg_label_asym_id 
_struct_sheet_range.beg_label_seq_id 
_struct_sheet_range.pdbx_beg_PDB_ins_code 
_struct_sheet_range.end_label_comp_id 
_struct_sheet_range.end_label_asym_id 
_struct_sheet_range.end_label_seq_id 
_struct_sheet_range.pdbx_end_PDB_ins_code 
_struct_sheet_range.beg_auth_comp_id 
_struct_sheet_range.beg_auth_asym_id 
_struct_sheet_range.beg_auth_seq_id 
_struct_sheet_range.end_auth_comp_id 
_struct_sheet_range.end_auth_asym_id 
_struct_sheet_range.end_auth_seq_id 
AA1 1 ILE A 10  ? VAL A 12  ? ILE A 10  VAL A 12  
AA1 2 TYR A 15  ? ASN A 19  ? TYR A 15  ASN A 19  
AA1 3 LEU A 40  ? SER A 44  ? LEU A 40  SER A 44  
AA1 4 LEU A 31  ? ASP A 35  ? LEU A 31  ASP A 35  
AA2 1 LYS A 70  ? SER A 75  ? LYS A 70  SER A 75  
AA2 2 THR A 60  ? CYS A 65  ? THR A 60  CYS A 65  
AA2 3 ILE A 113 ? CYS A 116 ? ILE A 113 CYS A 116 
AA2 4 GLY A 119 ? GLY A 128 ? GLY A 119 GLY A 128 
AA2 5 LEU A 131 ? ASP A 136 ? LEU A 131 ASP A 136 
AA2 6 ARG A 93  ? VAL A 102 ? ARG A 93  VAL A 102 
AA2 7 SER A 80  ? VAL A 84  ? SER A 80  VAL A 84  
# 
loop_
_pdbx_struct_sheet_hbond.sheet_id 
_pdbx_struct_sheet_hbond.range_id_1 
_pdbx_struct_sheet_hbond.range_id_2 
_pdbx_struct_sheet_hbond.range_1_label_atom_id 
_pdbx_struct_sheet_hbond.range_1_label_comp_id 
_pdbx_struct_sheet_hbond.range_1_label_asym_id 
_pdbx_struct_sheet_hbond.range_1_label_seq_id 
_pdbx_struct_sheet_hbond.range_1_PDB_ins_code 
_pdbx_struct_sheet_hbond.range_1_auth_atom_id 
_pdbx_struct_sheet_hbond.range_1_auth_comp_id 
_pdbx_struct_sheet_hbond.range_1_auth_asym_id 
_pdbx_struct_sheet_hbond.range_1_auth_seq_id 
_pdbx_struct_sheet_hbond.range_2_label_atom_id 
_pdbx_struct_sheet_hbond.range_2_label_comp_id 
_pdbx_struct_sheet_hbond.range_2_label_asym_id 
_pdbx_struct_sheet_hbond.range_2_label_seq_id 
_pdbx_struct_sheet_hbond.range_2_PDB_ins_code 
_pdbx_struct_sheet_hbond.range_2_auth_atom_id 
_pdbx_struct_sheet_hbond.range_2_auth_comp_id 
_pdbx_struct_sheet_hbond.range_2_auth_asym_id 
_pdbx_struct_sheet_hbond.range_2_auth_seq_id 
AA1 1 2 N ILE A 10  ? N ILE A 10  O VAL A 17  ? O VAL A 17  
AA1 2 3 N VAL A 18  ? N VAL A 18  O LEU A 41  ? O LEU A 41  
AA1 3 4 O VAL A 42  ? O VAL A 42  N TRP A 33  ? N TRP A 33  
AA2 1 2 O LYS A 70  ? O LYS A 70  N CYS A 65  ? N CYS A 65  
AA2 2 3 N VAL A 62  ? N VAL A 62  O ARG A 115 ? O ARG A 115 
AA2 3 4 N LEU A 114 ? N LEU A 114 O VAL A 121 ? O VAL A 121 
AA2 4 5 N SER A 125 ? N SER A 125 O GLY A 133 ? O GLY A 133 
AA2 5 6 O PHE A 134 ? O PHE A 134 N MET A 99  ? N MET A 99  
AA2 6 7 O GLN A 95  ? O GLN A 95  N ILE A 82  ? N ILE A 82  
# 
_pdbx_entry_details.entry_id                   7H3H 
_pdbx_entry_details.compound_details           ? 
_pdbx_entry_details.source_details             ? 
_pdbx_entry_details.nonpolymer_details         ? 
_pdbx_entry_details.sequence_details           ? 
_pdbx_entry_details.has_ligand_of_interest     ? 
_pdbx_entry_details.has_protein_modification   N 
# 
loop_
_pdbx_validate_close_contact.id 
_pdbx_validate_close_contact.PDB_model_num 
_pdbx_validate_close_contact.auth_atom_id_1 
_pdbx_validate_close_contact.auth_asym_id_1 
_pdbx_validate_close_contact.auth_comp_id_1 
_pdbx_validate_close_contact.auth_seq_id_1 
_pdbx_validate_close_contact.PDB_ins_code_1 
_pdbx_validate_close_contact.label_alt_id_1 
_pdbx_validate_close_contact.auth_atom_id_2 
_pdbx_validate_close_contact.auth_asym_id_2 
_pdbx_validate_close_contact.auth_comp_id_2 
_pdbx_validate_close_contact.auth_seq_id_2 
_pdbx_validate_close_contact.PDB_ins_code_2 
_pdbx_validate_close_contact.label_alt_id_2 
_pdbx_validate_close_contact.dist 
1 1 O   A HOH 305 ? ? O A HOH 312 ? ? 1.59 
2 1 OE1 A GLN 95  ? ? O A HOH 301 ? ? 1.95 
3 1 ND1 A HIS 104 ? ? O A HOH 302 ? ? 2.07 
4 1 O   A LEU 31  ? ? O A HOH 303 ? ? 2.13 
5 1 O   A HOH 305 ? ? O A HOH 426 ? ? 2.17 
# 
loop_
_pdbx_validate_torsion.id 
_pdbx_validate_torsion.PDB_model_num 
_pdbx_validate_torsion.auth_comp_id 
_pdbx_validate_torsion.auth_asym_id 
_pdbx_validate_torsion.auth_seq_id 
_pdbx_validate_torsion.PDB_ins_code 
_pdbx_validate_torsion.label_alt_id 
_pdbx_validate_torsion.phi 
_pdbx_validate_torsion.psi 
1 1 ASN A 14 ? ? -106.77 40.82 
2 1 ARG A 69 ? ? 25.51   52.30 
# 
_pdbx_distant_solvent_atoms.id                                1 
_pdbx_distant_solvent_atoms.PDB_model_num                     1 
_pdbx_distant_solvent_atoms.auth_atom_id                      O 
_pdbx_distant_solvent_atoms.label_alt_id                      ? 
_pdbx_distant_solvent_atoms.auth_asym_id                      A 
_pdbx_distant_solvent_atoms.auth_comp_id                      HOH 
_pdbx_distant_solvent_atoms.auth_seq_id                       483 
_pdbx_distant_solvent_atoms.PDB_ins_code                      ? 
_pdbx_distant_solvent_atoms.neighbor_macromolecule_distance   8.53 
_pdbx_distant_solvent_atoms.neighbor_ligand_distance          . 
# 
loop_
_pdbx_unobs_or_zero_occ_residues.id 
_pdbx_unobs_or_zero_occ_residues.PDB_model_num 
_pdbx_unobs_or_zero_occ_residues.polymer_flag 
_pdbx_unobs_or_zero_occ_residues.occupancy_flag 
_pdbx_unobs_or_zero_occ_residues.auth_asym_id 
_pdbx_unobs_or_zero_occ_residues.auth_comp_id 
_pdbx_unobs_or_zero_occ_residues.auth_seq_id 
_pdbx_unobs_or_zero_occ_residues.PDB_ins_code 
_pdbx_unobs_or_zero_occ_residues.label_asym_id 
_pdbx_unobs_or_zero_occ_residues.label_comp_id 
_pdbx_unobs_or_zero_occ_residues.label_seq_id 
1  1 Y 1 A GLN 1   ? A GLN 1   
2  1 Y 1 A GLU 2   ? A GLU 2   
3  1 Y 1 A GLN 3   ? A GLN 3   
4  1 Y 1 A THR 4   ? A THR 4   
5  1 Y 1 A GLY 5   ? A GLY 5   
6  1 Y 1 A GLY 6   ? A GLY 6   
7  1 Y 1 A ALA 147 ? A ALA 147 
8  1 Y 1 A MET 148 ? A MET 148 
9  1 Y 1 A GLU 149 ? A GLU 149 
10 1 Y 1 A GLN 150 ? A GLN 150 
# 
loop_
_chem_comp_atom.comp_id 
_chem_comp_atom.atom_id 
_chem_comp_atom.type_symbol 
_chem_comp_atom.pdbx_aromatic_flag 
_chem_comp_atom.pdbx_stereo_config 
_chem_comp_atom.pdbx_ordinal 
ALA N    N  N N 1   
ALA CA   C  N S 2   
ALA C    C  N N 3   
ALA O    O  N N 4   
ALA CB   C  N N 5   
ALA OXT  O  N N 6   
ALA H    H  N N 7   
ALA H2   H  N N 8   
ALA HA   H  N N 9   
ALA HB1  H  N N 10  
ALA HB2  H  N N 11  
ALA HB3  H  N N 12  
ALA HXT  H  N N 13  
ARG N    N  N N 14  
ARG CA   C  N S 15  
ARG C    C  N N 16  
ARG O    O  N N 17  
ARG CB   C  N N 18  
ARG CG   C  N N 19  
ARG CD   C  N N 20  
ARG NE   N  N N 21  
ARG CZ   C  N N 22  
ARG NH1  N  N N 23  
ARG NH2  N  N N 24  
ARG OXT  O  N N 25  
ARG H    H  N N 26  
ARG H2   H  N N 27  
ARG HA   H  N N 28  
ARG HB2  H  N N 29  
ARG HB3  H  N N 30  
ARG HG2  H  N N 31  
ARG HG3  H  N N 32  
ARG HD2  H  N N 33  
ARG HD3  H  N N 34  
ARG HE   H  N N 35  
ARG HH11 H  N N 36  
ARG HH12 H  N N 37  
ARG HH21 H  N N 38  
ARG HH22 H  N N 39  
ARG HXT  H  N N 40  
ASN N    N  N N 41  
ASN CA   C  N S 42  
ASN C    C  N N 43  
ASN O    O  N N 44  
ASN CB   C  N N 45  
ASN CG   C  N N 46  
ASN OD1  O  N N 47  
ASN ND2  N  N N 48  
ASN OXT  O  N N 49  
ASN H    H  N N 50  
ASN H2   H  N N 51  
ASN HA   H  N N 52  
ASN HB2  H  N N 53  
ASN HB3  H  N N 54  
ASN HD21 H  N N 55  
ASN HD22 H  N N 56  
ASN HXT  H  N N 57  
ASP N    N  N N 58  
ASP CA   C  N S 59  
ASP C    C  N N 60  
ASP O    O  N N 61  
ASP CB   C  N N 62  
ASP CG   C  N N 63  
ASP OD1  O  N N 64  
ASP OD2  O  N N 65  
ASP OXT  O  N N 66  
ASP H    H  N N 67  
ASP H2   H  N N 68  
ASP HA   H  N N 69  
ASP HB2  H  N N 70  
ASP HB3  H  N N 71  
ASP HD2  H  N N 72  
ASP HXT  H  N N 73  
AYV N1   N  N N 74  
AYV C4   C  N N 75  
AYV C5   C  N N 76  
AYV C6   C  Y N 77  
AYV C7   C  Y N 78  
AYV C8   C  Y N 79  
AYV C10  C  Y N 80  
AYV C1   C  N N 81  
AYV C2   C  N N 82  
AYV C3   C  N N 83  
AYV O1   O  N N 84  
AYV O2   O  N N 85  
AYV O3   O  N N 86  
AYV N2   N  N N 87  
AYV C9   C  Y N 88  
AYV C11  C  Y N 89  
AYV H1   H  N N 90  
AYV H2   H  N N 91  
AYV H3   H  N N 92  
AYV H4   H  N N 93  
AYV H5   H  N N 94  
AYV H6   H  N N 95  
AYV H7   H  N N 96  
AYV H8   H  N N 97  
AYV H9   H  N N 98  
AYV H10  H  N N 99  
AYV H11  H  N N 100 
AYV H12  H  N N 101 
AYV H13  H  N N 102 
AYV H14  H  N N 103 
AYV H15  H  N N 104 
AYV H16  H  N N 105 
CYS N    N  N N 106 
CYS CA   C  N R 107 
CYS C    C  N N 108 
CYS O    O  N N 109 
CYS CB   C  N N 110 
CYS SG   S  N N 111 
CYS OXT  O  N N 112 
CYS H    H  N N 113 
CYS H2   H  N N 114 
CYS HA   H  N N 115 
CYS HB2  H  N N 116 
CYS HB3  H  N N 117 
CYS HG   H  N N 118 
CYS HXT  H  N N 119 
DMS S    S  N N 120 
DMS O    O  N N 121 
DMS C1   C  N N 122 
DMS C2   C  N N 123 
DMS H11  H  N N 124 
DMS H12  H  N N 125 
DMS H13  H  N N 126 
DMS H21  H  N N 127 
DMS H22  H  N N 128 
DMS H23  H  N N 129 
GLN N    N  N N 130 
GLN CA   C  N S 131 
GLN C    C  N N 132 
GLN O    O  N N 133 
GLN CB   C  N N 134 
GLN CG   C  N N 135 
GLN CD   C  N N 136 
GLN OE1  O  N N 137 
GLN NE2  N  N N 138 
GLN OXT  O  N N 139 
GLN H    H  N N 140 
GLN H2   H  N N 141 
GLN HA   H  N N 142 
GLN HB2  H  N N 143 
GLN HB3  H  N N 144 
GLN HG2  H  N N 145 
GLN HG3  H  N N 146 
GLN HE21 H  N N 147 
GLN HE22 H  N N 148 
GLN HXT  H  N N 149 
GLU N    N  N N 150 
GLU CA   C  N S 151 
GLU C    C  N N 152 
GLU O    O  N N 153 
GLU CB   C  N N 154 
GLU CG   C  N N 155 
GLU CD   C  N N 156 
GLU OE1  O  N N 157 
GLU OE2  O  N N 158 
GLU OXT  O  N N 159 
GLU H    H  N N 160 
GLU H2   H  N N 161 
GLU HA   H  N N 162 
GLU HB2  H  N N 163 
GLU HB3  H  N N 164 
GLU HG2  H  N N 165 
GLU HG3  H  N N 166 
GLU HE2  H  N N 167 
GLU HXT  H  N N 168 
GLY N    N  N N 169 
GLY CA   C  N N 170 
GLY C    C  N N 171 
GLY O    O  N N 172 
GLY OXT  O  N N 173 
GLY H    H  N N 174 
GLY H2   H  N N 175 
GLY HA2  H  N N 176 
GLY HA3  H  N N 177 
GLY HXT  H  N N 178 
HIS N    N  N N 179 
HIS CA   C  N S 180 
HIS C    C  N N 181 
HIS O    O  N N 182 
HIS CB   C  N N 183 
HIS CG   C  Y N 184 
HIS ND1  N  Y N 185 
HIS CD2  C  Y N 186 
HIS CE1  C  Y N 187 
HIS NE2  N  Y N 188 
HIS OXT  O  N N 189 
HIS H    H  N N 190 
HIS H2   H  N N 191 
HIS HA   H  N N 192 
HIS HB2  H  N N 193 
HIS HB3  H  N N 194 
HIS HD1  H  N N 195 
HIS HD2  H  N N 196 
HIS HE1  H  N N 197 
HIS HE2  H  N N 198 
HIS HXT  H  N N 199 
HOH O    O  N N 200 
HOH H1   H  N N 201 
HOH H2   H  N N 202 
ILE N    N  N N 203 
ILE CA   C  N S 204 
ILE C    C  N N 205 
ILE O    O  N N 206 
ILE CB   C  N S 207 
ILE CG1  C  N N 208 
ILE CG2  C  N N 209 
ILE CD1  C  N N 210 
ILE OXT  O  N N 211 
ILE H    H  N N 212 
ILE H2   H  N N 213 
ILE HA   H  N N 214 
ILE HB   H  N N 215 
ILE HG12 H  N N 216 
ILE HG13 H  N N 217 
ILE HG21 H  N N 218 
ILE HG22 H  N N 219 
ILE HG23 H  N N 220 
ILE HD11 H  N N 221 
ILE HD12 H  N N 222 
ILE HD13 H  N N 223 
ILE HXT  H  N N 224 
LEU N    N  N N 225 
LEU CA   C  N S 226 
LEU C    C  N N 227 
LEU O    O  N N 228 
LEU CB   C  N N 229 
LEU CG   C  N N 230 
LEU CD1  C  N N 231 
LEU CD2  C  N N 232 
LEU OXT  O  N N 233 
LEU H    H  N N 234 
LEU H2   H  N N 235 
LEU HA   H  N N 236 
LEU HB2  H  N N 237 
LEU HB3  H  N N 238 
LEU HG   H  N N 239 
LEU HD11 H  N N 240 
LEU HD12 H  N N 241 
LEU HD13 H  N N 242 
LEU HD21 H  N N 243 
LEU HD22 H  N N 244 
LEU HD23 H  N N 245 
LEU HXT  H  N N 246 
LYS N    N  N N 247 
LYS CA   C  N S 248 
LYS C    C  N N 249 
LYS O    O  N N 250 
LYS CB   C  N N 251 
LYS CG   C  N N 252 
LYS CD   C  N N 253 
LYS CE   C  N N 254 
LYS NZ   N  N N 255 
LYS OXT  O  N N 256 
LYS H    H  N N 257 
LYS H2   H  N N 258 
LYS HA   H  N N 259 
LYS HB2  H  N N 260 
LYS HB3  H  N N 261 
LYS HG2  H  N N 262 
LYS HG3  H  N N 263 
LYS HD2  H  N N 264 
LYS HD3  H  N N 265 
LYS HE2  H  N N 266 
LYS HE3  H  N N 267 
LYS HZ1  H  N N 268 
LYS HZ2  H  N N 269 
LYS HZ3  H  N N 270 
LYS HXT  H  N N 271 
MET N    N  N N 272 
MET CA   C  N S 273 
MET C    C  N N 274 
MET O    O  N N 275 
MET CB   C  N N 276 
MET CG   C  N N 277 
MET SD   S  N N 278 
MET CE   C  N N 279 
MET OXT  O  N N 280 
MET H    H  N N 281 
MET H2   H  N N 282 
MET HA   H  N N 283 
MET HB2  H  N N 284 
MET HB3  H  N N 285 
MET HG2  H  N N 286 
MET HG3  H  N N 287 
MET HE1  H  N N 288 
MET HE2  H  N N 289 
MET HE3  H  N N 290 
MET HXT  H  N N 291 
PHE N    N  N N 292 
PHE CA   C  N S 293 
PHE C    C  N N 294 
PHE O    O  N N 295 
PHE CB   C  N N 296 
PHE CG   C  Y N 297 
PHE CD1  C  Y N 298 
PHE CD2  C  Y N 299 
PHE CE1  C  Y N 300 
PHE CE2  C  Y N 301 
PHE CZ   C  Y N 302 
PHE OXT  O  N N 303 
PHE H    H  N N 304 
PHE H2   H  N N 305 
PHE HA   H  N N 306 
PHE HB2  H  N N 307 
PHE HB3  H  N N 308 
PHE HD1  H  N N 309 
PHE HD2  H  N N 310 
PHE HE1  H  N N 311 
PHE HE2  H  N N 312 
PHE HZ   H  N N 313 
PHE HXT  H  N N 314 
PRO N    N  N N 315 
PRO CA   C  N S 316 
PRO C    C  N N 317 
PRO O    O  N N 318 
PRO CB   C  N N 319 
PRO CG   C  N N 320 
PRO CD   C  N N 321 
PRO OXT  O  N N 322 
PRO H    H  N N 323 
PRO HA   H  N N 324 
PRO HB2  H  N N 325 
PRO HB3  H  N N 326 
PRO HG2  H  N N 327 
PRO HG3  H  N N 328 
PRO HD2  H  N N 329 
PRO HD3  H  N N 330 
PRO HXT  H  N N 331 
SER N    N  N N 332 
SER CA   C  N S 333 
SER C    C  N N 334 
SER O    O  N N 335 
SER CB   C  N N 336 
SER OG   O  N N 337 
SER OXT  O  N N 338 
SER H    H  N N 339 
SER H2   H  N N 340 
SER HA   H  N N 341 
SER HB2  H  N N 342 
SER HB3  H  N N 343 
SER HG   H  N N 344 
SER HXT  H  N N 345 
SO4 S    S  N N 346 
SO4 O1   O  N N 347 
SO4 O2   O  N N 348 
SO4 O3   O  N N 349 
SO4 O4   O  N N 350 
THR N    N  N N 351 
THR CA   C  N S 352 
THR C    C  N N 353 
THR O    O  N N 354 
THR CB   C  N R 355 
THR OG1  O  N N 356 
THR CG2  C  N N 357 
THR OXT  O  N N 358 
THR H    H  N N 359 
THR H2   H  N N 360 
THR HA   H  N N 361 
THR HB   H  N N 362 
THR HG1  H  N N 363 
THR HG21 H  N N 364 
THR HG22 H  N N 365 
THR HG23 H  N N 366 
THR HXT  H  N N 367 
TRP N    N  N N 368 
TRP CA   C  N S 369 
TRP C    C  N N 370 
TRP O    O  N N 371 
TRP CB   C  N N 372 
TRP CG   C  Y N 373 
TRP CD1  C  Y N 374 
TRP CD2  C  Y N 375 
TRP NE1  N  Y N 376 
TRP CE2  C  Y N 377 
TRP CE3  C  Y N 378 
TRP CZ2  C  Y N 379 
TRP CZ3  C  Y N 380 
TRP CH2  C  Y N 381 
TRP OXT  O  N N 382 
TRP H    H  N N 383 
TRP H2   H  N N 384 
TRP HA   H  N N 385 
TRP HB2  H  N N 386 
TRP HB3  H  N N 387 
TRP HD1  H  N N 388 
TRP HE1  H  N N 389 
TRP HE3  H  N N 390 
TRP HZ2  H  N N 391 
TRP HZ3  H  N N 392 
TRP HH2  H  N N 393 
TRP HXT  H  N N 394 
TYR N    N  N N 395 
TYR CA   C  N S 396 
TYR C    C  N N 397 
TYR O    O  N N 398 
TYR CB   C  N N 399 
TYR CG   C  Y N 400 
TYR CD1  C  Y N 401 
TYR CD2  C  Y N 402 
TYR CE1  C  Y N 403 
TYR CE2  C  Y N 404 
TYR CZ   C  Y N 405 
TYR OH   O  N N 406 
TYR OXT  O  N N 407 
TYR H    H  N N 408 
TYR H2   H  N N 409 
TYR HA   H  N N 410 
TYR HB2  H  N N 411 
TYR HB3  H  N N 412 
TYR HD1  H  N N 413 
TYR HD2  H  N N 414 
TYR HE1  H  N N 415 
TYR HE2  H  N N 416 
TYR HH   H  N N 417 
TYR HXT  H  N N 418 
VAL N    N  N N 419 
VAL CA   C  N S 420 
VAL C    C  N N 421 
VAL O    O  N N 422 
VAL CB   C  N N 423 
VAL CG1  C  N N 424 
VAL CG2  C  N N 425 
VAL OXT  O  N N 426 
VAL H    H  N N 427 
VAL H2   H  N N 428 
VAL HA   H  N N 429 
VAL HB   H  N N 430 
VAL HG11 H  N N 431 
VAL HG12 H  N N 432 
VAL HG13 H  N N 433 
VAL HG21 H  N N 434 
VAL HG22 H  N N 435 
VAL HG23 H  N N 436 
VAL HXT  H  N N 437 
ZN  ZN   ZN N N 438 
# 
loop_
_chem_comp_bond.comp_id 
_chem_comp_bond.atom_id_1 
_chem_comp_bond.atom_id_2 
_chem_comp_bond.value_order 
_chem_comp_bond.pdbx_aromatic_flag 
_chem_comp_bond.pdbx_stereo_config 
_chem_comp_bond.pdbx_ordinal 
ALA N   CA   sing N N 1   
ALA N   H    sing N N 2   
ALA N   H2   sing N N 3   
ALA CA  C    sing N N 4   
ALA CA  CB   sing N N 5   
ALA CA  HA   sing N N 6   
ALA C   O    doub N N 7   
ALA C   OXT  sing N N 8   
ALA CB  HB1  sing N N 9   
ALA CB  HB2  sing N N 10  
ALA CB  HB3  sing N N 11  
ALA OXT HXT  sing N N 12  
ARG N   CA   sing N N 13  
ARG N   H    sing N N 14  
ARG N   H2   sing N N 15  
ARG CA  C    sing N N 16  
ARG CA  CB   sing N N 17  
ARG CA  HA   sing N N 18  
ARG C   O    doub N N 19  
ARG C   OXT  sing N N 20  
ARG CB  CG   sing N N 21  
ARG CB  HB2  sing N N 22  
ARG CB  HB3  sing N N 23  
ARG CG  CD   sing N N 24  
ARG CG  HG2  sing N N 25  
ARG CG  HG3  sing N N 26  
ARG CD  NE   sing N N 27  
ARG CD  HD2  sing N N 28  
ARG CD  HD3  sing N N 29  
ARG NE  CZ   sing N N 30  
ARG NE  HE   sing N N 31  
ARG CZ  NH1  sing N N 32  
ARG CZ  NH2  doub N N 33  
ARG NH1 HH11 sing N N 34  
ARG NH1 HH12 sing N N 35  
ARG NH2 HH21 sing N N 36  
ARG NH2 HH22 sing N N 37  
ARG OXT HXT  sing N N 38  
ASN N   CA   sing N N 39  
ASN N   H    sing N N 40  
ASN N   H2   sing N N 41  
ASN CA  C    sing N N 42  
ASN CA  CB   sing N N 43  
ASN CA  HA   sing N N 44  
ASN C   O    doub N N 45  
ASN C   OXT  sing N N 46  
ASN CB  CG   sing N N 47  
ASN CB  HB2  sing N N 48  
ASN CB  HB3  sing N N 49  
ASN CG  OD1  doub N N 50  
ASN CG  ND2  sing N N 51  
ASN ND2 HD21 sing N N 52  
ASN ND2 HD22 sing N N 53  
ASN OXT HXT  sing N N 54  
ASP N   CA   sing N N 55  
ASP N   H    sing N N 56  
ASP N   H2   sing N N 57  
ASP CA  C    sing N N 58  
ASP CA  CB   sing N N 59  
ASP CA  HA   sing N N 60  
ASP C   O    doub N N 61  
ASP C   OXT  sing N N 62  
ASP CB  CG   sing N N 63  
ASP CB  HB2  sing N N 64  
ASP CB  HB3  sing N N 65  
ASP CG  OD1  doub N N 66  
ASP CG  OD2  sing N N 67  
ASP OD2 HD2  sing N N 68  
ASP OXT HXT  sing N N 69  
AYV C8  C9   doub Y N 70  
AYV C8  C7   sing Y N 71  
AYV C9  C10  sing Y N 72  
AYV C7  C6   doub Y N 73  
AYV C10 C11  doub Y N 74  
AYV C6  C11  sing Y N 75  
AYV C6  N2   sing N N 76  
AYV N2  C5   sing N N 77  
AYV O2  C4   sing N N 78  
AYV N1  C5   sing N N 79  
AYV N1  C2   sing N N 80  
AYV C5  O3   doub N N 81  
AYV O1  C3   sing N N 82  
AYV C4  C2   sing N N 83  
AYV C2  C3   sing N N 84  
AYV C2  C1   sing N N 85  
AYV N1  H1   sing N N 86  
AYV C4  H2   sing N N 87  
AYV C4  H3   sing N N 88  
AYV C7  H4   sing N N 89  
AYV C8  H5   sing N N 90  
AYV C10 H6   sing N N 91  
AYV C1  H7   sing N N 92  
AYV C1  H8   sing N N 93  
AYV C1  H9   sing N N 94  
AYV C3  H10  sing N N 95  
AYV C3  H11  sing N N 96  
AYV O1  H12  sing N N 97  
AYV O2  H13  sing N N 98  
AYV N2  H14  sing N N 99  
AYV C9  H15  sing N N 100 
AYV C11 H16  sing N N 101 
CYS N   CA   sing N N 102 
CYS N   H    sing N N 103 
CYS N   H2   sing N N 104 
CYS CA  C    sing N N 105 
CYS CA  CB   sing N N 106 
CYS CA  HA   sing N N 107 
CYS C   O    doub N N 108 
CYS C   OXT  sing N N 109 
CYS CB  SG   sing N N 110 
CYS CB  HB2  sing N N 111 
CYS CB  HB3  sing N N 112 
CYS SG  HG   sing N N 113 
CYS OXT HXT  sing N N 114 
DMS S   O    doub N N 115 
DMS S   C1   sing N N 116 
DMS S   C2   sing N N 117 
DMS C1  H11  sing N N 118 
DMS C1  H12  sing N N 119 
DMS C1  H13  sing N N 120 
DMS C2  H21  sing N N 121 
DMS C2  H22  sing N N 122 
DMS C2  H23  sing N N 123 
GLN N   CA   sing N N 124 
GLN N   H    sing N N 125 
GLN N   H2   sing N N 126 
GLN CA  C    sing N N 127 
GLN CA  CB   sing N N 128 
GLN CA  HA   sing N N 129 
GLN C   O    doub N N 130 
GLN C   OXT  sing N N 131 
GLN CB  CG   sing N N 132 
GLN CB  HB2  sing N N 133 
GLN CB  HB3  sing N N 134 
GLN CG  CD   sing N N 135 
GLN CG  HG2  sing N N 136 
GLN CG  HG3  sing N N 137 
GLN CD  OE1  doub N N 138 
GLN CD  NE2  sing N N 139 
GLN NE2 HE21 sing N N 140 
GLN NE2 HE22 sing N N 141 
GLN OXT HXT  sing N N 142 
GLU N   CA   sing N N 143 
GLU N   H    sing N N 144 
GLU N   H2   sing N N 145 
GLU CA  C    sing N N 146 
GLU CA  CB   sing N N 147 
GLU CA  HA   sing N N 148 
GLU C   O    doub N N 149 
GLU C   OXT  sing N N 150 
GLU CB  CG   sing N N 151 
GLU CB  HB2  sing N N 152 
GLU CB  HB3  sing N N 153 
GLU CG  CD   sing N N 154 
GLU CG  HG2  sing N N 155 
GLU CG  HG3  sing N N 156 
GLU CD  OE1  doub N N 157 
GLU CD  OE2  sing N N 158 
GLU OE2 HE2  sing N N 159 
GLU OXT HXT  sing N N 160 
GLY N   CA   sing N N 161 
GLY N   H    sing N N 162 
GLY N   H2   sing N N 163 
GLY CA  C    sing N N 164 
GLY CA  HA2  sing N N 165 
GLY CA  HA3  sing N N 166 
GLY C   O    doub N N 167 
GLY C   OXT  sing N N 168 
GLY OXT HXT  sing N N 169 
HIS N   CA   sing N N 170 
HIS N   H    sing N N 171 
HIS N   H2   sing N N 172 
HIS CA  C    sing N N 173 
HIS CA  CB   sing N N 174 
HIS CA  HA   sing N N 175 
HIS C   O    doub N N 176 
HIS C   OXT  sing N N 177 
HIS CB  CG   sing N N 178 
HIS CB  HB2  sing N N 179 
HIS CB  HB3  sing N N 180 
HIS CG  ND1  sing Y N 181 
HIS CG  CD2  doub Y N 182 
HIS ND1 CE1  doub Y N 183 
HIS ND1 HD1  sing N N 184 
HIS CD2 NE2  sing Y N 185 
HIS CD2 HD2  sing N N 186 
HIS CE1 NE2  sing Y N 187 
HIS CE1 HE1  sing N N 188 
HIS NE2 HE2  sing N N 189 
HIS OXT HXT  sing N N 190 
HOH O   H1   sing N N 191 
HOH O   H2   sing N N 192 
ILE N   CA   sing N N 193 
ILE N   H    sing N N 194 
ILE N   H2   sing N N 195 
ILE CA  C    sing N N 196 
ILE CA  CB   sing N N 197 
ILE CA  HA   sing N N 198 
ILE C   O    doub N N 199 
ILE C   OXT  sing N N 200 
ILE CB  CG1  sing N N 201 
ILE CB  CG2  sing N N 202 
ILE CB  HB   sing N N 203 
ILE CG1 CD1  sing N N 204 
ILE CG1 HG12 sing N N 205 
ILE CG1 HG13 sing N N 206 
ILE CG2 HG21 sing N N 207 
ILE CG2 HG22 sing N N 208 
ILE CG2 HG23 sing N N 209 
ILE CD1 HD11 sing N N 210 
ILE CD1 HD12 sing N N 211 
ILE CD1 HD13 sing N N 212 
ILE OXT HXT  sing N N 213 
LEU N   CA   sing N N 214 
LEU N   H    sing N N 215 
LEU N   H2   sing N N 216 
LEU CA  C    sing N N 217 
LEU CA  CB   sing N N 218 
LEU CA  HA   sing N N 219 
LEU C   O    doub N N 220 
LEU C   OXT  sing N N 221 
LEU CB  CG   sing N N 222 
LEU CB  HB2  sing N N 223 
LEU CB  HB3  sing N N 224 
LEU CG  CD1  sing N N 225 
LEU CG  CD2  sing N N 226 
LEU CG  HG   sing N N 227 
LEU CD1 HD11 sing N N 228 
LEU CD1 HD12 sing N N 229 
LEU CD1 HD13 sing N N 230 
LEU CD2 HD21 sing N N 231 
LEU CD2 HD22 sing N N 232 
LEU CD2 HD23 sing N N 233 
LEU OXT HXT  sing N N 234 
LYS N   CA   sing N N 235 
LYS N   H    sing N N 236 
LYS N   H2   sing N N 237 
LYS CA  C    sing N N 238 
LYS CA  CB   sing N N 239 
LYS CA  HA   sing N N 240 
LYS C   O    doub N N 241 
LYS C   OXT  sing N N 242 
LYS CB  CG   sing N N 243 
LYS CB  HB2  sing N N 244 
LYS CB  HB3  sing N N 245 
LYS CG  CD   sing N N 246 
LYS CG  HG2  sing N N 247 
LYS CG  HG3  sing N N 248 
LYS CD  CE   sing N N 249 
LYS CD  HD2  sing N N 250 
LYS CD  HD3  sing N N 251 
LYS CE  NZ   sing N N 252 
LYS CE  HE2  sing N N 253 
LYS CE  HE3  sing N N 254 
LYS NZ  HZ1  sing N N 255 
LYS NZ  HZ2  sing N N 256 
LYS NZ  HZ3  sing N N 257 
LYS OXT HXT  sing N N 258 
MET N   CA   sing N N 259 
MET N   H    sing N N 260 
MET N   H2   sing N N 261 
MET CA  C    sing N N 262 
MET CA  CB   sing N N 263 
MET CA  HA   sing N N 264 
MET C   O    doub N N 265 
MET C   OXT  sing N N 266 
MET CB  CG   sing N N 267 
MET CB  HB2  sing N N 268 
MET CB  HB3  sing N N 269 
MET CG  SD   sing N N 270 
MET CG  HG2  sing N N 271 
MET CG  HG3  sing N N 272 
MET SD  CE   sing N N 273 
MET CE  HE1  sing N N 274 
MET CE  HE2  sing N N 275 
MET CE  HE3  sing N N 276 
MET OXT HXT  sing N N 277 
PHE N   CA   sing N N 278 
PHE N   H    sing N N 279 
PHE N   H2   sing N N 280 
PHE CA  C    sing N N 281 
PHE CA  CB   sing N N 282 
PHE CA  HA   sing N N 283 
PHE C   O    doub N N 284 
PHE C   OXT  sing N N 285 
PHE CB  CG   sing N N 286 
PHE CB  HB2  sing N N 287 
PHE CB  HB3  sing N N 288 
PHE CG  CD1  doub Y N 289 
PHE CG  CD2  sing Y N 290 
PHE CD1 CE1  sing Y N 291 
PHE CD1 HD1  sing N N 292 
PHE CD2 CE2  doub Y N 293 
PHE CD2 HD2  sing N N 294 
PHE CE1 CZ   doub Y N 295 
PHE CE1 HE1  sing N N 296 
PHE CE2 CZ   sing Y N 297 
PHE CE2 HE2  sing N N 298 
PHE CZ  HZ   sing N N 299 
PHE OXT HXT  sing N N 300 
PRO N   CA   sing N N 301 
PRO N   CD   sing N N 302 
PRO N   H    sing N N 303 
PRO CA  C    sing N N 304 
PRO CA  CB   sing N N 305 
PRO CA  HA   sing N N 306 
PRO C   O    doub N N 307 
PRO C   OXT  sing N N 308 
PRO CB  CG   sing N N 309 
PRO CB  HB2  sing N N 310 
PRO CB  HB3  sing N N 311 
PRO CG  CD   sing N N 312 
PRO CG  HG2  sing N N 313 
PRO CG  HG3  sing N N 314 
PRO CD  HD2  sing N N 315 
PRO CD  HD3  sing N N 316 
PRO OXT HXT  sing N N 317 
SER N   CA   sing N N 318 
SER N   H    sing N N 319 
SER N   H2   sing N N 320 
SER CA  C    sing N N 321 
SER CA  CB   sing N N 322 
SER CA  HA   sing N N 323 
SER C   O    doub N N 324 
SER C   OXT  sing N N 325 
SER CB  OG   sing N N 326 
SER CB  HB2  sing N N 327 
SER CB  HB3  sing N N 328 
SER OG  HG   sing N N 329 
SER OXT HXT  sing N N 330 
SO4 S   O1   doub N N 331 
SO4 S   O2   doub N N 332 
SO4 S   O3   sing N N 333 
SO4 S   O4   sing N N 334 
THR N   CA   sing N N 335 
THR N   H    sing N N 336 
THR N   H2   sing N N 337 
THR CA  C    sing N N 338 
THR CA  CB   sing N N 339 
THR CA  HA   sing N N 340 
THR C   O    doub N N 341 
THR C   OXT  sing N N 342 
THR CB  OG1  sing N N 343 
THR CB  CG2  sing N N 344 
THR CB  HB   sing N N 345 
THR OG1 HG1  sing N N 346 
THR CG2 HG21 sing N N 347 
THR CG2 HG22 sing N N 348 
THR CG2 HG23 sing N N 349 
THR OXT HXT  sing N N 350 
TRP N   CA   sing N N 351 
TRP N   H    sing N N 352 
TRP N   H2   sing N N 353 
TRP CA  C    sing N N 354 
TRP CA  CB   sing N N 355 
TRP CA  HA   sing N N 356 
TRP C   O    doub N N 357 
TRP C   OXT  sing N N 358 
TRP CB  CG   sing N N 359 
TRP CB  HB2  sing N N 360 
TRP CB  HB3  sing N N 361 
TRP CG  CD1  doub Y N 362 
TRP CG  CD2  sing Y N 363 
TRP CD1 NE1  sing Y N 364 
TRP CD1 HD1  sing N N 365 
TRP CD2 CE2  doub Y N 366 
TRP CD2 CE3  sing Y N 367 
TRP NE1 CE2  sing Y N 368 
TRP NE1 HE1  sing N N 369 
TRP CE2 CZ2  sing Y N 370 
TRP CE3 CZ3  doub Y N 371 
TRP CE3 HE3  sing N N 372 
TRP CZ2 CH2  doub Y N 373 
TRP CZ2 HZ2  sing N N 374 
TRP CZ3 CH2  sing Y N 375 
TRP CZ3 HZ3  sing N N 376 
TRP CH2 HH2  sing N N 377 
TRP OXT HXT  sing N N 378 
TYR N   CA   sing N N 379 
TYR N   H    sing N N 380 
TYR N   H2   sing N N 381 
TYR CA  C    sing N N 382 
TYR CA  CB   sing N N 383 
TYR CA  HA   sing N N 384 
TYR C   O    doub N N 385 
TYR C   OXT  sing N N 386 
TYR CB  CG   sing N N 387 
TYR CB  HB2  sing N N 388 
TYR CB  HB3  sing N N 389 
TYR CG  CD1  doub Y N 390 
TYR CG  CD2  sing Y N 391 
TYR CD1 CE1  sing Y N 392 
TYR CD1 HD1  sing N N 393 
TYR CD2 CE2  doub Y N 394 
TYR CD2 HD2  sing N N 395 
TYR CE1 CZ   doub Y N 396 
TYR CE1 HE1  sing N N 397 
TYR CE2 CZ   sing Y N 398 
TYR CE2 HE2  sing N N 399 
TYR CZ  OH   sing N N 400 
TYR OH  HH   sing N N 401 
TYR OXT HXT  sing N N 402 
VAL N   CA   sing N N 403 
VAL N   H    sing N N 404 
VAL N   H2   sing N N 405 
VAL CA  C    sing N N 406 
VAL CA  CB   sing N N 407 
VAL CA  HA   sing N N 408 
VAL C   O    doub N N 409 
VAL C   OXT  sing N N 410 
VAL CB  CG1  sing N N 411 
VAL CB  CG2  sing N N 412 
VAL CB  HB   sing N N 413 
VAL CG1 HG11 sing N N 414 
VAL CG1 HG12 sing N N 415 
VAL CG1 HG13 sing N N 416 
VAL CG2 HG21 sing N N 417 
VAL CG2 HG22 sing N N 418 
VAL CG2 HG23 sing N N 419 
VAL OXT HXT  sing N N 420 
# 
_pdbx_audit_support.funding_organization   
'National Institutes of Health/National Institute Of Allergy and Infectious Diseases (NIH/NIAID)' 
_pdbx_audit_support.country                'United States' 
_pdbx_audit_support.grant_number           U19AI171399 
_pdbx_audit_support.ordinal                1 
# 
_pdbx_deposit_group.group_id            G_1002288 
_pdbx_deposit_group.group_description   'Crystallographic fragment screening of Coxsackievirus A16 (G-10) 2A protease' 
_pdbx_deposit_group.group_title         
'Group deposition for crystallographic fragment screening of Coxsackievirus A16 (G-10) 2A protease' 
_pdbx_deposit_group.group_type          'changed state' 
# 
_atom_sites.entry_id                    7H3H 
_atom_sites.fract_transf_matrix[1][1]   -0.00149924 
_atom_sites.fract_transf_matrix[1][2]   -0.01018937 
_atom_sites.fract_transf_matrix[1][3]   -0.00519717 
_atom_sites.fract_transf_matrix[2][1]   0.01504321 
_atom_sites.fract_transf_matrix[2][2]   0.00204422 
_atom_sites.fract_transf_matrix[2][3]   -0.00834737 
_atom_sites.fract_transf_matrix[3][1]   0.01455438 
_atom_sites.fract_transf_matrix[3][2]   -0.01515620 
_atom_sites.fract_transf_matrix[3][3]   0.02251751 
_atom_sites.fract_transf_vector[1]      0.181881 
_atom_sites.fract_transf_vector[2]      0.127791 
_atom_sites.fract_transf_vector[3]      0.419171 
# 
loop_
_atom_type.symbol 
C  
N  
O  
S  
ZN 
# 
loop_
_atom_site.group_PDB 
_atom_site.id 
_atom_site.type_symbol 
_atom_site.label_atom_id 
_atom_site.label_alt_id 
_atom_site.label_comp_id 
_atom_site.label_asym_id 
_atom_site.label_entity_id 
_atom_site.label_seq_id 
_atom_site.pdbx_PDB_ins_code 
_atom_site.Cartn_x 
_atom_site.Cartn_y 
_atom_site.Cartn_z 
_atom_site.occupancy 
_atom_site.B_iso_or_equiv 
_atom_site.pdbx_formal_charge 
_atom_site.auth_seq_id 
_atom_site.auth_comp_id 
_atom_site.auth_asym_id 
_atom_site.auth_atom_id 
_atom_site.pdbx_PDB_model_num 
ATOM   1    N  N   . SER A 1 7   ? 3.582   -8.651  5.745   1.00 34.71  ? 7   SER A N   1 
ATOM   2    C  CA  . SER A 1 7   ? 3.028   -9.307  4.531   1.00 35.65  ? 7   SER A CA  1 
ATOM   3    C  C   . SER A 1 7   ? 1.575   -8.880  4.280   1.00 33.15  ? 7   SER A C   1 
ATOM   4    O  O   . SER A 1 7   ? 0.976   -8.250  5.172   1.00 34.54  ? 7   SER A O   1 
ATOM   5    C  CB  . SER A 1 7   ? 3.166   -10.811 4.631   1.00 40.30  ? 7   SER A CB  1 
ATOM   6    O  OG  . SER A 1 7   ? 2.997   -11.253 5.980   1.00 46.93  ? 7   SER A OG  1 
ATOM   7    N  N   . GLY A 1 8   ? 1.068   -9.160  3.068   1.00 35.04  ? 8   GLY A N   1 
ATOM   8    C  CA  . GLY A 1 8   ? -0.321  -8.889  2.636   1.00 30.69  ? 8   GLY A CA  1 
ATOM   9    C  C   . GLY A 1 8   ? -0.426  -8.259  1.259   1.00 29.88  ? 8   GLY A C   1 
ATOM   10   O  O   . GLY A 1 8   ? 0.546   -7.667  0.795   1.00 30.83  ? 8   GLY A O   1 
ATOM   11   N  N   . ALA A 1 9   ? -1.611  -8.343  0.654   1.00 28.47  ? 9   ALA A N   1 
ATOM   12   C  CA  . ALA A 1 9   ? -1.928  -7.913  -0.722  1.00 32.85  ? 9   ALA A CA  1 
ATOM   13   C  C   . ALA A 1 9   ? -3.392  -7.462  -0.802  1.00 34.67  ? 9   ALA A C   1 
ATOM   14   O  O   . ALA A 1 9   ? -4.174  -7.787  0.113   1.00 34.62  ? 9   ALA A O   1 
ATOM   15   C  CB  . ALA A 1 9   ? -1.674  -9.071  -1.669  1.00 33.49  ? 9   ALA A CB  1 
ATOM   16   N  N   . ILE A 1 10  ? -3.735  -6.760  -1.882  1.00 33.76  ? 10  ILE A N   1 
ATOM   17   C  CA  . ILE A 1 10  ? -5.128  -6.449  -2.295  1.00 31.15  ? 10  ILE A CA  1 
ATOM   18   C  C   . ILE A 1 10  ? -5.480  -7.343  -3.490  1.00 33.69  ? 10  ILE A C   1 
ATOM   19   O  O   . ILE A 1 10  ? -4.654  -7.443  -4.452  1.00 30.68  ? 10  ILE A O   1 
ATOM   20   C  CB  . ILE A 1 10  ? -5.297  -4.960  -2.634  1.00 27.15  ? 10  ILE A CB  1 
ATOM   21   C  CG1 . ILE A 1 10  ? -4.644  -4.040  -1.588  1.00 28.14  ? 10  ILE A CG1 1 
ATOM   22   C  CG2 . ILE A 1 10  ? -6.760  -4.626  -2.863  1.00 28.40  ? 10  ILE A CG2 1 
ATOM   23   C  CD1 . ILE A 1 10  ? -4.256  -2.662  -2.140  1.00 24.67  ? 10  ILE A CD1 1 
ATOM   24   N  N   . TYR A 1 11  ? -6.670  -7.948  -3.443  1.00 30.33  ? 11  TYR A N   1 
ATOM   25   C  CA  . TYR A 1 11  ? -7.223  -8.822  -4.501  1.00 31.38  ? 11  TYR A CA  1 
ATOM   26   C  C   . TYR A 1 11  ? -8.471  -8.161  -5.098  1.00 34.29  ? 11  TYR A C   1 
ATOM   27   O  O   . TYR A 1 11  ? -9.557  -8.248  -4.492  1.00 35.40  ? 11  TYR A O   1 
ATOM   28   C  CB  . TYR A 1 11  ? -7.462  -10.205 -3.907  1.00 33.22  ? 11  TYR A CB  1 
ATOM   29   C  CG  . TYR A 1 11  ? -6.188  -10.874 -3.460  1.00 32.97  ? 11  TYR A CG  1 
ATOM   30   C  CD1 . TYR A 1 11  ? -5.352  -11.494 -4.377  1.00 34.51  ? 11  TYR A CD1 1 
ATOM   31   C  CD2 . TYR A 1 11  ? -5.803  -10.874 -2.129  1.00 30.37  ? 11  TYR A CD2 1 
ATOM   32   C  CE1 . TYR A 1 11  ? -4.181  -12.123 -3.979  1.00 31.44  ? 11  TYR A CE1 1 
ATOM   33   C  CE2 . TYR A 1 11  ? -4.627  -11.483 -1.715  1.00 31.05  ? 11  TYR A CE2 1 
ATOM   34   C  CZ  . TYR A 1 11  ? -3.817  -12.121 -2.644  1.00 33.70  ? 11  TYR A CZ  1 
ATOM   35   O  OH  . TYR A 1 11  ? -2.644  -12.712 -2.269  1.00 35.29  ? 11  TYR A OH  1 
ATOM   36   N  N   . VAL A 1 12  ? -8.314  -7.465  -6.227  1.00 30.53  ? 12  VAL A N   1 
ATOM   37   C  CA  . VAL A 1 12  ? -9.426  -6.756  -6.936  1.00 31.62  ? 12  VAL A CA  1 
ATOM   38   C  C   . VAL A 1 12  ? -9.443  -7.268  -8.380  1.00 34.82  ? 12  VAL A C   1 
ATOM   39   O  O   . VAL A 1 12  ? -8.332  -7.359  -8.991  1.00 28.67  ? 12  VAL A O   1 
ATOM   40   C  CB  . VAL A 1 12  ? -9.305  -5.218  -6.864  1.00 29.38  ? 12  VAL A CB  1 
ATOM   41   C  CG1 . VAL A 1 12  ? -7.923  -4.706  -7.265  1.00 30.43  ? 12  VAL A CG1 1 
ATOM   42   C  CG2 . VAL A 1 12  ? -10.397 -4.520  -7.671  1.00 29.62  ? 12  VAL A CG2 1 
ATOM   43   N  N   . GLY A 1 13  ? -10.634 -7.556  -8.925  1.00 31.57  ? 13  GLY A N   1 
ATOM   44   C  CA  . GLY A 1 13  ? -10.737 -8.156  -10.266 1.00 32.17  ? 13  GLY A CA  1 
ATOM   45   C  C   . GLY A 1 13  ? -9.731  -9.285  -10.375 1.00 32.35  ? 13  GLY A C   1 
ATOM   46   O  O   . GLY A 1 13  ? -9.674  -10.108 -9.468  1.00 31.00  ? 13  GLY A O   1 
ATOM   47   N  N   . ASN A 1 14  ? -8.952  -9.298  -11.462 0.55 33.03  ? 14  ASN A N   1 
ATOM   48   C  CA  . ASN A 1 14  ? -7.873  -10.289 -11.727 0.55 34.62  ? 14  ASN A CA  1 
ATOM   49   C  C   . ASN A 1 14  ? -6.512  -9.606  -11.531 0.55 34.33  ? 14  ASN A C   1 
ATOM   50   O  O   . ASN A 1 14  ? -5.587  -9.873  -12.322 0.55 33.64  ? 14  ASN A O   1 
ATOM   51   C  CB  . ASN A 1 14  ? -8.029  -10.918 -13.113 0.55 35.42  ? 14  ASN A CB  1 
ATOM   52   C  CG  . ASN A 1 14  ? -9.259  -11.797 -13.205 0.55 36.35  ? 14  ASN A CG  1 
ATOM   53   O  OD1 . ASN A 1 14  ? -9.186  -13.000 -12.956 0.55 37.07  ? 14  ASN A OD1 1 
ATOM   54   N  ND2 . ASN A 1 14  ? -10.393 -11.198 -13.526 0.55 37.16  ? 14  ASN A ND2 1 
ATOM   55   N  N   . TYR A 1 15  ? -6.404  -8.772  -10.493 1.00 34.96  ? 15  TYR A N   1 
ATOM   56   C  CA  . TYR A 1 15  ? -5.164  -8.052  -10.114 1.00 34.74  ? 15  TYR A CA  1 
ATOM   57   C  C   . TYR A 1 15  ? -4.829  -8.398  -8.656  1.00 33.22  ? 15  TYR A C   1 
ATOM   58   O  O   . TYR A 1 15  ? -5.769  -8.539  -7.849  1.00 29.44  ? 15  TYR A O   1 
ATOM   59   C  CB  . TYR A 1 15  ? -5.372  -6.551  -10.299 1.00 34.72  ? 15  TYR A CB  1 
ATOM   60   C  CG  . TYR A 1 15  ? -5.601  -6.087  -11.718 1.00 37.68  ? 15  TYR A CG  1 
ATOM   61   C  CD1 . TYR A 1 15  ? -4.876  -6.617  -12.779 1.00 37.59  ? 15  TYR A CD1 1 
ATOM   62   C  CD2 . TYR A 1 15  ? -6.517  -5.078  -11.997 1.00 39.50  ? 15  TYR A CD2 1 
ATOM   63   C  CE1 . TYR A 1 15  ? -5.072  -6.172  -14.078 1.00 36.81  ? 15  TYR A CE1 1 
ATOM   64   C  CE2 . TYR A 1 15  ? -6.720  -4.619  -13.290 1.00 38.80  ? 15  TYR A CE2 1 
ATOM   65   C  CZ  . TYR A 1 15  ? -5.995  -5.173  -14.334 1.00 40.81  ? 15  TYR A CZ  1 
ATOM   66   O  OH  . TYR A 1 15  ? -6.172  -4.734  -15.613 1.00 37.43  ? 15  TYR A OH  1 
ATOM   67   N  N   . ARG A 1 16  ? -3.537  -8.614  -8.381  1.00 32.56  ? 16  ARG A N   1 
ATOM   68   C  CA  . ARG A 1 16  ? -2.919  -8.784  -7.036  1.00 31.25  ? 16  ARG A CA  1 
ATOM   69   C  C   . ARG A 1 16  ? -1.974  -7.600  -6.830  1.00 32.00  ? 16  ARG A C   1 
ATOM   70   O  O   . ARG A 1 16  ? -1.032  -7.473  -7.614  1.00 29.79  ? 16  ARG A O   1 
ATOM   71   C  CB  . ARG A 1 16  ? -2.165  -10.113 -6.947  1.00 32.01  ? 16  ARG A CB  1 
ATOM   72   C  CG  . ARG A 1 16  ? -1.184  -10.212 -5.786  1.00 30.98  ? 16  ARG A CG  1 
ATOM   73   C  CD  . ARG A 1 16  ? -0.715  -11.632 -5.547  1.00 35.22  ? 16  ARG A CD  1 
ATOM   74   N  NE  . ARG A 1 16  ? 0.704   -11.724 -5.220  1.00 32.26  ? 16  ARG A NE  1 
ATOM   75   C  CZ  . ARG A 1 16  ? 1.219   -11.871 -3.994  1.00 37.78  ? 16  ARG A CZ  1 
ATOM   76   N  NH1 . ARG A 1 16  ? 0.434   -11.953 -2.927  1.00 35.99  ? 16  ARG A NH1 1 
ATOM   77   N  NH2 . ARG A 1 16  ? 2.535   -11.948 -3.837  1.00 37.02  ? 16  ARG A NH2 1 
ATOM   78   N  N   . VAL A 1 17  ? -2.277  -6.713  -5.876  1.00 31.34  ? 17  VAL A N   1 
ATOM   79   C  CA  . VAL A 1 17  ? -1.430  -5.530  -5.546  1.00 26.05  ? 17  VAL A CA  1 
ATOM   80   C  C   . VAL A 1 17  ? -0.585  -5.891  -4.315  1.00 26.69  ? 17  VAL A C   1 
ATOM   81   O  O   . VAL A 1 17  ? -1.157  -6.139  -3.223  1.00 24.02  ? 17  VAL A O   1 
ATOM   82   C  CB  . VAL A 1 17  ? -2.279  -4.276  -5.276  1.00 23.34  ? 17  VAL A CB  1 
ATOM   83   C  CG1 . VAL A 1 17  ? -1.426  -3.024  -5.117  1.00 22.05  ? 17  VAL A CG1 1 
ATOM   84   C  CG2 . VAL A 1 17  ? -3.343  -4.081  -6.349  1.00 25.00  ? 17  VAL A CG2 1 
ATOM   85   N  N   . VAL A 1 18  ? 0.741   -5.851  -4.444  1.00 24.96  ? 18  VAL A N   1 
ATOM   86   C  CA  . VAL A 1 18  ? 1.673   -6.107  -3.314  1.00 22.43  ? 18  VAL A CA  1 
ATOM   87   C  C   . VAL A 1 18  ? 2.634   -4.934  -3.209  1.00 20.37  ? 18  VAL A C   1 
ATOM   88   O  O   . VAL A 1 18  ? 2.705   -4.174  -4.150  1.00 20.29  ? 18  VAL A O   1 
ATOM   89   C  CB  . VAL A 1 18  ? 2.433   -7.436  -3.458  1.00 27.12  ? 18  VAL A CB  1 
ATOM   90   C  CG1 . VAL A 1 18  ? 1.539   -8.624  -3.158  1.00 32.37  ? 18  VAL A CG1 1 
ATOM   91   C  CG2 . VAL A 1 18  ? 3.091   -7.589  -4.822  1.00 26.22  ? 18  VAL A CG2 1 
ATOM   92   N  N   . ASN A 1 19  ? 3.305   -4.804  -2.069  1.00 20.32  ? 19  ASN A N   1 
ATOM   93   C  CA  . ASN A 1 19  ? 4.572   -4.052  -1.937  1.00 18.33  ? 19  ASN A CA  1 
ATOM   94   C  C   . ASN A 1 19  ? 5.582   -4.555  -2.972  1.00 16.94  ? 19  ASN A C   1 
ATOM   95   O  O   . ASN A 1 19  ? 5.780   -5.775  -3.083  1.00 21.25  ? 19  ASN A O   1 
ATOM   96   C  CB  . ASN A 1 19  ? 5.110   -4.189  -0.517  1.00 18.03  ? 19  ASN A CB  1 
ATOM   97   C  CG  . ASN A 1 19  ? 4.196   -3.557  0.514   1.00 19.84  ? 19  ASN A CG  1 
ATOM   98   O  OD1 . ASN A 1 19  ? 3.394   -4.251  1.140   1.00 17.05  ? 19  ASN A OD1 1 
ATOM   99   N  ND2 . ASN A 1 19  ? 4.324   -2.252  0.689   1.00 17.83  ? 19  ASN A ND2 1 
ATOM   100  N  N   . ARG A 1 20  ? 6.236   -3.658  -3.691  1.00 18.03  ? 20  ARG A N   1 
ATOM   101  C  CA  . ARG A 1 20  ? 7.193   -4.054  -4.748  1.00 19.09  ? 20  ARG A CA  1 
ATOM   102  C  C   . ARG A 1 20  ? 8.334   -4.824  -4.095  1.00 19.43  ? 20  ARG A C   1 
ATOM   103  O  O   . ARG A 1 20  ? 8.748   -5.850  -4.623  1.00 18.53  ? 20  ARG A O   1 
ATOM   104  C  CB  . ARG A 1 20  ? 7.630   -2.806  -5.511  1.00 20.61  ? 20  ARG A CB  1 
ATOM   105  C  CG  . ARG A 1 20  ? 8.518   -3.113  -6.702  1.00 21.55  ? 20  ARG A CG  1 
ATOM   106  C  CD  . ARG A 1 20  ? 9.005   -1.803  -7.253  1.00 22.54  ? 20  ARG A CD  1 
ATOM   107  N  NE  . ARG A 1 20  ? 9.723   -1.943  -8.514  1.00 25.61  ? 20  ARG A NE  1 
ATOM   108  C  CZ  . ARG A 1 20  ? 10.996  -2.366  -8.629  1.00 28.55  ? 20  ARG A CZ  1 
ATOM   109  N  NH1 . ARG A 1 20  ? 11.715  -2.694  -7.573  1.00 27.62  ? 20  ARG A NH1 1 
ATOM   110  N  NH2 . ARG A 1 20  ? 11.560  -2.440  -9.820  1.00 32.01  ? 20  ARG A NH2 1 
ATOM   111  N  N   . HIS A 1 21  ? 8.797   -4.365  -2.936  1.00 23.46  ? 21  HIS A N   1 
ATOM   112  C  CA  . HIS A 1 21  ? 9.913   -5.027  -2.229  1.00 24.54  ? 21  HIS A CA  1 
ATOM   113  C  C   . HIS A 1 21  ? 9.514   -6.418  -1.733  1.00 24.70  ? 21  HIS A C   1 
ATOM   114  O  O   . HIS A 1 21  ? 10.433  -7.117  -1.369  1.00 23.47  ? 21  HIS A O   1 
ATOM   115  C  CB  . HIS A 1 21  ? 10.498  -4.093  -1.189  1.00 26.40  ? 21  HIS A CB  1 
ATOM   116  C  CG  . HIS A 1 21  ? 9.656   -3.936  0.018   1.00 29.67  ? 21  HIS A CG  1 
ATOM   117  N  ND1 . HIS A 1 21  ? 8.746   -2.907  0.138   1.00 27.02  ? 21  HIS A ND1 1 
ATOM   118  C  CD2 . HIS A 1 21  ? 9.615   -4.641  1.164   1.00 28.82  ? 21  HIS A CD2 1 
ATOM   119  C  CE1 . HIS A 1 21  ? 8.168   -2.994  1.318   1.00 31.20  ? 21  HIS A CE1 1 
ATOM   120  N  NE2 . HIS A 1 21  ? 8.683   -4.050  1.961   1.00 30.26  ? 21  HIS A NE2 1 
ATOM   121  N  N   . LEU A 1 22  ? 8.241   -6.836  -1.796  1.00 21.24  ? 22  LEU A N   1 
ATOM   122  C  CA  . LEU A 1 22  ? 7.806   -8.206  -1.387  1.00 25.26  ? 22  LEU A CA  1 
ATOM   123  C  C   . LEU A 1 22  ? 7.251   -9.020  -2.570  1.00 25.58  ? 22  LEU A C   1 
ATOM   124  O  O   . LEU A 1 22  ? 6.815   -10.166 -2.327  1.00 26.11  ? 22  LEU A O   1 
ATOM   125  C  CB  . LEU A 1 22  ? 6.800   -8.104  -0.224  1.00 26.07  ? 22  LEU A CB  1 
ATOM   126  C  CG  . LEU A 1 22  ? 7.349   -7.448  1.044   1.00 28.54  ? 22  LEU A CG  1 
ATOM   127  C  CD1 . LEU A 1 22  ? 6.271   -7.305  2.115   1.00 27.66  ? 22  LEU A CD1 1 
ATOM   128  C  CD2 . LEU A 1 22  ? 8.547   -8.240  1.580   1.00 27.90  ? 22  LEU A CD2 1 
ATOM   129  N  N   . ALA A 1 23  ? 7.318   -8.522  -3.820  1.00 27.91  ? 23  ALA A N   1 
ATOM   130  C  CA  . ALA A 1 23  ? 6.845   -9.234  -5.035  1.00 27.28  ? 23  ALA A CA  1 
ATOM   131  C  C   . ALA A 1 23  ? 7.581   -10.570 -5.226  1.00 28.95  ? 23  ALA A C   1 
ATOM   132  O  O   . ALA A 1 23  ? 8.790   -10.634 -4.903  1.00 28.46  ? 23  ALA A O   1 
ATOM   133  C  CB  . ALA A 1 23  ? 7.011   -8.354  -6.236  1.00 27.27  ? 23  ALA A CB  1 
ATOM   134  N  N   . THR A 1 24  ? 6.855   -11.608 -5.671  1.00 26.37  ? 24  THR A N   1 
ATOM   135  C  CA  . THR A 1 24  ? 7.387   -12.995 -5.800  1.00 29.14  ? 24  THR A CA  1 
ATOM   136  C  C   . THR A 1 24  ? 7.835   -13.210 -7.246  1.00 27.09  ? 24  THR A C   1 
ATOM   137  O  O   . THR A 1 24  ? 7.522   -12.352 -8.116  1.00 26.72  ? 24  THR A O   1 
ATOM   138  C  CB  . THR A 1 24  ? 6.386   -14.107 -5.420  1.00 29.37  ? 24  THR A CB  1 
ATOM   139  O  OG1 . THR A 1 24  ? 5.273   -14.132 -6.320  1.00 31.40  ? 24  THR A OG1 1 
ATOM   140  C  CG2 . THR A 1 24  ? 5.938   -14.032 -3.978  1.00 32.09  ? 24  THR A CG2 1 
ATOM   141  N  N   . HIS A 1 25  ? 8.471   -14.349 -7.502  1.00 30.73  ? 25  HIS A N   1 
ATOM   142  C  CA  . HIS A 1 25  ? 8.794   -14.852 -8.861  1.00 32.55  ? 25  HIS A CA  1 
ATOM   143  C  C   . HIS A 1 25  ? 7.586   -14.644 -9.785  1.00 32.48  ? 25  HIS A C   1 
ATOM   144  O  O   . HIS A 1 25  ? 7.737   -13.962 -10.834 1.00 33.00  ? 25  HIS A O   1 
ATOM   145  C  CB  . HIS A 1 25  ? 9.180   -16.335 -8.774  1.00 36.82  ? 25  HIS A CB  1 
ATOM   146  C  CG  . HIS A 1 25  ? 9.183   -16.994 -10.100 1.00 35.75  ? 25  HIS A CG  1 
ATOM   147  N  ND1 . HIS A 1 25  ? 10.315  -17.082 -10.859 1.00 38.96  ? 25  HIS A ND1 1 
ATOM   148  C  CD2 . HIS A 1 25  ? 8.187   -17.568 -10.803 1.00 39.47  ? 25  HIS A CD2 1 
ATOM   149  C  CE1 . HIS A 1 25  ? 10.015  -17.681 -11.993 1.00 41.55  ? 25  HIS A CE1 1 
ATOM   150  N  NE2 . HIS A 1 25  ? 8.721   -18.000 -11.981 1.00 38.09  ? 25  HIS A NE2 1 
ATOM   151  N  N   . ASN A 1 26  ? 6.439   -15.184 -9.360  1.00 32.03  ? 26  ASN A N   1 
ATOM   152  C  CA  . ASN A 1 26  ? 5.160   -15.241 -10.110 1.00 33.23  ? 26  ASN A CA  1 
ATOM   153  C  C   . ASN A 1 26  ? 4.653   -13.826 -10.390 1.00 32.06  ? 26  ASN A C   1 
ATOM   154  O  O   . ASN A 1 26  ? 4.115   -13.608 -11.476 1.00 30.36  ? 26  ASN A O   1 
ATOM   155  C  CB  . ASN A 1 26  ? 4.119   -16.073 -9.352  1.00 42.60  ? 26  ASN A CB  1 
ATOM   156  C  CG  . ASN A 1 26  ? 2.964   -16.528 -10.217 1.00 46.76  ? 26  ASN A CG  1 
ATOM   157  O  OD1 . ASN A 1 26  ? 3.081   -17.504 -10.957 1.00 49.39  ? 26  ASN A OD1 1 
ATOM   158  N  ND2 . ASN A 1 26  ? 1.837   -15.842 -10.110 1.00 50.21  ? 26  ASN A ND2 1 
ATOM   159  N  N   . ASP A 1 27  ? 4.788   -12.900 -9.441  1.00 29.73  ? 27  ASP A N   1 
ATOM   160  C  CA  . ASP A 1 27  ? 4.312   -11.511 -9.617  1.00 27.06  ? 27  ASP A CA  1 
ATOM   161  C  C   . ASP A 1 27  ? 5.086   -10.877 -10.778 1.00 28.49  ? 27  ASP A C   1 
ATOM   162  O  O   . ASP A 1 27  ? 4.469   -10.171 -11.648 1.00 24.55  ? 27  ASP A O   1 
ATOM   163  C  CB  . ASP A 1 27  ? 4.474   -10.704 -8.326  1.00 26.21  ? 27  ASP A CB  1 
ATOM   164  C  CG  . ASP A 1 27  ? 3.527   -11.143 -7.219  1.00 26.80  ? 27  ASP A CG  1 
ATOM   165  O  OD1 . ASP A 1 27  ? 2.352   -11.334 -7.531  1.00 24.04  ? 27  ASP A OD1 1 
ATOM   166  O  OD2 . ASP A 1 27  ? 3.974   -11.317 -6.070  1.00 28.51  ? 27  ASP A OD2 1 
ATOM   167  N  N   . TRP A 1 28  ? 6.401   -11.081 -10.770 1.00 27.84  ? 28  TRP A N   1 
ATOM   168  C  CA  . TRP A 1 28  ? 7.311   -10.606 -11.839 1.00 29.95  ? 28  TRP A CA  1 
ATOM   169  C  C   . TRP A 1 28  ? 6.983   -11.338 -13.147 1.00 29.27  ? 28  TRP A C   1 
ATOM   170  O  O   . TRP A 1 28  ? 6.925   -10.653 -14.180 1.00 32.90  ? 28  TRP A O   1 
ATOM   171  C  CB  . TRP A 1 28  ? 8.767   -10.761 -11.394 1.00 28.67  ? 28  TRP A CB  1 
ATOM   172  C  CG  . TRP A 1 28  ? 9.176   -9.748  -10.369 1.00 24.99  ? 28  TRP A CG  1 
ATOM   173  C  CD1 . TRP A 1 28  ? 9.496   -9.977  -9.064  1.00 24.94  ? 28  TRP A CD1 1 
ATOM   174  C  CD2 . TRP A 1 28  ? 9.311   -8.332  -10.567 1.00 22.27  ? 28  TRP A CD2 1 
ATOM   175  N  NE1 . TRP A 1 28  ? 9.809   -8.794  -8.439  1.00 23.55  ? 28  TRP A NE1 1 
ATOM   176  C  CE2 . TRP A 1 28  ? 9.730   -7.779  -9.338  1.00 22.26  ? 28  TRP A CE2 1 
ATOM   177  C  CE3 . TRP A 1 28  ? 9.134   -7.479  -11.658 1.00 22.15  ? 28  TRP A CE3 1 
ATOM   178  C  CZ2 . TRP A 1 28  ? 9.961   -6.414  -9.169  1.00 22.47  ? 28  TRP A CZ2 1 
ATOM   179  C  CZ3 . TRP A 1 28  ? 9.365   -6.135  -11.491 1.00 21.83  ? 28  TRP A CZ3 1 
ATOM   180  C  CH2 . TRP A 1 28  ? 9.765   -5.613  -10.265 1.00 22.72  ? 28  TRP A CH2 1 
ATOM   181  N  N   . ALA A 1 29  ? 6.717   -12.650 -13.085 1.00 33.23  ? 29  ALA A N   1 
ATOM   182  C  CA  . ALA A 1 29  ? 6.355   -13.487 -14.255 1.00 34.53  ? 29  ALA A CA  1 
ATOM   183  C  C   . ALA A 1 29  ? 5.038   -12.980 -14.862 1.00 41.37  ? 29  ALA A C   1 
ATOM   184  O  O   . ALA A 1 29  ? 4.884   -13.056 -16.105 1.00 40.42  ? 29  ALA A O   1 
ATOM   185  C  CB  . ALA A 1 29  ? 6.236   -14.931 -13.860 1.00 35.71  ? 29  ALA A CB  1 
ATOM   186  N  N   . ASN A 1 30  ? 4.136   -12.480 -14.011 1.00 36.78  ? 30  ASN A N   1 
ATOM   187  C  CA  . ASN A 1 30  ? 2.731   -12.127 -14.352 1.00 38.33  ? 30  ASN A CA  1 
ATOM   188  C  C   . ASN A 1 30  ? 2.545   -10.626 -14.089 1.00 38.63  ? 30  ASN A C   1 
ATOM   189  O  O   . ASN A 1 30  ? 1.423   -10.208 -13.691 1.00 41.45  ? 30  ASN A O   1 
ATOM   190  C  CB  . ASN A 1 30  ? 1.759   -13.033 -13.587 1.00 37.20  ? 30  ASN A CB  1 
ATOM   191  C  CG  . ASN A 1 30  ? 1.782   -14.474 -14.060 1.00 41.38  ? 30  ASN A CG  1 
ATOM   192  O  OD1 . ASN A 1 30  ? 1.209   -14.795 -15.100 1.00 46.63  ? 30  ASN A OD1 1 
ATOM   193  N  ND2 . ASN A 1 30  ? 2.414   -15.363 -13.310 1.00 40.82  ? 30  ASN A ND2 1 
ATOM   194  N  N   . LEU A 1 31  ? 3.589   -9.830  -14.337 1.00 36.29  ? 31  LEU A N   1 
ATOM   195  C  CA  . LEU A 1 31  ? 3.601   -8.375  -14.046 1.00 32.17  ? 31  LEU A CA  1 
ATOM   196  C  C   . LEU A 1 31  ? 2.581   -7.654  -14.923 1.00 37.93  ? 31  LEU A C   1 
ATOM   197  O  O   . LEU A 1 31  ? 2.424   -8.057  -16.097 1.00 38.51  ? 31  LEU A O   1 
ATOM   198  C  CB  . LEU A 1 31  ? 4.986   -7.784  -14.300 1.00 32.86  ? 31  LEU A CB  1 
ATOM   199  C  CG  . LEU A 1 31  ? 5.100   -6.297  -13.977 1.00 29.50  ? 31  LEU A CG  1 
ATOM   200  C  CD1 . LEU A 1 31  ? 4.902   -6.092  -12.484 1.00 29.65  ? 31  LEU A CD1 1 
ATOM   201  C  CD2 . LEU A 1 31  ? 6.435   -5.725  -14.458 1.00 31.18  ? 31  LEU A CD2 1 
ATOM   202  N  N   . VAL A 1 32  ? 1.964   -6.603  -14.366 1.00 32.90  ? 32  VAL A N   1 
ATOM   203  C  CA  . VAL A 1 32  ? 1.053   -5.653  -15.055 1.00 31.73  ? 32  VAL A CA  1 
ATOM   204  C  C   . VAL A 1 32  ? 1.708   -4.275  -14.979 1.00 29.77  ? 32  VAL A C   1 
ATOM   205  O  O   . VAL A 1 32  ? 1.786   -3.579  -15.959 1.00 31.31  ? 32  VAL A O   1 
ATOM   206  C  CB  . VAL A 1 32  ? -0.342  -5.668  -14.387 1.00 34.10  ? 32  VAL A CB  1 
ATOM   207  C  CG1 . VAL A 1 32  ? -1.262  -4.602  -14.952 1.00 31.72  ? 32  VAL A CG1 1 
ATOM   208  C  CG2 . VAL A 1 32  ? -0.991  -7.046  -14.451 1.00 34.22  ? 32  VAL A CG2 1 
ATOM   209  N  N   . TRP A 1 33  ? 2.141   -3.882  -13.797 1.00 31.34  ? 33  TRP A N   1 
ATOM   210  C  CA  . TRP A 1 33  ? 2.588   -2.509  -13.513 1.00 27.43  ? 33  TRP A CA  1 
ATOM   211  C  C   . TRP A 1 33  ? 3.435   -2.554  -12.250 1.00 29.45  ? 33  TRP A C   1 
ATOM   212  O  O   . TRP A 1 33  ? 3.047   -3.278  -11.325 1.00 30.17  ? 33  TRP A O   1 
ATOM   213  C  CB  . TRP A 1 33  ? 1.366   -1.616  -13.364 1.00 27.74  ? 33  TRP A CB  1 
ATOM   214  C  CG  . TRP A 1 33  ? 1.721   -0.218  -12.989 1.00 26.42  ? 33  TRP A CG  1 
ATOM   215  C  CD1 . TRP A 1 33  ? 2.181   0.758   -13.824 1.00 27.37  ? 33  TRP A CD1 1 
ATOM   216  C  CD2 . TRP A 1 33  ? 1.627   0.373   -11.688 1.00 23.38  ? 33  TRP A CD2 1 
ATOM   217  N  NE1 . TRP A 1 33  ? 2.403   1.912   -13.126 1.00 26.50  ? 33  TRP A NE1 1 
ATOM   218  C  CE2 . TRP A 1 33  ? 2.057   1.710   -11.813 1.00 26.29  ? 33  TRP A CE2 1 
ATOM   219  C  CE3 . TRP A 1 33  ? 1.213   -0.092  -10.442 1.00 21.99  ? 33  TRP A CE3 1 
ATOM   220  C  CZ2 . TRP A 1 33  ? 2.096   2.581   -10.728 1.00 23.08  ? 33  TRP A CZ2 1 
ATOM   221  C  CZ3 . TRP A 1 33  ? 1.246   0.770   -9.368  1.00 22.17  ? 33  TRP A CZ3 1 
ATOM   222  C  CH2 . TRP A 1 33  ? 1.682   2.088   -9.514  1.00 22.92  ? 33  TRP A CH2 1 
ATOM   223  N  N   . GLU A 1 34  ? 4.584   -1.884  -12.247 1.00 26.48  ? 34  GLU A N   1 
ATOM   224  C  CA  . GLU A 1 34  ? 5.357   -1.645  -11.004 1.00 25.47  ? 34  GLU A CA  1 
ATOM   225  C  C   . GLU A 1 34  ? 5.880   -0.215  -11.052 1.00 26.12  ? 34  GLU A C   1 
ATOM   226  O  O   . GLU A 1 34  ? 6.072   0.345   -12.144 1.00 26.76  ? 34  GLU A O   1 
ATOM   227  C  CB  . GLU A 1 34  ? 6.359   -2.775  -10.766 1.00 25.60  ? 34  GLU A CB  1 
ATOM   228  C  CG  . GLU A 1 34  ? 7.316   -3.090  -11.915 1.00 26.37  ? 34  GLU A CG  1 
ATOM   229  C  CD  . GLU A 1 34  ? 8.469   -2.121  -12.090 1.00 29.24  ? 34  GLU A CD  1 
ATOM   230  O  OE1 . GLU A 1 34  ? 9.061   -2.118  -13.200 1.00 28.28  ? 34  GLU A OE1 1 
ATOM   231  O  OE2 . GLU A 1 34  ? 8.774   -1.364  -11.127 1.00 26.42  ? 34  GLU A OE2 1 
ATOM   232  N  N   . ASP A 1 35  ? 5.995   0.400   -9.881  1.00 27.03  ? 35  ASP A N   1 
ATOM   233  C  CA  . ASP A 1 35  ? 6.622   1.726   -9.714  1.00 25.39  ? 35  ASP A CA  1 
ATOM   234  C  C   . ASP A 1 35  ? 7.449   1.591   -8.428  1.00 24.94  ? 35  ASP A C   1 
ATOM   235  O  O   . ASP A 1 35  ? 6.840   1.507   -7.320  1.00 22.60  ? 35  ASP A O   1 
ATOM   236  C  CB  . ASP A 1 35  ? 5.549   2.814   -9.730  1.00 24.82  ? 35  ASP A CB  1 
ATOM   237  C  CG  . ASP A 1 35  ? 6.072   4.233   -9.673  1.00 29.92  ? 35  ASP A CG  1 
ATOM   238  O  OD1 . ASP A 1 35  ? 7.042   4.462   -8.951  1.00 30.32  ? 35  ASP A OD1 1 
ATOM   239  O  OD2 . ASP A 1 35  ? 5.469   5.119   -10.320 1.00 30.67  ? 35  ASP A OD2 1 
ATOM   240  N  N   A SER A 1 36  ? 8.782   1.548   -8.566  0.25 23.52  ? 36  SER A N   1 
ATOM   241  N  N   B SER A 1 36  ? 8.781   1.541   -8.572  0.25 24.47  ? 36  SER A N   1 
ATOM   242  C  CA  A SER A 1 36  ? 9.749   1.520   -7.438  0.25 22.60  ? 36  SER A CA  1 
ATOM   243  C  CA  B SER A 1 36  ? 9.765   1.525   -7.457  0.25 24.15  ? 36  SER A CA  1 
ATOM   244  C  C   A SER A 1 36  ? 9.510   2.726   -6.525  0.25 22.29  ? 36  SER A C   1 
ATOM   245  C  C   B SER A 1 36  ? 9.528   2.726   -6.534  0.25 23.14  ? 36  SER A C   1 
ATOM   246  O  O   A SER A 1 36  ? 9.535   2.539   -5.296  0.25 20.73  ? 36  SER A O   1 
ATOM   247  O  O   B SER A 1 36  ? 9.561   2.531   -5.308  0.25 21.41  ? 36  SER A O   1 
ATOM   248  C  CB  A SER A 1 36  ? 11.175  1.492   -7.922  0.25 21.36  ? 36  SER A CB  1 
ATOM   249  C  CB  B SER A 1 36  ? 11.179  1.503   -7.986  0.25 23.80  ? 36  SER A CB  1 
ATOM   250  O  OG  A SER A 1 36  ? 12.064  1.552   -6.819  0.25 19.93  ? 36  SER A OG  1 
ATOM   251  O  OG  B SER A 1 36  ? 11.242  2.075   -9.284  0.25 24.79  ? 36  SER A OG  1 
ATOM   252  N  N   . SER A 1 37  ? 9.278   3.907   -7.110  1.00 22.60  ? 37  SER A N   1 
ATOM   253  C  CA  . SER A 1 37  ? 9.091   5.163   -6.344  1.00 26.50  ? 37  SER A CA  1 
ATOM   254  C  C   . SER A 1 37  ? 7.813   5.114   -5.484  1.00 25.61  ? 37  SER A C   1 
ATOM   255  O  O   . SER A 1 37  ? 7.726   5.934   -4.561  1.00 29.58  ? 37  SER A O   1 
ATOM   256  C  CB  . SER A 1 37  ? 9.107   6.378   -7.218  1.00 28.21  ? 37  SER A CB  1 
ATOM   257  O  OG  . SER A 1 37  ? 7.828   6.664   -7.759  1.00 33.13  ? 37  SER A OG  1 
ATOM   258  N  N   . ARG A 1 38  ? 6.876   4.203   -5.761  1.00 26.44  ? 38  ARG A N   1 
ATOM   259  C  CA  . ARG A 1 38  ? 5.615   4.043   -4.988  1.00 25.71  ? 38  ARG A CA  1 
ATOM   260  C  C   . ARG A 1 38  ? 5.622   2.769   -4.143  1.00 26.64  ? 38  ARG A C   1 
ATOM   261  O  O   . ARG A 1 38  ? 4.622   2.544   -3.375  1.00 25.50  ? 38  ARG A O   1 
ATOM   262  C  CB  . ARG A 1 38  ? 4.433   3.951   -5.951  1.00 25.13  ? 38  ARG A CB  1 
ATOM   263  C  CG  . ARG A 1 38  ? 4.109   5.280   -6.598  1.00 27.00  ? 38  ARG A CG  1 
ATOM   264  C  CD  . ARG A 1 38  ? 2.957   5.095   -7.558  1.00 28.88  ? 38  ARG A CD  1 
ATOM   265  N  NE  . ARG A 1 38  ? 1.683   4.913   -6.880  1.00 28.99  ? 38  ARG A NE  1 
ATOM   266  C  CZ  . ARG A 1 38  ? 0.478   5.177   -7.403  1.00 30.28  ? 38  ARG A CZ  1 
ATOM   267  N  NH1 . ARG A 1 38  ? 0.354   5.590   -8.657  1.00 31.13  ? 38  ARG A NH1 1 
ATOM   268  N  NH2 . ARG A 1 38  ? -0.611  4.994   -6.677  1.00 27.58  ? 38  ARG A NH2 1 
ATOM   269  N  N   . ASP A 1 39  ? 6.667   1.959   -4.300  1.00 21.41  ? 39  ASP A N   1 
ATOM   270  C  CA  . ASP A 1 39  ? 6.795   0.617   -3.669  1.00 19.96  ? 39  ASP A CA  1 
ATOM   271  C  C   . ASP A 1 39  ? 5.551   -0.223  -3.985  1.00 20.67  ? 39  ASP A C   1 
ATOM   272  O  O   . ASP A 1 39  ? 5.122   -0.978  -3.110  1.00 18.41  ? 39  ASP A O   1 
ATOM   273  C  CB  . ASP A 1 39  ? 7.040   0.753   -2.159  1.00 19.12  ? 39  ASP A CB  1 
ATOM   274  C  CG  . ASP A 1 39  ? 7.243   -0.552  -1.386  1.00 20.13  ? 39  ASP A CG  1 
ATOM   275  O  OD1 . ASP A 1 39  ? 7.859   -1.467  -1.957  1.00 18.43  ? 39  ASP A OD1 1 
ATOM   276  O  OD2 . ASP A 1 39  ? 6.774   -0.637  -0.218  1.00 22.33  ? 39  ASP A OD2 1 
ATOM   277  N  N   . LEU A 1 40  ? 5.028   -0.172  -5.217  1.00 22.72  ? 40  LEU A N   1 
ATOM   278  C  CA  . LEU A 1 40  ? 3.830   -0.962  -5.610  1.00 24.10  ? 40  LEU A CA  1 
ATOM   279  C  C   . LEU A 1 40  ? 4.184   -1.865  -6.775  1.00 26.96  ? 40  LEU A C   1 
ATOM   280  O  O   . LEU A 1 40  ? 4.962   -1.446  -7.669  1.00 28.68  ? 40  LEU A O   1 
ATOM   281  C  CB  . LEU A 1 40  ? 2.662   -0.058  -6.013  1.00 23.94  ? 40  LEU A CB  1 
ATOM   282  C  CG  . LEU A 1 40  ? 1.939   0.634   -4.847  1.00 26.46  ? 40  LEU A CG  1 
ATOM   283  C  CD1 . LEU A 1 40  ? 0.807   1.538   -5.344  1.00 24.27  ? 40  LEU A CD1 1 
ATOM   284  C  CD2 . LEU A 1 40  ? 1.404   -0.399  -3.858  1.00 23.47  ? 40  LEU A CD2 1 
ATOM   285  N  N   . LEU A 1 41  ? 3.540   -3.009  -6.806  1.00 23.25  ? 41  LEU A N   1 
ATOM   286  C  CA  . LEU A 1 41  ? 3.569   -3.914  -7.978  1.00 25.28  ? 41  LEU A CA  1 
ATOM   287  C  C   . LEU A 1 41  ? 2.207   -4.600  -8.093  1.00 24.02  ? 41  LEU A C   1 
ATOM   288  O  O   . LEU A 1 41  ? 1.714   -5.139  -7.067  1.00 24.38  ? 41  LEU A O   1 
ATOM   289  C  CB  . LEU A 1 41  ? 4.672   -4.957  -7.808  1.00 22.68  ? 41  LEU A CB  1 
ATOM   290  C  CG  . LEU A 1 41  ? 4.787   -5.954  -8.958  1.00 24.20  ? 41  LEU A CG  1 
ATOM   291  C  CD1 . LEU A 1 41  ? 6.235   -6.446  -9.095  1.00 23.51  ? 41  LEU A CD1 1 
ATOM   292  C  CD2 . LEU A 1 41  ? 3.821   -7.124  -8.775  1.00 20.61  ? 41  LEU A CD2 1 
ATOM   293  N  N   . VAL A 1 42  ? 1.635   -4.566  -9.294  1.00 25.71  ? 42  VAL A N   1 
ATOM   294  C  CA  . VAL A 1 42  ? 0.370   -5.261  -9.623  1.00 23.68  ? 42  VAL A CA  1 
ATOM   295  C  C   . VAL A 1 42  ? 0.738   -6.421  -10.538 1.00 27.83  ? 42  VAL A C   1 
ATOM   296  O  O   . VAL A 1 42  ? 1.478   -6.200  -11.539 1.00 27.85  ? 42  VAL A O   1 
ATOM   297  C  CB  . VAL A 1 42  ? -0.651  -4.284  -10.219 1.00 25.77  ? 42  VAL A CB  1 
ATOM   298  C  CG1 . VAL A 1 42  ? -1.961  -4.985  -10.523 1.00 29.62  ? 42  VAL A CG1 1 
ATOM   299  C  CG2 . VAL A 1 42  ? -0.892  -3.101  -9.288  1.00 21.66  ? 42  VAL A CG2 1 
ATOM   300  N  N   . SER A 1 43  ? 0.323   -7.625  -10.160 1.00 30.00  ? 43  SER A N   1 
ATOM   301  C  CA  . SER A 1 43  ? 0.391   -8.804  -11.050 1.00 33.95  ? 43  SER A CA  1 
ATOM   302  C  C   . SER A 1 43  ? -1.032  -9.257  -11.388 1.00 40.34  ? 43  SER A C   1 
ATOM   303  O  O   . SER A 1 43  ? -1.989  -8.804  -10.708 1.00 41.98  ? 43  SER A O   1 
ATOM   304  C  CB  . SER A 1 43  ? 1.197   -9.905  -10.429 1.00 32.92  ? 43  SER A CB  1 
ATOM   305  O  OG  . SER A 1 43  ? 0.661   -10.274 -9.172  1.00 32.95  ? 43  SER A OG  1 
ATOM   306  N  N   . SER A 1 44  ? -1.141  -10.135 -12.390 1.00 38.50  ? 44  SER A N   1 
ATOM   307  C  CA  . SER A 1 44  ? -2.389  -10.807 -12.823 1.00 37.16  ? 44  SER A CA  1 
ATOM   308  C  C   . SER A 1 44  ? -2.596  -12.107 -12.038 1.00 34.93  ? 44  SER A C   1 
ATOM   309  O  O   . SER A 1 44  ? -1.609  -12.772 -11.663 1.00 36.22  ? 44  SER A O   1 
ATOM   310  C  CB  . SER A 1 44  ? -2.364  -11.062 -14.321 1.00 39.97  ? 44  SER A CB  1 
ATOM   311  O  OG  . SER A 1 44  ? -1.259  -11.879 -14.668 1.00 41.25  ? 44  SER A OG  1 
ATOM   312  N  N   . THR A 1 45  ? -3.858  -12.487 -11.857 1.00 36.79  ? 45  THR A N   1 
ATOM   313  C  CA  . THR A 1 45  ? -4.283  -13.667 -11.069 1.00 39.40  ? 45  THR A CA  1 
ATOM   314  C  C   . THR A 1 45  ? -5.302  -14.454 -11.897 1.00 42.26  ? 45  THR A C   1 
ATOM   315  O  O   . THR A 1 45  ? -6.017  -13.832 -12.704 1.00 42.04  ? 45  THR A O   1 
ATOM   316  C  CB  . THR A 1 45  ? -4.929  -13.198 -9.764  1.00 40.11  ? 45  THR A CB  1 
ATOM   317  O  OG1 . THR A 1 45  ? -5.913  -12.254 -10.188 1.00 43.38  ? 45  THR A OG1 1 
ATOM   318  C  CG2 . THR A 1 45  ? -3.974  -12.544 -8.791  1.00 40.09  ? 45  THR A CG2 1 
ATOM   319  N  N   . THR A 1 46  ? -5.362  -15.777 -11.721 0.55 42.73  ? 46  THR A N   1 
ATOM   320  C  CA  . THR A 1 46  ? -6.341  -16.655 -12.416 0.55 44.38  ? 46  THR A CA  1 
ATOM   321  C  C   . THR A 1 46  ? -7.738  -16.312 -11.885 0.55 43.72  ? 46  THR A C   1 
ATOM   322  O  O   . THR A 1 46  ? -8.557  -15.795 -12.670 0.55 46.70  ? 46  THR A O   1 
ATOM   323  C  CB  . THR A 1 46  ? -5.986  -18.143 -12.268 0.55 45.53  ? 46  THR A CB  1 
ATOM   324  O  OG1 . THR A 1 46  ? -5.932  -18.481 -10.881 0.55 47.23  ? 46  THR A OG1 1 
ATOM   325  C  CG2 . THR A 1 46  ? -4.665  -18.500 -12.913 0.55 45.11  ? 46  THR A CG2 1 
ATOM   326  N  N   . ALA A 1 47  ? -7.967  -16.544 -10.589 0.55 41.81  ? 47  ALA A N   1 
ATOM   327  C  CA  . ALA A 1 47  ? -9.251  -16.317 -9.883  0.55 39.57  ? 47  ALA A CA  1 
ATOM   328  C  C   . ALA A 1 47  ? -9.514  -14.812 -9.729  0.55 37.63  ? 47  ALA A C   1 
ATOM   329  O  O   . ALA A 1 47  ? -8.557  -14.025 -9.860  0.55 37.71  ? 47  ALA A O   1 
ATOM   330  C  CB  . ALA A 1 47  ? -9.226  -17.008 -8.542  0.55 38.66  ? 47  ALA A CB  1 
ATOM   331  N  N   . GLN A 1 48  ? -10.771 -14.444 -9.454  0.55 35.68  ? 48  GLN A N   1 
ATOM   332  C  CA  . GLN A 1 48  ? -11.230 -13.041 -9.259  0.55 33.68  ? 48  GLN A CA  1 
ATOM   333  C  C   . GLN A 1 48  ? -11.277 -12.708 -7.764  0.55 30.42  ? 48  GLN A C   1 
ATOM   334  O  O   . GLN A 1 48  ? -11.731 -13.568 -6.981  0.55 28.97  ? 48  GLN A O   1 
ATOM   335  C  CB  . GLN A 1 48  ? -12.617 -12.832 -9.867  0.55 36.67  ? 48  GLN A CB  1 
ATOM   336  C  CG  . GLN A 1 48  ? -12.584 -12.188 -11.245 0.55 38.46  ? 48  GLN A CG  1 
ATOM   337  C  CD  . GLN A 1 48  ? -13.950 -12.135 -11.885 0.55 40.18  ? 48  GLN A CD  1 
ATOM   338  O  OE1 . GLN A 1 48  ? -14.890 -12.792 -11.444 0.55 40.35  ? 48  GLN A OE1 1 
ATOM   339  N  NE2 . GLN A 1 48  ? -14.071 -11.341 -12.937 0.55 40.95  ? 48  GLN A NE2 1 
ATOM   340  N  N   . GLY A 1 49  ? -10.844 -11.497 -7.402  0.55 27.22  ? 49  GLY A N   1 
ATOM   341  C  CA  . GLY A 1 49  ? -10.857 -10.971 -6.022  0.55 26.83  ? 49  GLY A CA  1 
ATOM   342  C  C   . GLY A 1 49  ? -12.150 -10.232 -5.706  0.55 25.30  ? 49  GLY A C   1 
ATOM   343  O  O   . GLY A 1 49  ? -12.949 -9.996  -6.643  0.55 23.85  ? 49  GLY A O   1 
ATOM   344  N  N   . CYS A 1 50  ? -12.358 -9.886  -4.429  0.55 23.53  ? 50  CYS A N   1 
ATOM   345  C  CA  . CYS A 1 50  ? -13.612 -9.259  -3.921  0.55 23.09  ? 50  CYS A CA  1 
ATOM   346  C  C   . CYS A 1 50  ? -13.324 -7.928  -3.213  0.55 22.65  ? 50  CYS A C   1 
ATOM   347  O  O   . CYS A 1 50  ? -14.297 -7.278  -2.755  0.55 20.94  ? 50  CYS A O   1 
ATOM   348  C  CB  . CYS A 1 50  ? -14.346 -10.209 -2.983  0.55 23.30  ? 50  CYS A CB  1 
ATOM   349  S  SG  . CYS A 1 50  ? -14.360 -11.922 -3.571  0.55 23.87  ? 50  CYS A SG  1 
ATOM   350  N  N   . ASP A 1 51  ? -12.057 -7.508  -3.138  0.55 23.06  ? 51  ASP A N   1 
ATOM   351  C  CA  . ASP A 1 51  ? -11.682 -6.196  -2.548  0.55 22.59  ? 51  ASP A CA  1 
ATOM   352  C  C   . ASP A 1 51  ? -12.126 -5.098  -3.519  0.55 23.71  ? 51  ASP A C   1 
ATOM   353  O  O   . ASP A 1 51  ? -11.888 -5.236  -4.742  0.55 24.78  ? 51  ASP A O   1 
ATOM   354  C  CB  . ASP A 1 51  ? -10.188 -6.130  -2.203  0.55 23.05  ? 51  ASP A CB  1 
ATOM   355  C  CG  . ASP A 1 51  ? -9.729  -7.168  -1.185  0.55 23.11  ? 51  ASP A CG  1 
ATOM   356  O  OD1 . ASP A 1 51  ? -10.507 -7.451  -0.243  0.55 22.44  ? 51  ASP A OD1 1 
ATOM   357  O  OD2 . ASP A 1 51  ? -8.598  -7.689  -1.340  0.55 22.39  ? 51  ASP A OD2 1 
ATOM   358  N  N   . THR A 1 52  ? -12.794 -4.073  -2.998  0.55 22.23  ? 52  THR A N   1 
ATOM   359  C  CA  . THR A 1 52  ? -13.135 -2.828  -3.726  0.55 22.47  ? 52  THR A CA  1 
ATOM   360  C  C   . THR A 1 52  ? -12.071 -1.786  -3.377  0.55 23.21  ? 52  THR A C   1 
ATOM   361  O  O   . THR A 1 52  ? -11.812 -1.600  -2.173  0.55 22.86  ? 52  THR A O   1 
ATOM   362  C  CB  . THR A 1 52  ? -14.562 -2.368  -3.390  0.55 22.86  ? 52  THR A CB  1 
ATOM   363  O  OG1 . THR A 1 52  ? -15.460 -3.211  -4.115  0.55 22.42  ? 52  THR A OG1 1 
ATOM   364  C  CG2 . THR A 1 52  ? -14.837 -0.921  -3.743  0.55 22.22  ? 52  THR A CG2 1 
ATOM   365  N  N   . ILE A 1 53  ? -11.478 -1.145  -4.386  0.55 22.47  ? 53  ILE A N   1 
ATOM   366  C  CA  . ILE A 1 53  ? -10.539 -0.008  -4.186  0.55 23.36  ? 53  ILE A CA  1 
ATOM   367  C  C   . ILE A 1 53  ? -11.388 1.232   -3.902  0.55 24.13  ? 53  ILE A C   1 
ATOM   368  O  O   . ILE A 1 53  ? -12.312 1.513   -4.685  0.55 24.70  ? 53  ILE A O   1 
ATOM   369  C  CB  . ILE A 1 53  ? -9.599  0.185   -5.394  0.55 23.86  ? 53  ILE A CB  1 
ATOM   370  C  CG1 . ILE A 1 53  ? -8.831  -1.098  -5.736  0.55 23.71  ? 53  ILE A CG1 1 
ATOM   371  C  CG2 . ILE A 1 53  ? -8.663  1.361   -5.171  0.55 23.24  ? 53  ILE A CG2 1 
ATOM   372  C  CD1 . ILE A 1 53  ? -8.131  -1.747  -4.563  0.55 23.42  ? 53  ILE A CD1 1 
ATOM   373  N  N   . ALA A 1 54  ? -11.083 1.938   -2.817  1.00 23.49  ? 54  ALA A N   1 
ATOM   374  C  CA  . ALA A 1 54  ? -11.746 3.202   -2.471  1.00 23.90  ? 54  ALA A CA  1 
ATOM   375  C  C   . ALA A 1 54  ? -11.547 4.174   -3.625  1.00 25.07  ? 54  ALA A C   1 
ATOM   376  O  O   . ALA A 1 54  ? -10.466 4.136   -4.226  1.00 22.22  ? 54  ALA A O   1 
ATOM   377  C  CB  . ALA A 1 54  ? -11.161 3.742   -1.203  1.00 22.58  ? 54  ALA A CB  1 
ATOM   378  N  N   . ARG A 1 55  ? -12.554 5.020   -3.893  1.00 28.48  ? 55  ARG A N   1 
ATOM   379  C  CA  . ARG A 1 55  ? -12.509 6.112   -4.891  1.00 27.91  ? 55  ARG A CA  1 
ATOM   380  C  C   . ARG A 1 55  ? -13.049 7.353   -4.198  1.00 27.78  ? 55  ARG A C   1 
ATOM   381  O  O   . ARG A 1 55  ? -14.261 7.649   -4.288  1.00 27.90  ? 55  ARG A O   1 
ATOM   382  C  CB  . ARG A 1 55  ? -13.259 5.729   -6.172  1.00 27.71  ? 55  ARG A CB  1 
ATOM   383  C  CG  . ARG A 1 55  ? -12.758 4.448   -6.827  1.00 29.09  ? 55  ARG A CG  1 
ATOM   384  C  CD  . ARG A 1 55  ? -11.332 4.523   -7.352  1.00 27.87  ? 55  ARG A CD  1 
ATOM   385  N  NE  . ARG A 1 55  ? -10.932 3.219   -7.891  1.00 31.12  ? 55  ARG A NE  1 
ATOM   386  C  CZ  . ARG A 1 55  ? -9.661  2.817   -8.073  1.00 27.93  ? 55  ARG A CZ  1 
ATOM   387  N  NH1 . ARG A 1 55  ? -8.654  3.617   -7.763  1.00 27.42  ? 55  ARG A NH1 1 
ATOM   388  N  NH2 . ARG A 1 55  ? -9.403  1.613   -8.552  1.00 24.79  ? 55  ARG A NH2 1 
ATOM   389  N  N   . CYS A 1 56  ? -12.158 8.057   -3.522  1.00 27.31  ? 56  CYS A N   1 
ATOM   390  C  CA  . CYS A 1 56  ? -12.531 9.081   -2.528  1.00 24.85  ? 56  CYS A CA  1 
ATOM   391  C  C   . CYS A 1 56  ? -11.301 9.860   -2.133  1.00 25.50  ? 56  CYS A C   1 
ATOM   392  O  O   . CYS A 1 56  ? -10.187 9.454   -2.508  1.00 27.57  ? 56  CYS A O   1 
ATOM   393  C  CB  . CYS A 1 56  ? -13.102 8.409   -1.286  1.00 24.54  ? 56  CYS A CB  1 
ATOM   394  S  SG  . CYS A 1 56  ? -11.883 7.353   -0.450  1.00 26.76  ? 56  CYS A SG  1 
ATOM   395  N  N   A ASP A 1 57  ? -11.470 10.969  -1.413  0.28 24.54  ? 57  ASP A N   1 
ATOM   396  N  N   B ASP A 1 57  ? -11.550 10.912  -1.346  0.27 25.44  ? 57  ASP A N   1 
ATOM   397  C  CA  A ASP A 1 57  ? -10.349 11.709  -0.773  0.28 24.58  ? 57  ASP A CA  1 
ATOM   398  C  CA  B ASP A 1 57  ? -10.583 11.875  -0.768  0.27 25.79  ? 57  ASP A CA  1 
ATOM   399  C  C   A ASP A 1 57  ? -10.527 11.658  0.751   0.28 24.11  ? 57  ASP A C   1 
ATOM   400  C  C   B ASP A 1 57  ? -10.414 11.615  0.739   0.27 25.08  ? 57  ASP A C   1 
ATOM   401  O  O   A ASP A 1 57  ? -10.227 12.661  1.404   0.28 25.52  ? 57  ASP A O   1 
ATOM   402  O  O   B ASP A 1 57  ? -9.722  12.421  1.376   0.27 26.13  ? 57  ASP A O   1 
ATOM   403  C  CB  A ASP A 1 57  ? -10.251 13.148  -1.292  0.28 24.10  ? 57  ASP A CB  1 
ATOM   404  C  CB  B ASP A 1 57  ? -11.096 13.300  -1.009  0.27 26.02  ? 57  ASP A CB  1 
ATOM   405  C  CG  A ASP A 1 57  ? -11.465 13.990  -0.950  0.28 24.72  ? 57  ASP A CG  1 
ATOM   406  C  CG  B ASP A 1 57  ? -10.030 14.381  -1.066  0.27 26.48  ? 57  ASP A CG  1 
ATOM   407  O  OD1 A ASP A 1 57  ? -12.512 13.391  -0.638  0.28 24.38  ? 57  ASP A OD1 1 
ATOM   408  O  OD1 B ASP A 1 57  ? -8.894  14.067  -1.462  0.27 26.95  ? 57  ASP A OD1 1 
ATOM   409  O  OD2 A ASP A 1 57  ? -11.348 15.235  -0.995  0.28 25.35  ? 57  ASP A OD2 1 
ATOM   410  O  OD2 B ASP A 1 57  ? -10.361 15.545  -0.735  0.27 27.25  ? 57  ASP A OD2 1 
ATOM   411  N  N   . CYS A 1 58  ? -10.984 10.521  1.284   0.55 24.93  ? 58  CYS A N   1 
ATOM   412  C  CA  . CYS A 1 58  ? -11.009 10.215  2.744   0.55 24.30  ? 58  CYS A CA  1 
ATOM   413  C  C   . CYS A 1 58  ? -9.596  10.352  3.337   0.55 24.60  ? 58  CYS A C   1 
ATOM   414  O  O   . CYS A 1 58  ? -8.632  9.892   2.686   0.55 22.68  ? 58  CYS A O   1 
ATOM   415  C  CB  . CYS A 1 58  ? -11.532 8.809   3.023   0.55 24.25  ? 58  CYS A CB  1 
ATOM   416  S  SG  . CYS A 1 58  ? -13.303 8.596   2.701   0.55 22.82  ? 58  CYS A SG  1 
ATOM   417  N  N   . GLN A 1 59  ? -9.498  10.976  4.518   1.00 23.74  ? 59  GLN A N   1 
ATOM   418  C  CA  . GLN A 1 59  ? -8.249  11.130  5.308   1.00 22.86  ? 59  GLN A CA  1 
ATOM   419  C  C   . GLN A 1 59  ? -8.414  10.476  6.698   1.00 22.13  ? 59  GLN A C   1 
ATOM   420  O  O   . GLN A 1 59  ? -7.575  10.679  7.573   1.00 23.10  ? 59  GLN A O   1 
ATOM   421  C  CB  . GLN A 1 59  ? -7.933  12.617  5.470   1.00 26.34  ? 59  GLN A CB  1 
ATOM   422  C  CG  . GLN A 1 59  ? -7.453  13.242  4.174   1.00 27.66  ? 59  GLN A CG  1 
ATOM   423  C  CD  . GLN A 1 59  ? -6.736  14.546  4.397   1.00 30.10  ? 59  GLN A CD  1 
ATOM   424  O  OE1 . GLN A 1 59  ? -7.078  15.560  3.796   1.00 33.21  ? 59  GLN A OE1 1 
ATOM   425  N  NE2 . GLN A 1 59  ? -5.714  14.514  5.239   1.00 32.67  ? 59  GLN A NE2 1 
ATOM   426  N  N   . THR A 1 60  ? -9.487  9.705   6.874   0.55 20.69  ? 60  THR A N   1 
ATOM   427  C  CA  . THR A 1 60  ? -9.710  8.843   8.060   0.55 20.41  ? 60  THR A CA  1 
ATOM   428  C  C   . THR A 1 60  ? -9.893  7.415   7.536   0.55 19.29  ? 60  THR A C   1 
ATOM   429  O  O   . THR A 1 60  ? -10.317 7.257   6.376   0.55 19.72  ? 60  THR A O   1 
ATOM   430  C  CB  . THR A 1 60  ? -10.863 9.375   8.923   0.55 20.19  ? 60  THR A CB  1 
ATOM   431  O  OG1 . THR A 1 60  ? -12.039 9.339   8.119   0.55 21.68  ? 60  THR A OG1 1 
ATOM   432  C  CG2 . THR A 1 60  ? -10.636 10.788  9.414   0.55 20.72  ? 60  THR A CG2 1 
ATOM   433  N  N   . GLY A 1 61  ? -9.484  6.428   8.323   0.55 18.54  ? 61  GLY A N   1 
ATOM   434  C  CA  . GLY A 1 61  ? -9.559  5.006   7.949   0.55 18.75  ? 61  GLY A CA  1 
ATOM   435  C  C   . GLY A 1 61  ? -9.170  4.114   9.104   0.55 18.74  ? 61  GLY A C   1 
ATOM   436  O  O   . GLY A 1 61  ? -9.078  4.624   10.227  0.55 19.48  ? 61  GLY A O   1 
ATOM   437  N  N   . VAL A 1 62  ? -8.962  2.832   8.818   0.55 18.94  ? 62  VAL A N   1 
ATOM   438  C  CA  . VAL A 1 62  ? -8.474  1.796   9.772   0.55 20.31  ? 62  VAL A CA  1 
ATOM   439  C  C   . VAL A 1 62  ? -7.434  0.941   9.037   0.55 19.95  ? 62  VAL A C   1 
ATOM   440  O  O   . VAL A 1 62  ? -7.723  0.521   7.922   0.55 19.36  ? 62  VAL A O   1 
ATOM   441  C  CB  . VAL A 1 62  ? -9.641  0.936   10.295  0.55 20.15  ? 62  VAL A CB  1 
ATOM   442  C  CG1 . VAL A 1 62  ? -9.161  -0.188  11.196  0.55 20.32  ? 62  VAL A CG1 1 
ATOM   443  C  CG2 . VAL A 1 62  ? -10.688 1.783   11.000  0.55 21.01  ? 62  VAL A CG2 1 
ATOM   444  N  N   . TYR A 1 63  ? -6.269  0.697   9.643   0.55 20.77  ? 63  TYR A N   1 
ATOM   445  C  CA  . TYR A 1 63  ? -5.235  -0.218  9.090   0.55 21.39  ? 63  TYR A CA  1 
ATOM   446  C  C   . TYR A 1 63  ? -4.952  -1.330  10.094  0.55 22.10  ? 63  TYR A C   1 
ATOM   447  O  O   . TYR A 1 63  ? -5.213  -1.147  11.302  0.55 21.25  ? 63  TYR A O   1 
ATOM   448  C  CB  . TYR A 1 63  ? -3.956  0.529   8.712   0.55 21.54  ? 63  TYR A CB  1 
ATOM   449  C  CG  . TYR A 1 63  ? -2.977  0.790   9.832   0.55 21.52  ? 63  TYR A CG  1 
ATOM   450  C  CD1 . TYR A 1 63  ? -3.194  1.798   10.758  0.55 21.04  ? 63  TYR A CD1 1 
ATOM   451  C  CD2 . TYR A 1 63  ? -1.799  0.067   9.935   0.55 21.67  ? 63  TYR A CD2 1 
ATOM   452  C  CE1 . TYR A 1 63  ? -2.281  2.060   11.769  0.55 21.42  ? 63  TYR A CE1 1 
ATOM   453  C  CE2 . TYR A 1 63  ? -0.875  0.317   10.938  0.55 21.60  ? 63  TYR A CE2 1 
ATOM   454  C  CZ  . TYR A 1 63  ? -1.117  1.318   11.862  0.55 21.16  ? 63  TYR A CZ  1 
ATOM   455  O  OH  . TYR A 1 63  ? -0.207  1.579   12.848  0.55 21.23  ? 63  TYR A OH  1 
ATOM   456  N  N   . TYR A 1 64  ? -4.456  -2.455  9.585   0.55 22.34  ? 64  TYR A N   1 
ATOM   457  C  CA  . TYR A 1 64  ? -4.023  -3.615  10.391  0.55 23.40  ? 64  TYR A CA  1 
ATOM   458  C  C   . TYR A 1 64  ? -2.511  -3.535  10.602  0.55 24.21  ? 64  TYR A C   1 
ATOM   459  O  O   . TYR A 1 64  ? -1.759  -3.420  9.604   0.55 22.95  ? 64  TYR A O   1 
ATOM   460  C  CB  . TYR A 1 64  ? -4.391  -4.935  9.723   0.55 23.86  ? 64  TYR A CB  1 
ATOM   461  C  CG  . TYR A 1 64  ? -3.910  -6.119  10.515  0.55 26.08  ? 64  TYR A CG  1 
ATOM   462  C  CD1 . TYR A 1 64  ? -4.412  -6.366  11.784  0.55 26.19  ? 64  TYR A CD1 1 
ATOM   463  C  CD2 . TYR A 1 64  ? -2.917  -6.956  10.028  0.55 25.97  ? 64  TYR A CD2 1 
ATOM   464  C  CE1 . TYR A 1 64  ? -3.965  -7.439  12.537  0.55 27.30  ? 64  TYR A CE1 1 
ATOM   465  C  CE2 . TYR A 1 64  ? -2.460  -8.032  10.771  0.55 27.48  ? 64  TYR A CE2 1 
ATOM   466  C  CZ  . TYR A 1 64  ? -2.987  -8.275  12.030  0.55 27.13  ? 64  TYR A CZ  1 
ATOM   467  O  OH  . TYR A 1 64  ? -2.539  -9.329  12.774  0.55 29.19  ? 64  TYR A OH  1 
ATOM   468  N  N   . CYS A 1 65  ? -2.093  -3.597  11.866  1.00 24.53  ? 65  CYS A N   1 
ATOM   469  C  CA  . CYS A 1 65  ? -0.689  -3.565  12.286  1.00 24.48  ? 65  CYS A CA  1 
ATOM   470  C  C   . CYS A 1 65  ? -0.335  -4.950  12.837  1.00 26.75  ? 65  CYS A C   1 
ATOM   471  O  O   . CYS A 1 65  ? -0.653  -5.243  14.021  1.00 29.47  ? 65  CYS A O   1 
ATOM   472  C  CB  . CYS A 1 65  ? -0.552  -2.502  13.360  1.00 22.03  ? 65  CYS A CB  1 
ATOM   473  S  SG  . CYS A 1 65  ? 1.097   -2.454  14.109  1.00 22.47  ? 65  CYS A SG  1 
ATOM   474  N  N   . SER A 1 66  ? 0.289   -5.791  12.008  0.55 26.91  ? 66  SER A N   1 
ATOM   475  C  CA  . SER A 1 66  ? 0.687   -7.186  12.343  0.55 28.02  ? 66  SER A CA  1 
ATOM   476  C  C   . SER A 1 66  ? 1.575   -7.215  13.595  0.55 27.70  ? 66  SER A C   1 
ATOM   477  O  O   . SER A 1 66  ? 1.439   -8.170  14.389  0.55 27.24  ? 66  SER A O   1 
ATOM   478  C  CB  . SER A 1 66  ? 1.383   -7.833  11.187  0.55 29.03  ? 66  SER A CB  1 
ATOM   479  O  OG  . SER A 1 66  ? 2.565   -7.113  10.868  0.55 32.39  ? 66  SER A OG  1 
ATOM   480  N  N   . SER A 1 67  ? 2.428   -6.197  13.775  0.55 27.74  ? 67  SER A N   1 
ATOM   481  C  CA  . SER A 1 67  ? 3.399   -6.077  14.896  0.55 26.84  ? 67  SER A CA  1 
ATOM   482  C  C   . SER A 1 67  ? 2.696   -5.773  16.229  0.55 27.28  ? 67  SER A C   1 
ATOM   483  O  O   . SER A 1 67  ? 3.394   -5.783  17.266  0.55 26.65  ? 67  SER A O   1 
ATOM   484  C  CB  . SER A 1 67  ? 4.461   -5.051  14.582  0.55 25.09  ? 67  SER A CB  1 
ATOM   485  O  OG  . SER A 1 67  ? 3.976   -3.735  14.745  0.55 23.17  ? 67  SER A OG  1 
ATOM   486  N  N   . ARG A 1 68  ? 1.384   -5.494  16.203  1.00 28.35  ? 68  ARG A N   1 
ATOM   487  C  CA  . ARG A 1 68  ? 0.560   -5.254  17.421  1.00 28.11  ? 68  ARG A CA  1 
ATOM   488  C  C   . ARG A 1 68  ? -0.677  -6.156  17.444  1.00 29.20  ? 68  ARG A C   1 
ATOM   489  O  O   . ARG A 1 68  ? -1.489  -5.948  18.365  1.00 27.62  ? 68  ARG A O   1 
ATOM   490  C  CB  . ARG A 1 68  ? 0.125   -3.795  17.473  1.00 28.91  ? 68  ARG A CB  1 
ATOM   491  C  CG  . ARG A 1 68  ? 1.272   -2.854  17.791  1.00 33.72  ? 68  ARG A CG  1 
ATOM   492  C  CD  . ARG A 1 68  ? 1.749   -2.944  19.239  1.00 31.65  ? 68  ARG A CD  1 
ATOM   493  N  NE  . ARG A 1 68  ? 2.959   -2.152  19.433  1.00 31.73  ? 68  ARG A NE  1 
ATOM   494  C  CZ  . ARG A 1 68  ? 4.195   -2.596  19.227  1.00 30.85  ? 68  ARG A CZ  1 
ATOM   495  N  NH1 . ARG A 1 68  ? 4.407   -3.837  18.827  1.00 30.29  ? 68  ARG A NH1 1 
ATOM   496  N  NH2 . ARG A 1 68  ? 5.218   -1.787  19.428  1.00 32.72  ? 68  ARG A NH2 1 
ATOM   497  N  N   . ARG A 1 69  ? -0.789  -7.111  16.507  1.00 27.79  ? 69  ARG A N   1 
ATOM   498  C  CA  . ARG A 1 69  ? -2.036  -7.826  16.099  1.00 30.18  ? 69  ARG A CA  1 
ATOM   499  C  C   . ARG A 1 69  ? -3.276  -6.968  16.386  1.00 32.46  ? 69  ARG A C   1 
ATOM   500  O  O   . ARG A 1 69  ? -4.217  -7.466  17.049  1.00 31.96  ? 69  ARG A O   1 
ATOM   501  C  CB  . ARG A 1 69  ? -2.172  -9.148  16.856  1.00 31.85  ? 69  ARG A CB  1 
ATOM   502  C  CG  . ARG A 1 69  ? -1.106  -10.171 16.517  1.00 34.36  ? 69  ARG A CG  1 
ATOM   503  C  CD  . ARG A 1 69  ? -1.438  -11.497 17.152  1.00 35.75  ? 69  ARG A CD  1 
ATOM   504  N  NE  . ARG A 1 69  ? -0.371  -12.474 16.945  1.00 37.82  ? 69  ARG A NE  1 
ATOM   505  C  CZ  . ARG A 1 69  ? 0.510   -12.864 17.872  1.00 33.59  ? 69  ARG A CZ  1 
ATOM   506  N  NH1 . ARG A 1 69  ? 0.486   -12.346 19.093  1.00 34.63  ? 69  ARG A NH1 1 
ATOM   507  N  NH2 . ARG A 1 69  ? 1.420   -13.770 17.560  1.00 32.64  ? 69  ARG A NH2 1 
ATOM   508  N  N   . LYS A 1 70  ? -3.279  -5.718  15.904  0.55 31.20  ? 70  LYS A N   1 
ATOM   509  C  CA  . LYS A 1 70  ? -4.304  -4.693  16.238  0.55 31.29  ? 70  LYS A CA  1 
ATOM   510  C  C   . LYS A 1 70  ? -4.670  -3.859  15.004  0.55 30.63  ? 70  LYS A C   1 
ATOM   511  O  O   . LYS A 1 70  ? -3.759  -3.489  14.238  0.55 31.69  ? 70  LYS A O   1 
ATOM   512  C  CB  . LYS A 1 70  ? -3.792  -3.767  17.344  0.55 32.22  ? 70  LYS A CB  1 
ATOM   513  C  CG  . LYS A 1 70  ? -4.815  -2.769  17.870  0.55 33.38  ? 70  LYS A CG  1 
ATOM   514  C  CD  . LYS A 1 70  ? -4.432  -2.184  19.209  0.55 34.83  ? 70  LYS A CD  1 
ATOM   515  C  CE  . LYS A 1 70  ? -4.789  -3.068  20.383  0.55 36.20  ? 70  LYS A CE  1 
ATOM   516  N  NZ  . LYS A 1 70  ? -3.868  -2.851  21.529  0.55 36.72  ? 70  LYS A NZ  1 
ATOM   517  N  N   . HIS A 1 71  ? -5.964  -3.566  14.848  0.55 28.44  ? 71  HIS A N   1 
ATOM   518  C  CA  . HIS A 1 71  ? -6.523  -2.584  13.883  0.55 27.31  ? 71  HIS A CA  1 
ATOM   519  C  C   . HIS A 1 71  ? -6.613  -1.233  14.593  0.55 27.59  ? 71  HIS A C   1 
ATOM   520  O  O   . HIS A 1 71  ? -7.161  -1.205  15.715  0.55 29.12  ? 71  HIS A O   1 
ATOM   521  C  CB  . HIS A 1 71  ? -7.892  -3.045  13.367  0.55 26.10  ? 71  HIS A CB  1 
ATOM   522  C  CG  . HIS A 1 71  ? -7.883  -4.426  12.812  0.55 24.66  ? 71  HIS A CG  1 
ATOM   523  N  ND1 . HIS A 1 71  ? -8.096  -4.685  11.475  0.55 23.90  ? 71  HIS A ND1 1 
ATOM   524  C  CD2 . HIS A 1 71  ? -7.670  -5.619  13.404  0.55 24.26  ? 71  HIS A CD2 1 
ATOM   525  C  CE1 . HIS A 1 71  ? -8.015  -5.981  11.272  0.55 23.11  ? 71  HIS A CE1 1 
ATOM   526  N  NE2 . HIS A 1 71  ? -7.746  -6.574  12.435  0.55 24.26  ? 71  HIS A NE2 1 
ATOM   527  N  N   . TYR A 1 72  ? -6.072  -0.175  13.983  1.00 26.33  ? 72  TYR A N   1 
ATOM   528  C  CA  . TYR A 1 72  ? -6.063  1.182   14.575  1.00 24.69  ? 72  TYR A CA  1 
ATOM   529  C  C   . TYR A 1 72  ? -6.798  2.111   13.637  1.00 23.62  ? 72  TYR A C   1 
ATOM   530  O  O   . TYR A 1 72  ? -6.499  2.135   12.444  1.00 20.99  ? 72  TYR A O   1 
ATOM   531  C  CB  . TYR A 1 72  ? -4.659  1.774   14.742  1.00 26.51  ? 72  TYR A CB  1 
ATOM   532  C  CG  . TYR A 1 72  ? -3.797  1.027   15.723  1.00 27.21  ? 72  TYR A CG  1 
ATOM   533  C  CD1 . TYR A 1 72  ? -3.869  1.281   17.087  1.00 29.67  ? 72  TYR A CD1 1 
ATOM   534  C  CD2 . TYR A 1 72  ? -2.896  0.074   15.284  1.00 28.39  ? 72  TYR A CD2 1 
ATOM   535  C  CE1 . TYR A 1 72  ? -3.063  0.594   17.987  1.00 26.80  ? 72  TYR A CE1 1 
ATOM   536  C  CE2 . TYR A 1 72  ? -2.082  -0.623  16.166  1.00 27.12  ? 72  TYR A CE2 1 
ATOM   537  C  CZ  . TYR A 1 72  ? -2.194  -0.379  17.525  1.00 27.02  ? 72  TYR A CZ  1 
ATOM   538  O  OH  . TYR A 1 72  ? -1.384  -1.067  18.376  1.00 29.41  ? 72  TYR A OH  1 
ATOM   539  N  N   . PRO A 1 73  ? -7.708  2.931   14.194  1.00 21.07  ? 73  PRO A N   1 
ATOM   540  C  CA  . PRO A 1 73  ? -8.352  4.004   13.467  1.00 22.35  ? 73  PRO A CA  1 
ATOM   541  C  C   . PRO A 1 73  ? -7.344  5.142   13.437  1.00 21.77  ? 73  PRO A C   1 
ATOM   542  O  O   . PRO A 1 73  ? -6.664  5.380   14.428  1.00 24.78  ? 73  PRO A O   1 
ATOM   543  C  CB  . PRO A 1 73  ? -9.579  4.381   14.315  1.00 20.88  ? 73  PRO A CB  1 
ATOM   544  C  CG  . PRO A 1 73  ? -9.116  4.079   15.719  1.00 23.25  ? 73  PRO A CG  1 
ATOM   545  C  CD  . PRO A 1 73  ? -8.176  2.874   15.593  1.00 21.88  ? 73  PRO A CD  1 
ATOM   546  N  N   . VAL A 1 74  ? -7.241  5.794   12.283  1.00 19.05  ? 74  VAL A N   1 
ATOM   547  C  CA  . VAL A 1 74  ? -6.190  6.812   11.992  1.00 21.41  ? 74  VAL A CA  1 
ATOM   548  C  C   . VAL A 1 74  ? -6.724  7.876   11.056  1.00 20.39  ? 74  VAL A C   1 
ATOM   549  O  O   . VAL A 1 74  ? -7.601  7.554   10.186  1.00 19.71  ? 74  VAL A O   1 
ATOM   550  C  CB  . VAL A 1 74  ? -4.921  6.173   11.392  1.00 18.38  ? 74  VAL A CB  1 
ATOM   551  C  CG1 . VAL A 1 74  ? -4.109  5.450   12.455  1.00 20.28  ? 74  VAL A CG1 1 
ATOM   552  C  CG2 . VAL A 1 74  ? -5.208  5.244   10.227  1.00 17.04  ? 74  VAL A CG2 1 
ATOM   553  N  N   . SER A 1 75  ? -6.148  9.077   11.223  1.00 20.40  ? 75  SER A N   1 
ATOM   554  C  CA  . SER A 1 75  ? -6.092  10.174  10.237  1.00 22.62  ? 75  SER A CA  1 
ATOM   555  C  C   . SER A 1 75  ? -4.797  10.025  9.439   1.00 23.39  ? 75  SER A C   1 
ATOM   556  O  O   . SER A 1 75  ? -3.788  9.631   10.020  1.00 24.02  ? 75  SER A O   1 
ATOM   557  C  CB  . SER A 1 75  ? -6.136  11.505  10.908  1.00 22.06  ? 75  SER A CB  1 
ATOM   558  O  OG  . SER A 1 75  ? -7.127  11.504  11.897  1.00 24.75  ? 75  SER A OG  1 
ATOM   559  N  N   . PHE A 1 76  ? -4.840  10.333  8.151   1.00 21.93  ? 76  PHE A N   1 
ATOM   560  C  CA  . PHE A 1 76  ? -3.666  10.205  7.256   1.00 20.61  ? 76  PHE A CA  1 
ATOM   561  C  C   . PHE A 1 76  ? -3.700  11.369  6.270   1.00 21.38  ? 76  PHE A C   1 
ATOM   562  O  O   . PHE A 1 76  ? -4.809  11.851  5.886   1.00 21.73  ? 76  PHE A O   1 
ATOM   563  C  CB  . PHE A 1 76  ? -3.613  8.811   6.623   1.00 20.46  ? 76  PHE A CB  1 
ATOM   564  C  CG  . PHE A 1 76  ? -4.835  8.403   5.846   1.00 19.67  ? 76  PHE A CG  1 
ATOM   565  C  CD1 . PHE A 1 76  ? -5.861  7.723   6.463   1.00 19.10  ? 76  PHE A CD1 1 
ATOM   566  C  CD2 . PHE A 1 76  ? -4.950  8.703   4.493   1.00 18.97  ? 76  PHE A CD2 1 
ATOM   567  C  CE1 . PHE A 1 76  ? -6.998  7.362   5.759   1.00 19.17  ? 76  PHE A CE1 1 
ATOM   568  C  CE2 . PHE A 1 76  ? -6.093  8.346   3.789   1.00 19.77  ? 76  PHE A CE2 1 
ATOM   569  C  CZ  . PHE A 1 76  ? -7.109  7.665   4.424   1.00 20.22  ? 76  PHE A CZ  1 
ATOM   570  N  N   . SER A 1 77  ? -2.508  11.848  5.931   1.00 23.18  ? 77  SER A N   1 
ATOM   571  C  CA  . SER A 1 77  ? -2.292  12.973  4.989   1.00 23.18  ? 77  SER A CA  1 
ATOM   572  C  C   . SER A 1 77  ? -2.691  12.475  3.604   1.00 22.38  ? 77  SER A C   1 
ATOM   573  O  O   . SER A 1 77  ? -2.797  11.266  3.428   1.00 20.98  ? 77  SER A O   1 
ATOM   574  C  CB  . SER A 1 77  ? -0.875  13.441  5.002   1.00 23.49  ? 77  SER A CB  1 
ATOM   575  O  OG  . SER A 1 77  ? -0.019  12.359  4.745   1.00 22.23  ? 77  SER A OG  1 
ATOM   576  N  N   . LYS A 1 78  ? -2.910  13.374  2.655   1.00 25.37  ? 78  LYS A N   1 
ATOM   577  C  CA  . LYS A 1 78  ? -3.186  13.014  1.237   1.00 28.99  ? 78  LYS A CA  1 
ATOM   578  C  C   . LYS A 1 78  ? -1.922  12.435  0.616   1.00 27.97  ? 78  LYS A C   1 
ATOM   579  O  O   . LYS A 1 78  ? -0.822  12.678  1.099   1.00 29.42  ? 78  LYS A O   1 
ATOM   580  C  CB  . LYS A 1 78  ? -3.727  14.240  0.486   1.00 33.93  ? 78  LYS A CB  1 
ATOM   581  C  CG  . LYS A 1 78  ? -5.065  14.748  1.019   1.00 37.43  ? 78  LYS A CG  1 
ATOM   582  C  CD  . LYS A 1 78  ? -5.603  16.008  0.357   1.00 39.96  ? 78  LYS A CD  1 
ATOM   583  C  CE  . LYS A 1 78  ? -7.022  16.318  0.784   1.00 43.20  ? 78  LYS A CE  1 
ATOM   584  N  NZ  . LYS A 1 78  ? -7.813  16.934  -0.305  1.00 47.44  ? 78  LYS A NZ  1 
ATOM   585  N  N   . PRO A 1 79  ? -2.047  11.591  -0.432  1.00 27.74  ? 79  PRO A N   1 
ATOM   586  C  CA  . PRO A 1 79  ? -0.868  11.074  -1.123  1.00 27.67  ? 79  PRO A CA  1 
ATOM   587  C  C   . PRO A 1 79  ? 0.036   12.235  -1.582  1.00 29.98  ? 79  PRO A C   1 
ATOM   588  O  O   . PRO A 1 79  ? -0.424  13.167  -2.211  1.00 26.94  ? 79  PRO A O   1 
ATOM   589  C  CB  . PRO A 1 79  ? -1.458  10.307  -2.303  1.00 28.14  ? 79  PRO A CB  1 
ATOM   590  C  CG  . PRO A 1 79  ? -2.853  9.924   -1.858  1.00 29.09  ? 79  PRO A CG  1 
ATOM   591  C  CD  . PRO A 1 79  ? -3.309  11.090  -1.001  1.00 27.51  ? 79  PRO A CD  1 
ATOM   592  N  N   A SER A 1 80  ? 1.324   12.141  -1.241  0.25 29.44  ? 80  SER A N   1 
ATOM   593  N  N   B SER A 1 80  ? 1.324   12.158  -1.249  0.25 29.66  ? 80  SER A N   1 
ATOM   594  C  CA  A SER A 1 80  ? 2.359   13.176  -1.499  0.25 30.31  ? 80  SER A CA  1 
ATOM   595  C  CA  B SER A 1 80  ? 2.335   13.180  -1.620  0.25 30.66  ? 80  SER A CA  1 
ATOM   596  C  C   A SER A 1 80  ? 3.687   12.502  -1.858  0.25 29.79  ? 80  SER A C   1 
ATOM   597  C  C   B SER A 1 80  ? 3.701   12.519  -1.811  0.25 30.02  ? 80  SER A C   1 
ATOM   598  O  O   A SER A 1 80  ? 3.766   11.258  -1.743  0.25 27.85  ? 80  SER A O   1 
ATOM   599  O  O   B SER A 1 80  ? 3.819   11.301  -1.537  0.25 28.10  ? 80  SER A O   1 
ATOM   600  C  CB  A SER A 1 80  ? 2.521   14.076  -0.307  0.25 31.43  ? 80  SER A CB  1 
ATOM   601  C  CB  B SER A 1 80  ? 2.383   14.290  -0.602  0.25 32.24  ? 80  SER A CB  1 
ATOM   602  O  OG  A SER A 1 80  ? 1.268   14.568  0.142   0.25 34.19  ? 80  SER A OG  1 
ATOM   603  O  OG  B SER A 1 80  ? 1.421   15.295  -0.910  0.25 34.53  ? 80  SER A OG  1 
ATOM   604  N  N   . LEU A 1 81  ? 4.665   13.309  -2.293  1.00 28.56  ? 81  LEU A N   1 
ATOM   605  C  CA  . LEU A 1 81  ? 6.060   12.891  -2.533  1.00 29.83  ? 81  LEU A CA  1 
ATOM   606  C  C   . LEU A 1 81  ? 6.825   13.162  -1.233  1.00 28.32  ? 81  LEU A C   1 
ATOM   607  O  O   . LEU A 1 81  ? 7.015   14.316  -0.915  1.00 30.12  ? 81  LEU A O   1 
ATOM   608  C  CB  . LEU A 1 81  ? 6.548   13.735  -3.711  1.00 31.33  ? 81  LEU A CB  1 
ATOM   609  C  CG  . LEU A 1 81  ? 7.924   13.417  -4.304  1.00 31.29  ? 81  LEU A CG  1 
ATOM   610  C  CD1 . LEU A 1 81  ? 7.972   12.018  -4.905  1.00 31.40  ? 81  LEU A CD1 1 
ATOM   611  C  CD2 . LEU A 1 81  ? 8.263   14.446  -5.374  1.00 31.77  ? 81  LEU A CD2 1 
ATOM   612  N  N   . ILE A 1 82  ? 7.190   12.122  -0.483  1.00 28.11  ? 82  ILE A N   1 
ATOM   613  C  CA  . ILE A 1 82  ? 7.771   12.222  0.892   1.00 30.18  ? 82  ILE A CA  1 
ATOM   614  C  C   . ILE A 1 82  ? 9.195   11.654  0.907   1.00 29.29  ? 82  ILE A C   1 
ATOM   615  O  O   . ILE A 1 82  ? 9.425   10.541  0.388   1.00 27.02  ? 82  ILE A O   1 
ATOM   616  C  CB  . ILE A 1 82  ? 6.896   11.473  1.922   1.00 30.12  ? 82  ILE A CB  1 
ATOM   617  C  CG1 . ILE A 1 82  ? 5.428   11.900  1.862   1.00 30.03  ? 82  ILE A CG1 1 
ATOM   618  C  CG2 . ILE A 1 82  ? 7.480   11.618  3.326   1.00 30.25  ? 82  ILE A CG2 1 
ATOM   619  C  CD1 . ILE A 1 82  ? 5.231   13.397  1.890   1.00 33.88  ? 82  ILE A CD1 1 
ATOM   620  N  N   . PHE A 1 83  ? 10.121  12.341  1.564   1.00 29.47  ? 83  PHE A N   1 
ATOM   621  C  CA  . PHE A 1 83  ? 11.464  11.761  1.806   1.00 31.96  ? 83  PHE A CA  1 
ATOM   622  C  C   . PHE A 1 83  ? 11.360  10.616  2.822   1.00 28.86  ? 83  PHE A C   1 
ATOM   623  O  O   . PHE A 1 83  ? 10.854  10.812  3.914   1.00 31.17  ? 83  PHE A O   1 
ATOM   624  C  CB  . PHE A 1 83  ? 12.484  12.797  2.269   1.00 37.59  ? 83  PHE A CB  1 
ATOM   625  C  CG  . PHE A 1 83  ? 13.874  12.234  2.157   1.00 39.91  ? 83  PHE A CG  1 
ATOM   626  C  CD1 . PHE A 1 83  ? 14.470  12.117  0.912   1.00 42.05  ? 83  PHE A CD1 1 
ATOM   627  C  CD2 . PHE A 1 83  ? 14.535  11.730  3.263   1.00 41.31  ? 83  PHE A CD2 1 
ATOM   628  C  CE1 . PHE A 1 83  ? 15.736  11.570  0.786   1.00 44.79  ? 83  PHE A CE1 1 
ATOM   629  C  CE2 . PHE A 1 83  ? 15.799  11.182  3.136   1.00 40.72  ? 83  PHE A CE2 1 
ATOM   630  C  CZ  . PHE A 1 83  ? 16.389  11.097  1.899   1.00 42.71  ? 83  PHE A CZ  1 
ATOM   631  N  N   . VAL A 1 84  ? 11.850  9.437   2.437   0.50 28.94  ? 84  VAL A N   1 
ATOM   632  C  CA  . VAL A 1 84  ? 11.833  8.193   3.258   0.50 29.55  ? 84  VAL A CA  1 
ATOM   633  C  C   . VAL A 1 84  ? 13.283  7.772   3.511   0.50 32.31  ? 84  VAL A C   1 
ATOM   634  O  O   . VAL A 1 84  ? 13.998  7.503   2.519   0.50 33.20  ? 84  VAL A O   1 
ATOM   635  C  CB  . VAL A 1 84  ? 11.035  7.075   2.559   0.50 29.07  ? 84  VAL A CB  1 
ATOM   636  C  CG1 . VAL A 1 84  ? 11.080  5.772   3.337   0.50 29.01  ? 84  VAL A CG1 1 
ATOM   637  C  CG2 . VAL A 1 84  ? 9.597   7.492   2.299   0.50 28.91  ? 84  VAL A CG2 1 
ATOM   638  N  N   . GLU A 1 85  ? 13.689  7.731   4.787   1.00 32.97  ? 85  GLU A N   1 
ATOM   639  C  CA  . GLU A 1 85  ? 15.045  7.321   5.202   1.00 34.13  ? 85  GLU A CA  1 
ATOM   640  C  C   . GLU A 1 85  ? 15.248  5.929   4.627   1.00 36.33  ? 85  GLU A C   1 
ATOM   641  O  O   . GLU A 1 85  ? 14.254  5.180   4.490   1.00 38.81  ? 85  GLU A O   1 
ATOM   642  C  CB  . GLU A 1 85  ? 15.183  7.291   6.726   1.00 34.05  ? 85  GLU A CB  1 
ATOM   643  C  CG  . GLU A 1 85  ? 15.213  8.665   7.364   1.00 36.61  ? 85  GLU A CG  1 
ATOM   644  C  CD  . GLU A 1 85  ? 16.321  9.558   6.840   1.00 40.83  ? 85  GLU A CD  1 
ATOM   645  O  OE1 . GLU A 1 85  ? 17.493  9.112   6.866   1.00 36.48  ? 85  GLU A OE1 1 
ATOM   646  O  OE2 . GLU A 1 85  ? 16.004  10.677  6.356   1.00 43.91  ? 85  GLU A OE2 1 
ATOM   647  N  N   . ALA A 1 86  ? 16.496  5.601   4.284   0.50 33.61  ? 86  ALA A N   1 
ATOM   648  C  CA  . ALA A 1 86  ? 16.889  4.314   3.672   0.50 30.94  ? 86  ALA A CA  1 
ATOM   649  C  C   . ALA A 1 86  ? 16.327  3.171   4.520   0.50 29.09  ? 86  ALA A C   1 
ATOM   650  O  O   . ALA A 1 86  ? 16.209  3.341   5.747   0.50 28.23  ? 86  ALA A O   1 
ATOM   651  C  CB  . ALA A 1 86  ? 18.390  4.235   3.553   0.50 30.51  ? 86  ALA A CB  1 
ATOM   652  N  N   . SER A 1 87  ? 15.977  2.061   3.872   0.50 27.29  ? 87  SER A N   1 
ATOM   653  C  CA  . SER A 1 87  ? 15.541  0.795   4.510   0.50 26.24  ? 87  SER A CA  1 
ATOM   654  C  C   . SER A 1 87  ? 16.421  -0.330  3.965   0.50 26.13  ? 87  SER A C   1 
ATOM   655  O  O   . SER A 1 87  ? 17.381  -0.007  3.246   0.50 25.81  ? 87  SER A O   1 
ATOM   656  C  CB  . SER A 1 87  ? 14.083  0.536   4.251   0.50 26.22  ? 87  SER A CB  1 
ATOM   657  O  OG  . SER A 1 87  ? 13.828  0.498   2.855   0.50 25.80  ? 87  SER A OG  1 
ATOM   658  N  N   . GLU A 1 88  ? 16.098  -1.586  4.280   0.50 25.95  ? 88  GLU A N   1 
ATOM   659  C  CA  . GLU A 1 88  ? 16.844  -2.775  3.795   0.50 26.38  ? 88  GLU A CA  1 
ATOM   660  C  C   . GLU A 1 88  ? 16.643  -2.911  2.276   0.50 26.06  ? 88  GLU A C   1 
ATOM   661  O  O   . GLU A 1 88  ? 17.630  -3.199  1.566   0.50 24.57  ? 88  GLU A O   1 
ATOM   662  C  CB  . GLU A 1 88  ? 16.414  -4.025  4.572   0.50 28.77  ? 88  GLU A CB  1 
ATOM   663  C  CG  . GLU A 1 88  ? 14.915  -4.305  4.544   0.50 30.50  ? 88  GLU A CG  1 
ATOM   664  C  CD  . GLU A 1 88  ? 14.136  -3.954  5.808   0.50 31.83  ? 88  GLU A CD  1 
ATOM   665  O  OE1 . GLU A 1 88  ? 13.919  -4.869  6.636   0.50 31.91  ? 88  GLU A OE1 1 
ATOM   666  O  OE2 . GLU A 1 88  ? 13.712  -2.779  5.955   0.50 32.06  ? 88  GLU A OE2 1 
ATOM   667  N  N   A TYR A 1 89  ? 15.417  -2.682  1.792   0.25 25.18  ? 89  TYR A N   1 
ATOM   668  N  N   B TYR A 1 89  ? 15.416  -2.685  1.790   0.25 24.52  ? 89  TYR A N   1 
ATOM   669  C  CA  A TYR A 1 89  ? 14.987  -2.975  0.399   0.25 24.48  ? 89  TYR A CA  1 
ATOM   670  C  CA  B TYR A 1 89  ? 14.987  -2.977  0.397   0.25 23.54  ? 89  TYR A CA  1 
ATOM   671  C  C   A TYR A 1 89  ? 15.223  -1.745  -0.487  0.25 24.38  ? 89  TYR A C   1 
ATOM   672  C  C   B TYR A 1 89  ? 15.244  -1.751  -0.490  0.25 23.73  ? 89  TYR A C   1 
ATOM   673  O  O   A TYR A 1 89  ? 15.314  -1.881  -1.730  0.25 24.02  ? 89  TYR A O   1 
ATOM   674  O  O   B TYR A 1 89  ? 15.364  -1.892  -1.730  0.25 23.38  ? 89  TYR A O   1 
ATOM   675  C  CB  A TYR A 1 89  ? 13.526  -3.437  0.389   0.25 23.90  ? 89  TYR A CB  1 
ATOM   676  C  CB  B TYR A 1 89  ? 13.516  -3.402  0.373   0.25 22.45  ? 89  TYR A CB  1 
ATOM   677  C  CG  A TYR A 1 89  ? 12.729  -3.053  1.611   0.25 24.60  ? 89  TYR A CG  1 
ATOM   678  C  CG  B TYR A 1 89  ? 13.225  -4.722  1.046   0.25 22.52  ? 89  TYR A CG  1 
ATOM   679  C  CD1 A TYR A 1 89  ? 12.592  -3.924  2.682   0.25 24.79  ? 89  TYR A CD1 1 
ATOM   680  C  CD1 B TYR A 1 89  ? 13.400  -5.919  0.373   0.25 22.43  ? 89  TYR A CD1 1 
ATOM   681  C  CD2 A TYR A 1 89  ? 12.084  -1.829  1.689   0.25 24.55  ? 89  TYR A CD2 1 
ATOM   682  C  CD2 B TYR A 1 89  ? 12.757  -4.779  2.352   0.25 22.62  ? 89  TYR A CD2 1 
ATOM   683  C  CE1 A TYR A 1 89  ? 11.848  -3.584  3.802   0.25 25.24  ? 89  TYR A CE1 1 
ATOM   684  C  CE1 B TYR A 1 89  ? 13.139  -7.136  0.980   0.25 22.27  ? 89  TYR A CE1 1 
ATOM   685  C  CE2 A TYR A 1 89  ? 11.342  -1.469  2.802   0.25 24.53  ? 89  TYR A CE2 1 
ATOM   686  C  CE2 B TYR A 1 89  ? 12.495  -5.988  2.976   0.25 22.19  ? 89  TYR A CE2 1 
ATOM   687  C  CZ  A TYR A 1 89  ? 11.227  -2.350  3.864   0.25 24.76  ? 89  TYR A CZ  1 
ATOM   688  C  CZ  B TYR A 1 89  ? 12.681  -7.171  2.284   0.25 22.34  ? 89  TYR A CZ  1 
ATOM   689  O  OH  A TYR A 1 89  ? 10.514  -2.012  4.974   0.25 23.07  ? 89  TYR A OH  1 
ATOM   690  O  OH  B TYR A 1 89  ? 12.425  -8.374  2.868   0.25 21.47  ? 89  TYR A OH  1 
ATOM   691  N  N   . TYR A 1 90  ? 15.357  -0.576  0.136   0.50 25.26  ? 90  TYR A N   1 
ATOM   692  C  CA  . TYR A 1 90  ? 15.353  0.734   -0.557  0.50 27.62  ? 90  TYR A CA  1 
ATOM   693  C  C   . TYR A 1 90  ? 16.465  1.634   -0.039  0.50 29.14  ? 90  TYR A C   1 
ATOM   694  O  O   . TYR A 1 90  ? 16.893  1.521   1.109   0.50 29.72  ? 90  TYR A O   1 
ATOM   695  C  CB  . TYR A 1 90  ? 13.999  1.425   -0.390  0.50 29.32  ? 90  TYR A CB  1 
ATOM   696  C  CG  . TYR A 1 90  ? 12.903  0.823   -1.230  0.50 28.62  ? 90  TYR A CG  1 
ATOM   697  C  CD1 . TYR A 1 90  ? 13.117  0.523   -2.567  0.50 29.03  ? 90  TYR A CD1 1 
ATOM   698  C  CD2 . TYR A 1 90  ? 11.662  0.545   -0.688  0.50 27.79  ? 90  TYR A CD2 1 
ATOM   699  C  CE1 . TYR A 1 90  ? 12.116  -0.033  -3.348  0.50 28.34  ? 90  TYR A CE1 1 
ATOM   700  C  CE2 . TYR A 1 90  ? 10.653  -0.013  -1.452  0.50 27.06  ? 90  TYR A CE2 1 
ATOM   701  C  CZ  . TYR A 1 90  ? 10.880  -0.306  -2.782  0.50 27.00  ? 90  TYR A CZ  1 
ATOM   702  O  OH  . TYR A 1 90  ? 9.884   -0.853  -3.528  0.50 24.07  ? 90  TYR A OH  1 
ATOM   703  N  N   . PRO A 1 91  ? 16.953  2.542   -0.913  0.50 29.47  ? 91  PRO A N   1 
ATOM   704  C  CA  . PRO A 1 91  ? 17.890  3.597   -0.545  0.50 29.26  ? 91  PRO A CA  1 
ATOM   705  C  C   . PRO A 1 91  ? 17.131  4.881   -0.188  0.50 28.53  ? 91  PRO A C   1 
ATOM   706  O  O   . PRO A 1 91  ? 16.084  5.106   -0.760  0.50 27.72  ? 91  PRO A O   1 
ATOM   707  C  CB  . PRO A 1 91  ? 18.681  3.771   -1.850  0.50 30.55  ? 91  PRO A CB  1 
ATOM   708  C  CG  . PRO A 1 91  ? 17.647  3.528   -2.939  0.50 30.65  ? 91  PRO A CG  1 
ATOM   709  C  CD  . PRO A 1 91  ? 16.626  2.578   -2.346  0.50 30.78  ? 91  PRO A CD  1 
ATOM   710  N  N   . ALA A 1 92  ? 17.650  5.678   0.744   0.50 27.61  ? 92  ALA A N   1 
ATOM   711  C  CA  . ALA A 1 92  ? 17.014  6.941   1.175   0.50 28.82  ? 92  ALA A CA  1 
ATOM   712  C  C   . ALA A 1 92  ? 16.595  7.714   -0.081  0.50 30.05  ? 92  ALA A C   1 
ATOM   713  O  O   . ALA A 1 92  ? 17.492  8.076   -0.872  0.50 28.53  ? 92  ALA A O   1 
ATOM   714  C  CB  . ALA A 1 92  ? 17.960  7.735   2.038   0.50 29.43  ? 92  ALA A CB  1 
ATOM   715  N  N   . ARG A 1 93  ? 15.290  7.936   -0.272  0.50 30.43  ? 93  ARG A N   1 
ATOM   716  C  CA  . ARG A 1 93  ? 14.741  8.519   -1.528  0.50 31.01  ? 93  ARG A CA  1 
ATOM   717  C  C   . ARG A 1 93  ? 13.352  9.115   -1.294  0.50 31.82  ? 93  ARG A C   1 
ATOM   718  O  O   . ARG A 1 93  ? 12.780  8.894   -0.206  0.50 30.33  ? 93  ARG A O   1 
ATOM   719  C  CB  . ARG A 1 93  ? 14.636  7.434   -2.601  0.50 32.77  ? 93  ARG A CB  1 
ATOM   720  C  CG  . ARG A 1 93  ? 13.624  6.348   -2.264  0.50 33.31  ? 93  ARG A CG  1 
ATOM   721  C  CD  . ARG A 1 93  ? 13.075  5.638   -3.482  0.50 34.04  ? 93  ARG A CD  1 
ATOM   722  N  NE  . ARG A 1 93  ? 11.840  4.933   -3.163  0.50 33.69  ? 93  ARG A NE  1 
ATOM   723  C  CZ  . ARG A 1 93  ? 11.669  3.617   -3.263  0.50 36.77  ? 93  ARG A CZ  1 
ATOM   724  N  NH1 . ARG A 1 93  ? 12.653  2.840   -3.690  0.50 36.93  ? 93  ARG A NH1 1 
ATOM   725  N  NH2 . ARG A 1 93  ? 10.502  3.082   -2.941  0.50 36.77  ? 93  ARG A NH2 1 
ATOM   726  N  N   . TYR A 1 94  ? 12.839  9.828   -2.304  1.00 31.90  ? 94  TYR A N   1 
ATOM   727  C  CA  . TYR A 1 94  ? 11.477  10.419  -2.305  1.00 32.64  ? 94  TYR A CA  1 
ATOM   728  C  C   . TYR A 1 94  ? 10.478  9.375   -2.800  1.00 29.95  ? 94  TYR A C   1 
ATOM   729  O  O   . TYR A 1 94  ? 10.515  8.963   -3.990  1.00 26.43  ? 94  TYR A O   1 
ATOM   730  C  CB  . TYR A 1 94  ? 11.411  11.673  -3.164  1.00 36.22  ? 94  TYR A CB  1 
ATOM   731  C  CG  . TYR A 1 94  ? 11.987  12.882  -2.479  1.00 41.71  ? 94  TYR A CG  1 
ATOM   732  C  CD1 . TYR A 1 94  ? 11.198  13.679  -1.666  1.00 40.90  ? 94  TYR A CD1 1 
ATOM   733  C  CD2 . TYR A 1 94  ? 13.328  13.212  -2.624  1.00 40.17  ? 94  TYR A CD2 1 
ATOM   734  C  CE1 . TYR A 1 94  ? 11.718  14.799  -1.038  1.00 45.60  ? 94  TYR A CE1 1 
ATOM   735  C  CE2 . TYR A 1 94  ? 13.867  14.315  -1.987  1.00 41.99  ? 94  TYR A CE2 1 
ATOM   736  C  CZ  . TYR A 1 94  ? 13.059  15.113  -1.193  1.00 45.73  ? 94  TYR A CZ  1 
ATOM   737  O  OH  . TYR A 1 94  ? 13.575  16.209  -0.571  1.00 42.96  ? 94  TYR A OH  1 
ATOM   738  N  N   . GLN A 1 95  ? 9.653   8.886   -1.878  1.00 29.58  ? 95  GLN A N   1 
ATOM   739  C  CA  . GLN A 1 95  ? 8.587   7.920   -2.214  1.00 25.34  ? 95  GLN A CA  1 
ATOM   740  C  C   . GLN A 1 95  ? 7.366   8.747   -2.602  1.00 23.78  ? 95  GLN A C   1 
ATOM   741  O  O   . GLN A 1 95  ? 7.036   9.752   -1.906  1.00 22.49  ? 95  GLN A O   1 
ATOM   742  C  CB  . GLN A 1 95  ? 8.347   6.933   -1.070  1.00 27.25  ? 95  GLN A CB  1 
ATOM   743  C  CG  . GLN A 1 95  ? 7.379   5.831   -1.466  1.00 28.50  ? 95  GLN A CG  1 
ATOM   744  C  CD  . GLN A 1 95  ? 7.324   4.681   -0.490  1.00 29.09  ? 95  GLN A CD  1 
ATOM   745  O  OE1 . GLN A 1 95  ? 8.310   4.356   0.163   1.00 31.42  ? 95  GLN A OE1 1 
ATOM   746  N  NE2 . GLN A 1 95  ? 6.174   4.044   -0.396  1.00 26.45  ? 95  GLN A NE2 1 
ATOM   747  N  N   . SER A 1 96  ? 6.755   8.395   -3.723  1.00 21.77  ? 96  SER A N   1 
ATOM   748  C  CA  . SER A 1 96  ? 5.586   9.121   -4.266  1.00 21.85  ? 96  SER A CA  1 
ATOM   749  C  C   . SER A 1 96  ? 4.290   8.423   -3.829  1.00 20.55  ? 96  SER A C   1 
ATOM   750  O  O   . SER A 1 96  ? 4.332   7.200   -3.519  1.00 22.68  ? 96  SER A O   1 
ATOM   751  C  CB  . SER A 1 96  ? 5.683   9.240   -5.780  1.00 20.07  ? 96  SER A CB  1 
ATOM   752  O  OG  . SER A 1 96  ? 5.572   7.949   -6.357  1.00 19.78  ? 96  SER A OG  1 
ATOM   753  N  N   . HIS A 1 97  ? 3.191   9.161   -3.826  1.00 18.64  ? 97  HIS A N   1 
ATOM   754  C  CA  . HIS A 1 97  ? 1.813   8.674   -3.511  1.00 21.85  ? 97  HIS A CA  1 
ATOM   755  C  C   . HIS A 1 97  ? 1.799   8.062   -2.101  1.00 18.61  ? 97  HIS A C   1 
ATOM   756  O  O   . HIS A 1 97  ? 1.160   7.054   -1.909  1.00 21.51  ? 97  HIS A O   1 
ATOM   757  C  CB  . HIS A 1 97  ? 1.306   7.681   -4.577  1.00 22.55  ? 97  HIS A CB  1 
ATOM   758  C  CG  . HIS A 1 97  ? 1.311   8.241   -5.968  1.00 25.72  ? 97  HIS A CG  1 
ATOM   759  N  ND1 . HIS A 1 97  ? 0.169   8.728   -6.589  1.00 24.78  ? 97  HIS A ND1 1 
ATOM   760  C  CD2 . HIS A 1 97  ? 2.324   8.435   -6.848  1.00 26.86  ? 97  HIS A CD2 1 
ATOM   761  C  CE1 . HIS A 1 97  ? 0.487   9.158   -7.802  1.00 26.50  ? 97  HIS A CE1 1 
ATOM   762  N  NE2 . HIS A 1 97  ? 1.796   8.998   -7.984  1.00 23.91  ? 97  HIS A NE2 1 
ATOM   763  N  N   . LEU A 1 98  ? 2.508   8.662   -1.163  1.00 22.63  ? 98  LEU A N   1 
ATOM   764  C  CA  . LEU A 1 98  ? 2.646   8.117   0.206   1.00 21.77  ? 98  LEU A CA  1 
ATOM   765  C  C   . LEU A 1 98  ? 1.793   8.943   1.169   1.00 21.54  ? 98  LEU A C   1 
ATOM   766  O  O   . LEU A 1 98  ? 1.880   10.191  1.172   1.00 16.19  ? 98  LEU A O   1 
ATOM   767  C  CB  . LEU A 1 98  ? 4.119   8.101   0.609   1.00 23.47  ? 98  LEU A CB  1 
ATOM   768  C  CG  . LEU A 1 98  ? 4.426   7.469   1.967   1.00 21.15  ? 98  LEU A CG  1 
ATOM   769  C  CD1 . LEU A 1 98  ? 4.324   5.956   1.883   1.00 19.85  ? 98  LEU A CD1 1 
ATOM   770  C  CD2 . LEU A 1 98  ? 5.807   7.880   2.451   1.00 19.20  ? 98  LEU A CD2 1 
ATOM   771  N  N   . MET A 1 99  ? 1.022   8.253   2.006   1.00 21.12  ? 99  MET A N   1 
ATOM   772  C  CA  . MET A 1 99  ? 0.144   8.931   2.998   1.00 19.77  ? 99  MET A CA  1 
ATOM   773  C  C   . MET A 1 99  ? 0.684   8.578   4.378   1.00 19.15  ? 99  MET A C   1 
ATOM   774  O  O   . MET A 1 99  ? 1.044   7.400   4.571   1.00 20.68  ? 99  MET A O   1 
ATOM   775  C  CB  . MET A 1 99  ? -1.301  8.456   2.867   1.00 20.27  ? 99  MET A CB  1 
ATOM   776  C  CG  . MET A 1 99  ? -1.923  8.684   1.478   1.00 20.44  ? 99  MET A CG  1 
ATOM   777  S  SD  . MET A 1 99  ? -3.472  7.810   1.275   1.00 20.42  ? 99  MET A SD  1 
ATOM   778  C  CE  . MET A 1 99  ? -2.962  6.099   1.311   1.00 20.00  ? 99  MET A CE  1 
ATOM   779  N  N   . LEU A 1 100 ? 0.823   9.582   5.249   1.00 20.83  ? 100 LEU A N   1 
ATOM   780  C  CA  . LEU A 1 100 ? 1.423   9.378   6.605   1.00 21.29  ? 100 LEU A CA  1 
ATOM   781  C  C   . LEU A 1 100 ? 0.325   9.458   7.684   1.00 21.19  ? 100 LEU A C   1 
ATOM   782  O  O   . LEU A 1 100 ? -0.504  10.420  7.667   1.00 19.23  ? 100 LEU A O   1 
ATOM   783  C  CB  . LEU A 1 100 ? 2.501   10.459  6.827   1.00 21.33  ? 100 LEU A CB  1 
ATOM   784  C  CG  . LEU A 1 100 ? 3.823   10.247  6.072   1.00 21.59  ? 100 LEU A CG  1 
ATOM   785  C  CD1 . LEU A 1 100 ? 4.906   11.144  6.621   1.00 21.70  ? 100 LEU A CD1 1 
ATOM   786  C  CD2 . LEU A 1 100 ? 4.300   8.800   6.145   1.00 23.65  ? 100 LEU A CD2 1 
ATOM   787  N  N   . ALA A 1 101 ? 0.394   8.542   8.649   1.00 21.23  ? 101 ALA A N   1 
ATOM   788  C  CA  . ALA A 1 101 ? -0.373  8.585   9.913   1.00 23.31  ? 101 ALA A CA  1 
ATOM   789  C  C   . ALA A 1 101 ? 0.572   8.449   11.113  1.00 21.87  ? 101 ALA A C   1 
ATOM   790  O  O   . ALA A 1 101 ? 1.698   7.936   10.985  1.00 21.32  ? 101 ALA A O   1 
ATOM   791  C  CB  . ALA A 1 101 ? -1.426  7.494   9.933   1.00 25.18  ? 101 ALA A CB  1 
ATOM   792  N  N   . VAL A 1 102 ? 0.096   8.933   12.252  1.00 24.11  ? 102 VAL A N   1 
ATOM   793  C  CA  . VAL A 1 102 ? 0.672   8.589   13.578  1.00 22.67  ? 102 VAL A CA  1 
ATOM   794  C  C   . VAL A 1 102 ? 0.236   7.177   13.945  1.00 23.35  ? 102 VAL A C   1 
ATOM   795  O  O   . VAL A 1 102 ? -0.960  6.954   14.224  1.00 24.64  ? 102 VAL A O   1 
ATOM   796  C  CB  . VAL A 1 102 ? 0.282   9.607   14.655  1.00 22.38  ? 102 VAL A CB  1 
ATOM   797  C  CG1 . VAL A 1 102 ? 0.847   9.191   16.022  1.00 24.18  ? 102 VAL A CG1 1 
ATOM   798  C  CG2 . VAL A 1 102 ? 0.757   10.996  14.261  1.00 21.59  ? 102 VAL A CG2 1 
ATOM   799  N  N   . GLY A 1 103 ? 1.194   6.255   13.979  1.00 22.12  ? 103 GLY A N   1 
ATOM   800  C  CA  . GLY A 1 103 ? 0.965   4.915   14.514  1.00 22.44  ? 103 GLY A CA  1 
ATOM   801  C  C   . GLY A 1 103 ? 2.222   4.109   14.418  1.00 24.87  ? 103 GLY A C   1 
ATOM   802  O  O   . GLY A 1 103 ? 3.198   4.643   13.859  1.00 23.11  ? 103 GLY A O   1 
ATOM   803  N  N   . HIS A 1 104 ? 2.121   2.842   14.824  1.00 24.08  ? 104 HIS A N   1 
ATOM   804  C  CA  . HIS A 1 104 ? 3.217   1.864   14.905  1.00 24.10  ? 104 HIS A CA  1 
ATOM   805  C  C   . HIS A 1 104 ? 3.296   1.128   13.576  1.00 24.22  ? 104 HIS A C   1 
ATOM   806  O  O   . HIS A 1 104 ? 2.250   0.668   13.094  1.00 20.86  ? 104 HIS A O   1 
ATOM   807  C  CB  . HIS A 1 104 ? 3.043   0.911   16.109  1.00 24.24  ? 104 HIS A CB  1 
ATOM   808  C  CG  . HIS A 1 104 ? 4.262   0.091   16.352  1.00 22.86  ? 104 HIS A CG  1 
ATOM   809  N  ND1 . HIS A 1 104 ? 5.445   0.642   16.780  1.00 23.51  ? 104 HIS A ND1 1 
ATOM   810  C  CD2 . HIS A 1 104 ? 4.520   -1.212  16.099  1.00 22.48  ? 104 HIS A CD2 1 
ATOM   811  C  CE1 . HIS A 1 104 ? 6.386   -0.299  16.799  1.00 24.08  ? 104 HIS A CE1 1 
ATOM   812  N  NE2 . HIS A 1 104 ? 5.824   -1.462  16.409  1.00 23.28  ? 104 HIS A NE2 1 
ATOM   813  N  N   . SER A 1 105 ? 4.515   1.022   13.037  1.00 24.90  ? 105 SER A N   1 
ATOM   814  C  CA  . SER A 1 105 ? 4.828   0.278   11.800  1.00 25.86  ? 105 SER A CA  1 
ATOM   815  C  C   . SER A 1 105 ? 6.281   -0.180  11.828  1.00 26.77  ? 105 SER A C   1 
ATOM   816  O  O   . SER A 1 105 ? 7.183   0.698   11.818  1.00 34.31  ? 105 SER A O   1 
ATOM   817  C  CB  . SER A 1 105 ? 4.575   1.115   10.590  1.00 25.63  ? 105 SER A CB  1 
ATOM   818  O  OG  . SER A 1 105 ? 4.785   0.336   9.407   1.00 28.55  ? 105 SER A OG  1 
ATOM   819  N  N   . GLU A 1 106 ? 6.476   -1.489  11.803  1.00 29.37  ? 106 GLU A N   1 
ATOM   820  C  CA  . GLU A 1 106 ? 7.779   -2.150  11.555  1.00 32.24  ? 106 GLU A CA  1 
ATOM   821  C  C   . GLU A 1 106 ? 7.776   -2.693  10.131  1.00 34.76  ? 106 GLU A C   1 
ATOM   822  O  O   . GLU A 1 106 ? 6.725   -2.756  9.488   1.00 36.78  ? 106 GLU A O   1 
ATOM   823  C  CB  . GLU A 1 106 ? 7.986   -3.227  12.618  1.00 31.08  ? 106 GLU A CB  1 
ATOM   824  C  CG  . GLU A 1 106 ? 7.703   -2.691  14.001  1.00 34.21  ? 106 GLU A CG  1 
ATOM   825  C  CD  . GLU A 1 106 ? 7.796   -3.687  15.141  1.00 33.37  ? 106 GLU A CD  1 
ATOM   826  O  OE1 . GLU A 1 106 ? 8.238   -4.808  14.914  1.00 34.61  ? 106 GLU A OE1 1 
ATOM   827  O  OE2 . GLU A 1 106 ? 7.370   -3.327  16.229  1.00 34.24  ? 106 GLU A OE2 1 
ATOM   828  N  N   . PRO A 1 107 ? 8.949   -3.082  9.580   1.00 35.90  ? 107 PRO A N   1 
ATOM   829  C  CA  . PRO A 1 107 ? 9.038   -3.544  8.191   1.00 33.74  ? 107 PRO A CA  1 
ATOM   830  C  C   . PRO A 1 107 ? 8.037   -4.649  7.814   1.00 29.40  ? 107 PRO A C   1 
ATOM   831  O  O   . PRO A 1 107 ? 7.385   -4.550  6.760   1.00 28.55  ? 107 PRO A O   1 
ATOM   832  C  CB  . PRO A 1 107 ? 10.494  -4.039  8.137   1.00 36.41  ? 107 PRO A CB  1 
ATOM   833  C  CG  . PRO A 1 107 ? 11.211  -3.036  9.023   1.00 37.37  ? 107 PRO A CG  1 
ATOM   834  C  CD  . PRO A 1 107 ? 10.279  -2.987  10.221  1.00 39.51  ? 107 PRO A CD  1 
ATOM   835  N  N   . GLY A 1 108 ? 7.898   -5.652  8.675   1.00 25.94  ? 108 GLY A N   1 
ATOM   836  C  CA  . GLY A 1 108 ? 6.956   -6.774  8.485   1.00 24.50  ? 108 GLY A CA  1 
ATOM   837  C  C   . GLY A 1 108 ? 5.496   -6.312  8.495   1.00 24.04  ? 108 GLY A C   1 
ATOM   838  O  O   . GLY A 1 108 ? 4.640   -7.135  8.186   1.00 24.47  ? 108 GLY A O   1 
ATOM   839  N  N   . ASP A 1 109 ? 5.219   -5.045  8.848   1.00 23.05  ? 109 ASP A N   1 
ATOM   840  C  CA  . ASP A 1 109 ? 3.837   -4.499  8.810   1.00 23.63  ? 109 ASP A CA  1 
ATOM   841  C  C   . ASP A 1 109 ? 3.434   -4.175  7.368   1.00 22.38  ? 109 ASP A C   1 
ATOM   842  O  O   . ASP A 1 109 ? 2.214   -4.058  7.108   1.00 21.31  ? 109 ASP A O   1 
ATOM   843  C  CB  . ASP A 1 109 ? 3.647   -3.293  9.721   1.00 23.22  ? 109 ASP A CB  1 
ATOM   844  C  CG  . ASP A 1 109 ? 3.667   -3.692  11.185  1.00 22.15  ? 109 ASP A CG  1 
ATOM   845  O  OD1 . ASP A 1 109 ? 3.204   -4.796  11.488  1.00 21.54  ? 109 ASP A OD1 1 
ATOM   846  O  OD2 . ASP A 1 109 ? 4.135   -2.890  11.986  1.00 21.98  ? 109 ASP A OD2 1 
ATOM   847  N  N   . CYS A 1 110 ? 4.399   -4.065  6.446   1.00 22.99  ? 110 CYS A N   1 
ATOM   848  C  CA  . CYS A 1 110 ? 4.125   -3.826  5.001   1.00 20.40  ? 110 CYS A CA  1 
ATOM   849  C  C   . CYS A 1 110 ? 3.128   -4.879  4.504   1.00 20.90  ? 110 CYS A C   1 
ATOM   850  O  O   . CYS A 1 110 ? 3.244   -6.083  4.879   1.00 22.40  ? 110 CYS A O   1 
ATOM   851  C  CB  . CYS A 1 110 ? 5.415   -3.805  4.177   1.00 19.43  ? 110 CYS A CB  1 
ATOM   852  S  SG  . CYS A 1 110 ? 6.400   -2.319  4.494   1.00 20.38  ? 110 CYS A SG  1 
ATOM   853  N  N   . GLY A 1 111 ? 2.137   -4.433  3.750   1.00 20.20  ? 111 GLY A N   1 
ATOM   854  C  CA  . GLY A 1 111 ? 1.068   -5.261  3.177   1.00 22.52  ? 111 GLY A CA  1 
ATOM   855  C  C   . GLY A 1 111 ? -0.212  -5.166  3.995   1.00 24.41  ? 111 GLY A C   1 
ATOM   856  O  O   . GLY A 1 111 ? -1.271  -5.585  3.457   1.00 23.80  ? 111 GLY A O   1 
ATOM   857  N  N   . GLY A 1 112 ? -0.109  -4.713  5.255   1.00 22.28  ? 112 GLY A N   1 
ATOM   858  C  CA  . GLY A 1 112 ? -1.256  -4.346  6.105   1.00 22.06  ? 112 GLY A CA  1 
ATOM   859  C  C   . GLY A 1 112 ? -2.127  -3.340  5.380   1.00 20.63  ? 112 GLY A C   1 
ATOM   860  O  O   . GLY A 1 112 ? -1.634  -2.263  4.981   1.00 18.67  ? 112 GLY A O   1 
ATOM   861  N  N   . ILE A 1 113 ? -3.409  -3.666  5.221   0.55 20.34  ? 113 ILE A N   1 
ATOM   862  C  CA  . ILE A 1 113 ? -4.368  -2.838  4.437   0.55 20.41  ? 113 ILE A CA  1 
ATOM   863  C  C   . ILE A 1 113 ? -4.839  -1.652  5.290   0.55 19.56  ? 113 ILE A C   1 
ATOM   864  O  O   . ILE A 1 113 ? -5.037  -1.823  6.514   0.55 20.89  ? 113 ILE A O   1 
ATOM   865  C  CB  . ILE A 1 113 ? -5.525  -3.713  3.906   0.55 21.23  ? 113 ILE A CB  1 
ATOM   866  C  CG1 . ILE A 1 113 ? -5.064  -4.558  2.714   0.55 22.07  ? 113 ILE A CG1 1 
ATOM   867  C  CG2 . ILE A 1 113 ? -6.736  -2.864  3.550   0.55 21.35  ? 113 ILE A CG2 1 
ATOM   868  C  CD1 . ILE A 1 113 ? -6.109  -5.512  2.168   0.55 23.29  ? 113 ILE A CD1 1 
ATOM   869  N  N   . LEU A 1 114 ? -5.002  -0.494  4.647   1.00 18.81  ? 114 LEU A N   1 
ATOM   870  C  CA  . LEU A 1 114 ? -5.710  0.690   5.192   1.00 18.11  ? 114 LEU A CA  1 
ATOM   871  C  C   . LEU A 1 114 ? -7.036  0.729   4.439   1.00 19.78  ? 114 LEU A C   1 
ATOM   872  O  O   . LEU A 1 114 ? -7.005  0.705   3.182   1.00 18.37  ? 114 LEU A O   1 
ATOM   873  C  CB  . LEU A 1 114 ? -4.892  1.940   4.901   1.00 17.43  ? 114 LEU A CB  1 
ATOM   874  C  CG  . LEU A 1 114 ? -5.588  3.287   5.091   1.00 17.19  ? 114 LEU A CG  1 
ATOM   875  C  CD1 . LEU A 1 114 ? -5.912  3.517   6.563   1.00 19.22  ? 114 LEU A CD1 1 
ATOM   876  C  CD2 . LEU A 1 114 ? -4.701  4.390   4.567   1.00 17.32  ? 114 LEU A CD2 1 
ATOM   877  N  N   . ARG A 1 115 ? -8.149  0.782   5.181   0.55 19.55  ? 115 ARG A N   1 
ATOM   878  C  CA  . ARG A 1 115 ? -9.528  0.803   4.630   0.55 20.20  ? 115 ARG A CA  1 
ATOM   879  C  C   . ARG A 1 115 ? -10.290 2.013   5.172   0.55 20.92  ? 115 ARG A C   1 
ATOM   880  O  O   . ARG A 1 115 ? -10.045 2.425   6.322   0.55 21.31  ? 115 ARG A O   1 
ATOM   881  C  CB  . ARG A 1 115 ? -10.289 -0.473  4.992   0.55 20.57  ? 115 ARG A CB  1 
ATOM   882  C  CG  . ARG A 1 115 ? -9.937  -1.680  4.140   0.55 21.93  ? 115 ARG A CG  1 
ATOM   883  C  CD  . ARG A 1 115 ? -10.588 -2.923  4.699   0.55 22.43  ? 115 ARG A CD  1 
ATOM   884  N  NE  . ARG A 1 115 ? -10.072 -4.144  4.089   0.55 23.39  ? 115 ARG A NE  1 
ATOM   885  C  CZ  . ARG A 1 115 ? -10.461 -4.638  2.923   0.55 22.10  ? 115 ARG A CZ  1 
ATOM   886  N  NH1 . ARG A 1 115 ? -11.376 -4.006  2.208   0.55 21.88  ? 115 ARG A NH1 1 
ATOM   887  N  NH2 . ARG A 1 115 ? -9.920  -5.759  2.470   0.55 23.04  ? 115 ARG A NH2 1 
ATOM   888  N  N   . CYS A 1 116 ? -11.165 2.563   4.335   0.55 21.98  ? 116 CYS A N   1 
ATOM   889  C  CA  . CYS A 1 116 ? -12.237 3.528   4.689   0.55 23.29  ? 116 CYS A CA  1 
ATOM   890  C  C   . CYS A 1 116 ? -13.586 2.911   4.289   0.55 24.56  ? 116 CYS A C   1 
ATOM   891  O  O   . CYS A 1 116 ? -13.593 1.744   3.856   0.55 23.08  ? 116 CYS A O   1 
ATOM   892  C  CB  . CYS A 1 116 ? -12.016 4.853   3.974   0.55 22.91  ? 116 CYS A CB  1 
ATOM   893  S  SG  . CYS A 1 116 ? -12.270 4.735   2.183   0.55 22.96  ? 116 CYS A SG  1 
ATOM   894  N  N   . GLN A 1 117 ? -14.690 3.652   4.436   0.55 27.77  ? 117 GLN A N   1 
ATOM   895  C  CA  . GLN A 1 117 ? -16.056 3.177   4.071   0.55 29.47  ? 117 GLN A CA  1 
ATOM   896  C  C   . GLN A 1 117 ? -16.105 2.788   2.587   0.55 29.16  ? 117 GLN A C   1 
ATOM   897  O  O   . GLN A 1 117 ? -16.845 1.839   2.260   0.55 30.41  ? 117 GLN A O   1 
ATOM   898  C  CB  . GLN A 1 117 ? -17.118 4.247   4.331   0.55 30.77  ? 117 GLN A CB  1 
ATOM   899  C  CG  . GLN A 1 117 ? -16.914 5.514   3.517   0.55 31.30  ? 117 GLN A CG  1 
ATOM   900  C  CD  . GLN A 1 117 ? -18.012 6.515   3.763   0.55 31.78  ? 117 GLN A CD  1 
ATOM   901  O  OE1 . GLN A 1 117 ? -17.788 7.586   4.321   0.55 33.61  ? 117 GLN A OE1 1 
ATOM   902  N  NE2 . GLN A 1 117 ? -19.216 6.167   3.336   0.55 33.32  ? 117 GLN A NE2 1 
ATOM   903  N  N   . HIS A 1 118 ? -15.352 3.488   1.729   1.00 29.12  ? 118 HIS A N   1 
ATOM   904  C  CA  . HIS A 1 118 ? -15.401 3.287   0.255   1.00 25.96  ? 118 HIS A CA  1 
ATOM   905  C  C   . HIS A 1 118 ? -14.633 2.020   -0.158  1.00 30.12  ? 118 HIS A C   1 
ATOM   906  O  O   . HIS A 1 118 ? -14.831 1.577   -1.307  1.00 32.69  ? 118 HIS A O   1 
ATOM   907  C  CB  . HIS A 1 118 ? -14.940 4.558   -0.460  1.00 27.13  ? 118 HIS A CB  1 
ATOM   908  C  CG  . HIS A 1 118 ? -15.703 5.774   -0.038  1.00 25.50  ? 118 HIS A CG  1 
ATOM   909  N  ND1 . HIS A 1 118 ? -15.228 6.665   0.881   1.00 27.69  ? 118 HIS A ND1 1 
ATOM   910  C  CD2 . HIS A 1 118 ? -16.950 6.195   -0.356  1.00 26.03  ? 118 HIS A CD2 1 
ATOM   911  C  CE1 . HIS A 1 118 ? -16.127 7.615   1.099   1.00 27.57  ? 118 HIS A CE1 1 
ATOM   912  N  NE2 . HIS A 1 118 ? -17.182 7.374   0.308   1.00 26.88  ? 118 HIS A NE2 1 
ATOM   913  N  N   . GLY A 1 119 ? -13.796 1.455   0.727   1.00 25.86  ? 119 GLY A N   1 
ATOM   914  C  CA  . GLY A 1 119 ? -12.959 0.269   0.467   1.00 25.97  ? 119 GLY A CA  1 
ATOM   915  C  C   . GLY A 1 119 ? -11.464 0.496   0.719   1.00 25.96  ? 119 GLY A C   1 
ATOM   916  O  O   . GLY A 1 119 ? -11.084 1.301   1.613   1.00 23.76  ? 119 GLY A O   1 
ATOM   917  N  N   . VAL A 1 120 ? -10.620 -0.235  -0.010  1.00 23.28  ? 120 VAL A N   1 
ATOM   918  C  CA  . VAL A 1 120 ? -9.141  -0.234  0.221   1.00 20.92  ? 120 VAL A CA  1 
ATOM   919  C  C   . VAL A 1 120 ? -8.550  1.101   -0.254  1.00 18.54  ? 120 VAL A C   1 
ATOM   920  O  O   . VAL A 1 120 ? -8.723  1.488   -1.463  1.00 16.54  ? 120 VAL A O   1 
ATOM   921  C  CB  . VAL A 1 120 ? -8.456  -1.448  -0.426  1.00 25.50  ? 120 VAL A CB  1 
ATOM   922  C  CG1 . VAL A 1 120 ? -6.951  -1.409  -0.192  1.00 27.21  ? 120 VAL A CG1 1 
ATOM   923  C  CG2 . VAL A 1 120 ? -9.047  -2.753  0.069   1.00 27.90  ? 120 VAL A CG2 1 
ATOM   924  N  N   . VAL A 1 121 ? -7.864  1.787   0.672   1.00 16.75  ? 121 VAL A N   1 
ATOM   925  C  CA  . VAL A 1 121 ? -7.155  3.067   0.447   1.00 17.25  ? 121 VAL A CA  1 
ATOM   926  C  C   . VAL A 1 121 ? -5.692  2.801   0.050   1.00 17.37  ? 121 VAL A C   1 
ATOM   927  O  O   . VAL A 1 121 ? -5.227  3.427   -0.917  1.00 16.47  ? 121 VAL A O   1 
ATOM   928  C  CB  . VAL A 1 121 ? -7.249  3.942   1.697   1.00 17.30  ? 121 VAL A CB  1 
ATOM   929  C  CG1 . VAL A 1 121 ? -6.499  5.239   1.498   1.00 17.81  ? 121 VAL A CG1 1 
ATOM   930  C  CG2 . VAL A 1 121 ? -8.705  4.194   2.061   1.00 18.53  ? 121 VAL A CG2 1 
ATOM   931  N  N   . GLY A 1 122 ? -5.024  1.862   0.735   1.00 19.51  ? 122 GLY A N   1 
ATOM   932  C  CA  . GLY A 1 122 ? -3.582  1.604   0.571   1.00 20.15  ? 122 GLY A CA  1 
ATOM   933  C  C   . GLY A 1 122 ? -3.067  0.409   1.348   1.00 22.36  ? 122 GLY A C   1 
ATOM   934  O  O   . GLY A 1 122 ? -3.867  -0.319  2.007   1.00 16.03  ? 122 GLY A O   1 
ATOM   935  N  N   . ILE A 1 123 ? -1.740  0.219   1.278   1.00 21.07  ? 123 ILE A N   1 
ATOM   936  C  CA  . ILE A 1 123 ? -1.008  -0.802  2.083   1.00 21.13  ? 123 ILE A CA  1 
ATOM   937  C  C   . ILE A 1 123 ? 0.158   -0.120  2.790   1.00 19.36  ? 123 ILE A C   1 
ATOM   938  O  O   . ILE A 1 123 ? 0.760   0.846   2.246   1.00 16.60  ? 123 ILE A O   1 
ATOM   939  C  CB  . ILE A 1 123 ? -0.586  -2.022  1.251   1.00 21.18  ? 123 ILE A CB  1 
ATOM   940  C  CG1 . ILE A 1 123 ? -0.005  -1.655  -0.116  1.00 21.61  ? 123 ILE A CG1 1 
ATOM   941  C  CG2 . ILE A 1 123 ? -1.749  -2.998  1.107   1.00 23.81  ? 123 ILE A CG2 1 
ATOM   942  C  CD1 . ILE A 1 123 ? 0.731   -2.815  -0.741  1.00 23.33  ? 123 ILE A CD1 1 
ATOM   943  N  N   . VAL A 1 124 ? 0.395   -0.548  4.020   1.00 17.80  ? 124 VAL A N   1 
ATOM   944  C  CA  . VAL A 1 124 ? 1.588   -0.104  4.767   1.00 19.18  ? 124 VAL A CA  1 
ATOM   945  C  C   . VAL A 1 124 ? 2.825   -0.276  3.856   1.00 19.18  ? 124 VAL A C   1 
ATOM   946  O  O   . VAL A 1 124 ? 3.001   -1.380  3.250   1.00 17.47  ? 124 VAL A O   1 
ATOM   947  C  CB  . VAL A 1 124 ? 1.721   -0.909  6.056   1.00 18.56  ? 124 VAL A CB  1 
ATOM   948  C  CG1 . VAL A 1 124 ? 3.072   -0.618  6.667   1.00 17.15  ? 124 VAL A CG1 1 
ATOM   949  C  CG2 . VAL A 1 124 ? 0.576   -0.599  7.007   1.00 17.45  ? 124 VAL A CG2 1 
ATOM   950  N  N   . SER A 1 125 ? 3.628   0.783   3.741   1.00 18.31  ? 125 SER A N   1 
ATOM   951  C  CA  . SER A 1 125 ? 4.890   0.804   2.961   1.00 20.63  ? 125 SER A CA  1 
ATOM   952  C  C   . SER A 1 125 ? 6.045   1.328   3.812   1.00 21.57  ? 125 SER A C   1 
ATOM   953  O  O   . SER A 1 125 ? 7.194   0.796   3.665   1.00 20.40  ? 125 SER A O   1 
ATOM   954  C  CB  . SER A 1 125 ? 4.745   1.576   1.683   1.00 19.93  ? 125 SER A CB  1 
ATOM   955  O  OG  . SER A 1 125 ? 5.961   1.505   0.927   1.00 21.56  ? 125 SER A OG  1 
ATOM   956  N  N   . THR A 1 126 ? 5.789   2.314   4.692   1.00 23.33  ? 126 THR A N   1 
ATOM   957  C  CA  . THR A 1 126 ? 6.865   2.918   5.530   1.00 24.68  ? 126 THR A CA  1 
ATOM   958  C  C   . THR A 1 126 ? 6.524   2.887   7.029   1.00 27.45  ? 126 THR A C   1 
ATOM   959  O  O   . THR A 1 126 ? 5.325   2.910   7.399   1.00 26.36  ? 126 THR A O   1 
ATOM   960  C  CB  . THR A 1 126 ? 7.223   4.315   5.018   1.00 23.33  ? 126 THR A CB  1 
ATOM   961  O  OG1 . THR A 1 126 ? 6.206   5.223   5.418   1.00 23.86  ? 126 THR A OG1 1 
ATOM   962  C  CG2 . THR A 1 126 ? 7.397   4.344   3.516   1.00 26.08  ? 126 THR A CG2 1 
ATOM   963  N  N   . GLY A 1 127 ? 7.566   2.830   7.865   1.00 29.29  ? 127 GLY A N   1 
ATOM   964  C  CA  . GLY A 1 127 ? 7.481   3.005   9.326   1.00 33.66  ? 127 GLY A CA  1 
ATOM   965  C  C   . GLY A 1 127 ? 8.704   3.728   9.865   1.00 35.61  ? 127 GLY A C   1 
ATOM   966  O  O   . GLY A 1 127 ? 9.727   3.783   9.168   1.00 32.67  ? 127 GLY A O   1 
ATOM   967  N  N   . GLY A 1 128 ? 8.600   4.269   11.072  1.00 36.45  ? 128 GLY A N   1 
ATOM   968  C  CA  . GLY A 1 128 ? 9.730   4.885   11.783  1.00 37.14  ? 128 GLY A CA  1 
ATOM   969  C  C   . GLY A 1 128 ? 9.257   6.093   12.542  1.00 35.22  ? 128 GLY A C   1 
ATOM   970  O  O   . GLY A 1 128 ? 8.379   6.827   12.021  1.00 33.32  ? 128 GLY A O   1 
ATOM   971  N  N   . ASN A 1 129 ? 9.825   6.303   13.722  1.00 36.60  ? 129 ASN A N   1 
ATOM   972  C  CA  . ASN A 1 129 ? 9.593   7.530   14.515  1.00 36.88  ? 129 ASN A CA  1 
ATOM   973  C  C   . ASN A 1 129 ? 8.097   7.659   14.822  1.00 34.36  ? 129 ASN A C   1 
ATOM   974  O  O   . ASN A 1 129 ? 7.602   8.806   14.877  1.00 35.46  ? 129 ASN A O   1 
ATOM   975  C  CB  . ASN A 1 129 ? 10.139  8.769   13.796  1.00 42.09  ? 129 ASN A CB  1 
ATOM   976  C  CG  . ASN A 1 129 ? 11.647  8.782   13.675  1.00 45.52  ? 129 ASN A CG  1 
ATOM   977  O  OD1 . ASN A 1 129 ? 12.333  7.963   14.288  1.00 45.31  ? 129 ASN A OD1 1 
ATOM   978  N  ND2 . ASN A 1 129 ? 12.165  9.717   12.890  1.00 46.95  ? 129 ASN A ND2 1 
ATOM   979  N  N   . GLY A 1 130 ? 7.427   6.539   15.103  1.00 29.59  ? 130 GLY A N   1 
ATOM   980  C  CA  . GLY A 1 130 ? 6.005   6.520   15.507  1.00 30.14  ? 130 GLY A CA  1 
ATOM   981  C  C   . GLY A 1 130 ? 5.080   6.982   14.384  1.00 27.67  ? 130 GLY A C   1 
ATOM   982  O  O   . GLY A 1 130 ? 3.976   7.443   14.675  1.00 28.37  ? 130 GLY A O   1 
ATOM   983  N  N   . LEU A 1 131 ? 5.534   6.877   13.133  1.00 27.48  ? 131 LEU A N   1 
ATOM   984  C  CA  . LEU A 1 131 ? 4.702   7.124   11.944  1.00 25.51  ? 131 LEU A CA  1 
ATOM   985  C  C   . LEU A 1 131 ? 4.508   5.807   11.221  1.00 25.71  ? 131 LEU A C   1 
ATOM   986  O  O   . LEU A 1 131 ? 5.361   4.895   11.366  1.00 27.08  ? 131 LEU A O   1 
ATOM   987  C  CB  . LEU A 1 131 ? 5.338   8.151   11.014  1.00 26.74  ? 131 LEU A CB  1 
ATOM   988  C  CG  . LEU A 1 131 ? 5.642   9.500   11.643  1.00 27.73  ? 131 LEU A CG  1 
ATOM   989  C  CD1 . LEU A 1 131 ? 6.391   10.378  10.665  1.00 33.25  ? 131 LEU A CD1 1 
ATOM   990  C  CD2 . LEU A 1 131 ? 4.380   10.199  12.108  1.00 31.61  ? 131 LEU A CD2 1 
ATOM   991  N  N   . VAL A 1 132 ? 3.430   5.761   10.454  1.00 20.86  ? 132 VAL A N   1 
ATOM   992  C  CA  . VAL A 1 132 ? 3.171   4.676   9.484   1.00 20.12  ? 132 VAL A CA  1 
ATOM   993  C  C   . VAL A 1 132 ? 2.855   5.341   8.143   1.00 17.80  ? 132 VAL A C   1 
ATOM   994  O  O   . VAL A 1 132 ? 2.076   6.310   8.095   1.00 19.54  ? 132 VAL A O   1 
ATOM   995  C  CB  . VAL A 1 132 ? 2.069   3.727   9.979   1.00 20.71  ? 132 VAL A CB  1 
ATOM   996  C  CG1 . VAL A 1 132 ? 0.780   4.468   10.329  1.00 21.51  ? 132 VAL A CG1 1 
ATOM   997  C  CG2 . VAL A 1 132 ? 1.820   2.594   8.991   1.00 20.33  ? 132 VAL A CG2 1 
ATOM   998  N  N   . GLY A 1 133 ? 3.505   4.832   7.109   1.00 17.72  ? 133 GLY A N   1 
ATOM   999  C  CA  . GLY A 1 133 ? 3.330   5.249   5.703   1.00 18.65  ? 133 GLY A CA  1 
ATOM   1000 C  C   . GLY A 1 133 ? 2.566   4.233   4.866   1.00 17.04  ? 133 GLY A C   1 
ATOM   1001 O  O   . GLY A 1 133 ? 2.926   3.048   4.872   1.00 17.27  ? 133 GLY A O   1 
ATOM   1002 N  N   . PHE A 1 134 ? 1.511   4.686   4.184   1.00 18.27  ? 134 PHE A N   1 
ATOM   1003 C  CA  . PHE A 1 134 ? 0.650   3.851   3.311   1.00 18.36  ? 134 PHE A CA  1 
ATOM   1004 C  C   . PHE A 1 134 ? 0.855   4.309   1.858   1.00 18.77  ? 134 PHE A C   1 
ATOM   1005 O  O   . PHE A 1 134 ? 0.859   5.515   1.570   1.00 16.54  ? 134 PHE A O   1 
ATOM   1006 C  CB  . PHE A 1 134 ? -0.820  4.001   3.710   1.00 17.89  ? 134 PHE A CB  1 
ATOM   1007 C  CG  . PHE A 1 134 ? -1.086  3.846   5.187   1.00 16.03  ? 134 PHE A CG  1 
ATOM   1008 C  CD1 . PHE A 1 134 ? -1.321  2.601   5.755   1.00 16.66  ? 134 PHE A CD1 1 
ATOM   1009 C  CD2 . PHE A 1 134 ? -1.180  4.959   5.998   1.00 17.91  ? 134 PHE A CD2 1 
ATOM   1010 C  CE1 . PHE A 1 134 ? -1.617  2.470   7.106   1.00 16.22  ? 134 PHE A CE1 1 
ATOM   1011 C  CE2 . PHE A 1 134 ? -1.485  4.827   7.348   1.00 17.66  ? 134 PHE A CE2 1 
ATOM   1012 C  CZ  . PHE A 1 134 ? -1.697  3.594   7.900   1.00 16.66  ? 134 PHE A CZ  1 
ATOM   1013 N  N   . ALA A 1 135 ? 1.080   3.349   0.984   1.00 16.81  ? 135 ALA A N   1 
ATOM   1014 C  CA  . ALA A 1 135 ? 1.128   3.507   -0.481  1.00 17.87  ? 135 ALA A CA  1 
ATOM   1015 C  C   . ALA A 1 135 ? -0.317  3.558   -0.986  1.00 18.57  ? 135 ALA A C   1 
ATOM   1016 O  O   . ALA A 1 135 ? -1.039  2.558   -0.862  1.00 16.99  ? 135 ALA A O   1 
ATOM   1017 C  CB  . ALA A 1 135 ? 1.915   2.355   -1.080  1.00 18.57  ? 135 ALA A CB  1 
ATOM   1018 N  N   . ASP A 1 136 ? -0.738  4.710   -1.466  1.00 19.08  ? 136 ASP A N   1 
ATOM   1019 C  CA  . ASP A 1 136 ? -2.102  4.912   -2.016  1.00 22.85  ? 136 ASP A CA  1 
ATOM   1020 C  C   . ASP A 1 136 ? -2.327  4.039   -3.250  1.00 22.22  ? 136 ASP A C   1 
ATOM   1021 O  O   . ASP A 1 136 ? -1.386  3.866   -4.071  1.00 23.11  ? 136 ASP A O   1 
ATOM   1022 C  CB  . ASP A 1 136 ? -2.362  6.376   -2.348  1.00 21.12  ? 136 ASP A CB  1 
ATOM   1023 C  CG  . ASP A 1 136 ? -3.808  6.577   -2.759  1.00 22.21  ? 136 ASP A CG  1 
ATOM   1024 O  OD1 . ASP A 1 136 ? -4.682  6.053   -2.036  1.00 24.00  ? 136 ASP A OD1 1 
ATOM   1025 O  OD2 . ASP A 1 136 ? -4.057  7.198   -3.846  1.00 25.40  ? 136 ASP A OD2 1 
ATOM   1026 N  N   . VAL A 1 137 ? -3.538  3.523   -3.424  1.00 21.76  ? 137 VAL A N   1 
ATOM   1027 C  CA  . VAL A 1 137 ? -3.892  2.822   -4.691  1.00 22.38  ? 137 VAL A CA  1 
ATOM   1028 C  C   . VAL A 1 137 ? -5.170  3.429   -5.305  1.00 25.53  ? 137 VAL A C   1 
ATOM   1029 O  O   . VAL A 1 137 ? -5.591  2.938   -6.341  1.00 24.98  ? 137 VAL A O   1 
ATOM   1030 C  CB  . VAL A 1 137 ? -3.987  1.304   -4.425  1.00 21.28  ? 137 VAL A CB  1 
ATOM   1031 C  CG1 . VAL A 1 137 ? -2.689  0.741   -3.882  1.00 20.74  ? 137 VAL A CG1 1 
ATOM   1032 C  CG2 . VAL A 1 137 ? -5.131  0.949   -3.482  1.00 20.81  ? 137 VAL A CG2 1 
ATOM   1033 N  N   . ARG A 1 138 ? -5.702  4.528   -4.750  1.00 26.55  ? 138 ARG A N   1 
ATOM   1034 C  CA  . ARG A 1 138 ? -7.038  5.061   -5.083  1.00 23.82  ? 138 ARG A CA  1 
ATOM   1035 C  C   . ARG A 1 138 ? -6.971  5.713   -6.471  1.00 28.70  ? 138 ARG A C   1 
ATOM   1036 O  O   . ARG A 1 138 ? -8.016  5.755   -7.173  1.00 30.19  ? 138 ARG A O   1 
ATOM   1037 C  CB  . ARG A 1 138 ? -7.516  6.027   -3.999  1.00 23.08  ? 138 ARG A CB  1 
ATOM   1038 C  CG  . ARG A 1 138 ? -7.933  5.315   -2.716  1.00 21.95  ? 138 ARG A CG  1 
ATOM   1039 C  CD  . ARG A 1 138 ? -8.373  6.287   -1.638  1.00 19.38  ? 138 ARG A CD  1 
ATOM   1040 N  NE  . ARG A 1 138 ? -7.248  7.110   -1.223  1.00 19.69  ? 138 ARG A NE  1 
ATOM   1041 C  CZ  . ARG A 1 138 ? -7.351  8.172   -0.445  1.00 17.89  ? 138 ARG A CZ  1 
ATOM   1042 N  NH1 . ARG A 1 138 ? -8.538  8.536   0.005   1.00 20.21  ? 138 ARG A NH1 1 
ATOM   1043 N  NH2 . ARG A 1 138 ? -6.282  8.862   -0.103  1.00 17.62  ? 138 ARG A NH2 1 
ATOM   1044 N  N   . ASP A 1 139 ? -5.784  6.147   -6.880  1.00 27.83  ? 139 ASP A N   1 
ATOM   1045 C  CA  . ASP A 1 139 ? -5.558  6.885   -8.154  1.00 27.64  ? 139 ASP A CA  1 
ATOM   1046 C  C   . ASP A 1 139 ? -5.450  5.893   -9.311  1.00 29.10  ? 139 ASP A C   1 
ATOM   1047 O  O   . ASP A 1 139 ? -5.465  6.352   -10.487 1.00 28.83  ? 139 ASP A O   1 
ATOM   1048 C  CB  . ASP A 1 139 ? -4.313  7.760   -8.029  1.00 28.62  ? 139 ASP A CB  1 
ATOM   1049 C  CG  . ASP A 1 139 ? -3.006  6.982   -7.979  1.00 33.60  ? 139 ASP A CG  1 
ATOM   1050 O  OD1 . ASP A 1 139 ? -2.985  5.859   -7.385  1.00 28.82  ? 139 ASP A OD1 1 
ATOM   1051 O  OD2 . ASP A 1 139 ? -2.009  7.511   -8.527  1.00 32.29  ? 139 ASP A OD2 1 
ATOM   1052 N  N   . LEU A 1 140 ? -5.284  4.603   -9.012  1.00 27.49  ? 140 LEU A N   1 
ATOM   1053 C  CA  . LEU A 1 140 ? -5.106  3.537   -10.027 1.00 29.82  ? 140 LEU A CA  1 
ATOM   1054 C  C   . LEU A 1 140 ? -6.507  3.142   -10.492 1.00 31.30  ? 140 LEU A C   1 
ATOM   1055 O  O   . LEU A 1 140 ? -6.925  1.982   -10.259 1.00 25.93  ? 140 LEU A O   1 
ATOM   1056 C  CB  . LEU A 1 140 ? -4.296  2.369   -9.445  1.00 29.36  ? 140 LEU A CB  1 
ATOM   1057 C  CG  . LEU A 1 140 ? -2.910  2.748   -8.917  1.00 30.08  ? 140 LEU A CG  1 
ATOM   1058 C  CD1 . LEU A 1 140 ? -2.215  1.568   -8.259  1.00 31.32  ? 140 LEU A CD1 1 
ATOM   1059 C  CD2 . LEU A 1 140 ? -2.017  3.323   -10.006 1.00 30.81  ? 140 LEU A CD2 1 
ATOM   1060 N  N   . LEU A 1 141 ? -7.191  4.093   -11.149 1.00 29.67  ? 141 LEU A N   1 
ATOM   1061 C  CA  . LEU A 1 141 ? -8.610  3.935   -11.584 1.00 30.41  ? 141 LEU A CA  1 
ATOM   1062 C  C   . LEU A 1 141 ? -8.731  2.658   -12.406 1.00 29.71  ? 141 LEU A C   1 
ATOM   1063 O  O   . LEU A 1 141 ? -9.780  2.007   -12.353 1.00 30.09  ? 141 LEU A O   1 
ATOM   1064 C  CB  . LEU A 1 141 ? -9.066  5.156   -12.377 1.00 30.17  ? 141 LEU A CB  1 
ATOM   1065 C  CG  . LEU A 1 141 ? -8.755  6.505   -11.732 1.00 33.48  ? 141 LEU A CG  1 
ATOM   1066 C  CD1 . LEU A 1 141 ? -9.567  7.603   -12.397 1.00 33.02  ? 141 LEU A CD1 1 
ATOM   1067 C  CD2 . LEU A 1 141 ? -8.998  6.497   -10.221 1.00 33.75  ? 141 LEU A CD2 1 
ATOM   1068 N  N   . TRP A 1 142 ? -7.651  2.279   -13.093 1.00 30.59  ? 142 TRP A N   1 
ATOM   1069 C  CA  . TRP A 1 142 ? -7.650  1.126   -14.028 1.00 28.84  ? 142 TRP A CA  1 
ATOM   1070 C  C   . TRP A 1 142 ? -7.811  -0.204  -13.278 1.00 28.25  ? 142 TRP A C   1 
ATOM   1071 O  O   . TRP A 1 142 ? -8.160  -1.202  -13.925 1.00 31.37  ? 142 TRP A O   1 
ATOM   1072 C  CB  . TRP A 1 142 ? -6.399  1.179   -14.922 1.00 29.45  ? 142 TRP A CB  1 
ATOM   1073 C  CG  . TRP A 1 142 ? -5.085  1.132   -14.201 1.00 26.61  ? 142 TRP A CG  1 
ATOM   1074 C  CD1 . TRP A 1 142 ? -4.279  2.200   -13.916 1.00 27.83  ? 142 TRP A CD1 1 
ATOM   1075 C  CD2 . TRP A 1 142 ? -4.422  -0.033  -13.676 1.00 24.40  ? 142 TRP A CD2 1 
ATOM   1076 N  NE1 . TRP A 1 142 ? -3.157  1.776   -13.262 1.00 28.36  ? 142 TRP A NE1 1 
ATOM   1077 C  CE2 . TRP A 1 142 ? -3.220  0.415   -13.095 1.00 25.94  ? 142 TRP A CE2 1 
ATOM   1078 C  CE3 . TRP A 1 142 ? -4.731  -1.396  -13.608 1.00 25.45  ? 142 TRP A CE3 1 
ATOM   1079 C  CZ2 . TRP A 1 142 ? -2.334  -0.450  -12.455 1.00 23.71  ? 142 TRP A CZ2 1 
ATOM   1080 C  CZ3 . TRP A 1 142 ? -3.837  -2.254  -13.009 1.00 25.34  ? 142 TRP A CZ3 1 
ATOM   1081 C  CH2 . TRP A 1 142 ? -2.655  -1.782  -12.444 1.00 24.22  ? 142 TRP A CH2 1 
ATOM   1082 N  N   . LEU A 1 143 ? -7.580  -0.248  -11.964 1.00 30.45  ? 143 LEU A N   1 
ATOM   1083 C  CA  . LEU A 1 143 ? -7.774  -1.489  -11.138 1.00 29.44  ? 143 LEU A CA  1 
ATOM   1084 C  C   . LEU A 1 143 ? -9.236  -1.954  -11.160 1.00 29.29  ? 143 LEU A C   1 
ATOM   1085 O  O   . LEU A 1 143 ? -9.432  -3.167  -10.982 1.00 27.84  ? 143 LEU A O   1 
ATOM   1086 C  CB  . LEU A 1 143 ? -7.318  -1.247  -9.694  1.00 31.10  ? 143 LEU A CB  1 
ATOM   1087 C  CG  . LEU A 1 143 ? -5.804  -1.246  -9.459  1.00 30.03  ? 143 LEU A CG  1 
ATOM   1088 C  CD1 . LEU A 1 143 ? -5.471  -0.717  -8.071  1.00 28.03  ? 143 LEU A CD1 1 
ATOM   1089 C  CD2 . LEU A 1 143 ? -5.232  -2.637  -9.644  1.00 30.95  ? 143 LEU A CD2 1 
ATOM   1090 N  N   . ASP A 1 144 ? -10.193 -1.035  -11.392 1.00 32.81  ? 144 ASP A N   1 
ATOM   1091 C  CA  . ASP A 1 144 ? -11.665 -1.283  -11.369 1.00 37.52  ? 144 ASP A CA  1 
ATOM   1092 C  C   . ASP A 1 144 ? -12.206 -1.904  -12.660 1.00 42.10  ? 144 ASP A C   1 
ATOM   1093 O  O   . ASP A 1 144 ? -13.424 -1.979  -12.744 1.00 42.92  ? 144 ASP A O   1 
ATOM   1094 C  CB  . ASP A 1 144 ? -12.465 0.019   -11.276 1.00 37.17  ? 144 ASP A CB  1 
ATOM   1095 C  CG  . ASP A 1 144 ? -12.333 0.755   -9.972  1.00 37.36  ? 144 ASP A CG  1 
ATOM   1096 O  OD1 . ASP A 1 144 ? -12.005 0.089   -8.982  1.00 43.00  ? 144 ASP A OD1 1 
ATOM   1097 O  OD2 . ASP A 1 144 ? -12.578 1.982   -9.959  1.00 41.39  ? 144 ASP A OD2 1 
ATOM   1098 N  N   . GLU A 1 145 ? -11.387 -2.250  -13.660 1.00 52.25  ? 145 GLU A N   1 
ATOM   1099 C  CA  . GLU A 1 145 ? -11.919 -2.691  -14.985 1.00 59.59  ? 145 GLU A CA  1 
ATOM   1100 C  C   . GLU A 1 145 ? -10.995 -3.713  -15.648 1.00 61.56  ? 145 GLU A C   1 
ATOM   1101 O  O   . GLU A 1 145 ? -9.842  -3.841  -15.201 1.00 64.70  ? 145 GLU A O   1 
ATOM   1102 C  CB  . GLU A 1 145 ? -12.134 -1.482  -15.902 1.00 64.23  ? 145 GLU A CB  1 
ATOM   1103 C  CG  . GLU A 1 145 ? -10.864 -0.960  -16.556 1.00 63.84  ? 145 GLU A CG  1 
ATOM   1104 C  CD  . GLU A 1 145 ? -10.927 0.496   -16.984 1.00 66.40  ? 145 GLU A CD  1 
ATOM   1105 O  OE1 . GLU A 1 145 ? -9.859  1.135   -17.063 1.00 68.86  ? 145 GLU A OE1 1 
ATOM   1106 O  OE2 . GLU A 1 145 ? -12.040 0.989   -17.237 1.00 68.54  ? 145 GLU A OE2 1 
ATOM   1107 N  N   . GLU A 1 146 ? -11.504 -4.398  -16.684 1.00 65.34  ? 146 GLU A N   1 
ATOM   1108 C  CA  . GLU A 1 146 ? -10.732 -5.306  -17.579 1.00 71.56  ? 146 GLU A CA  1 
ATOM   1109 C  C   . GLU A 1 146 ? -10.111 -6.428  -16.736 1.00 77.39  ? 146 GLU A C   1 
ATOM   1110 O  O   . GLU A 1 146 ? -9.964  -7.577  -17.162 1.00 87.27  ? 146 GLU A O   1 
ATOM   1111 C  CB  . GLU A 1 146 ? -9.701  -4.485  -18.365 1.00 68.30  ? 146 GLU A CB  1 
ATOM   1112 C  CG  . GLU A 1 146 ? -8.274  -5.010  -18.275 1.00 67.96  ? 146 GLU A CG  1 
ATOM   1113 C  CD  . GLU A 1 146 ? -7.783  -5.832  -19.454 1.00 68.59  ? 146 GLU A CD  1 
ATOM   1114 O  OE1 . GLU A 1 146 ? -6.555  -6.070  -19.515 1.00 64.16  ? 146 GLU A OE1 1 
ATOM   1115 O  OE2 . GLU A 1 146 ? -8.620  -6.220  -20.312 1.00 62.75  ? 146 GLU A OE2 1 
HETATM 1116 N  N1  . AYV B 2 .   ? -13.427 4.399   8.081   0.55 28.17  ? 201 AYV A N1  1 
HETATM 1117 C  C4  . AYV B 2 .   ? -15.371 5.868   7.486   0.55 31.12  ? 201 AYV A C4  1 
HETATM 1118 C  C5  . AYV B 2 .   ? -14.111 3.261   7.783   0.55 27.25  ? 201 AYV A C5  1 
HETATM 1119 C  C6  . AYV B 2 .   ? -13.801 0.787   7.686   0.55 27.31  ? 201 AYV A C6  1 
HETATM 1120 C  C7  . AYV B 2 .   ? -12.836 -0.214  7.684   0.55 27.03  ? 201 AYV A C7  1 
HETATM 1121 C  C8  . AYV B 2 .   ? -13.183 -1.508  7.339   0.55 27.96  ? 201 AYV A C8  1 
HETATM 1122 C  C10 . AYV B 2 .   ? -15.451 -0.835  7.030   0.55 27.29  ? 201 AYV A C10 1 
HETATM 1123 C  C1  . AYV B 2 .   ? -13.862 6.385   9.416   0.55 30.67  ? 201 AYV A C1  1 
HETATM 1124 C  C2  . AYV B 2 .   ? -13.945 5.779   8.022   0.55 29.54  ? 201 AYV A C2  1 
HETATM 1125 C  C3  . AYV B 2 .   ? -13.037 6.572   7.089   0.55 29.98  ? 201 AYV A C3  1 
HETATM 1126 O  O1  . AYV B 2 .   ? -13.737 7.381   6.152   0.55 29.09  ? 201 AYV A O1  1 
HETATM 1127 O  O2  . AYV B 2 .   ? -15.332 5.727   6.073   0.55 30.75  ? 201 AYV A O2  1 
HETATM 1128 O  O3  . AYV B 2 .   ? -15.294 3.251   7.446   0.55 24.44  ? 201 AYV A O3  1 
HETATM 1129 N  N2  . AYV B 2 .   ? -13.376 2.117   7.937   0.55 26.88  ? 201 AYV A N2  1 
HETATM 1130 C  C9  . AYV B 2 .   ? -14.485 -1.817  7.006   0.55 27.47  ? 201 AYV A C9  1 
HETATM 1131 C  C11 . AYV B 2 .   ? -15.119 0.465   7.370   0.55 27.54  ? 201 AYV A C11 1 
HETATM 1132 N  N1  . AYV C 2 .   ? -6.319  -8.087  8.247   0.55 27.80  ? 202 AYV A N1  1 
HETATM 1133 C  C4  . AYV C 2 .   ? -5.284  -10.170 7.613   0.55 29.15  ? 202 AYV A C4  1 
HETATM 1134 C  C5  . AYV C 2 .   ? -7.396  -7.278  8.382   0.55 26.00  ? 202 AYV A C5  1 
HETATM 1135 C  C6  . AYV C 2 .   ? -8.075  -4.884  8.000   0.55 22.41  ? 202 AYV A C6  1 
HETATM 1136 C  C7  . AYV C 2 .   ? -7.504  -3.621  7.927   0.55 21.43  ? 202 AYV A C7  1 
HETATM 1137 C  C8  . AYV C 2 .   ? -8.295  -2.495  8.078   0.55 21.14  ? 202 AYV A C8  1 
HETATM 1138 C  C10 . AYV C 2 .   ? -10.223 -3.865  8.356   0.55 19.90  ? 202 AYV A C10 1 
HETATM 1139 C  C1  . AYV C 2 .   ? -7.560  -10.236 8.620   0.55 29.28  ? 202 AYV A C1  1 
HETATM 1140 C  C2  . AYV C 2 .   ? -6.220  -9.512  8.624   0.55 28.66  ? 202 AYV A C2  1 
HETATM 1141 C  C3  . AYV C 2 .   ? -5.625  -9.568  10.028  0.55 29.63  ? 202 AYV A C3  1 
HETATM 1142 O  O1  . AYV C 2 .   ? -6.422  -8.885  10.982  0.55 30.11  ? 202 AYV A O1  1 
HETATM 1143 O  O2  . AYV C 2 .   ? -4.536  -11.256 8.150   0.55 27.22  ? 202 AYV A O2  1 
HETATM 1144 O  O3  . AYV C 2 .   ? -8.469  -7.671  8.826   0.55 26.57  ? 202 AYV A O3  1 
HETATM 1145 N  N2  . AYV C 2 .   ? -7.182  -5.989  7.956   0.55 24.89  ? 202 AYV A N2  1 
HETATM 1146 C  C9  . AYV C 2 .   ? -9.651  -2.618  8.307   0.55 20.26  ? 202 AYV A C9  1 
HETATM 1147 C  C11 . AYV C 2 .   ? -9.447  -5.000  8.197   0.55 21.14  ? 202 AYV A C11 1 
HETATM 1148 ZN ZN  . ZN  D 3 .   ? -13.066 6.713   1.471   1.00 23.53  ? 203 ZN  A ZN  1 
HETATM 1149 S  S   . DMS E 4 .   ? 9.226   4.905   -11.029 1.00 58.22  ? 204 DMS A S   1 
HETATM 1150 O  O   . DMS E 4 .   ? 9.931   4.483   -9.763  1.00 53.91  ? 204 DMS A O   1 
HETATM 1151 C  C1  . DMS E 4 .   ? 9.078   6.683   -10.960 1.00 51.79  ? 204 DMS A C1  1 
HETATM 1152 C  C2  . DMS E 4 .   ? 10.461  4.811   -12.308 1.00 60.84  ? 204 DMS A C2  1 
HETATM 1153 S  S   . DMS F 4 .   ? -0.994  6.991   18.527  1.00 97.61  ? 205 DMS A S   1 
HETATM 1154 O  O   . DMS F 4 .   ? 0.136   6.636   19.450  1.00 94.26  ? 205 DMS A O   1 
HETATM 1155 C  C1  . DMS F 4 .   ? -2.131  5.634   18.621  1.00 98.14  ? 205 DMS A C1  1 
HETATM 1156 C  C2  . DMS F 4 .   ? -1.976  8.205   19.382  1.00 89.20  ? 205 DMS A C2  1 
HETATM 1157 S  S   . SO4 G 5 .   ? 17.552  15.727  0.295   1.00 117.25 ? 206 SO4 A S   1 
HETATM 1158 O  O1  . SO4 G 5 .   ? 16.794  16.661  -0.497  1.00 115.64 ? 206 SO4 A O1  1 
HETATM 1159 O  O2  . SO4 G 5 .   ? 18.228  14.799  -0.569  1.00 116.27 ? 206 SO4 A O2  1 
HETATM 1160 O  O3  . SO4 G 5 .   ? 16.667  15.003  1.168   1.00 119.59 ? 206 SO4 A O3  1 
HETATM 1161 O  O4  . SO4 G 5 .   ? 18.523  16.445  1.079   1.00 114.27 ? 206 SO4 A O4  1 
HETATM 1162 O  O   . HOH H 6 .   ? 9.339   2.717   0.432   1.00 25.03  ? 301 HOH A O   1 
HETATM 1163 O  O   . HOH H 6 .   ? 5.414   2.716   16.731  1.00 31.12  ? 302 HOH A O   1 
HETATM 1164 O  O   . HOH H 6 .   ? 3.059   -6.138  -16.764 1.00 47.47  ? 303 HOH A O   1 
HETATM 1165 O  O   . HOH H 6 .   ? -2.011  -13.139 -0.179  1.00 35.22  ? 304 HOH A O   1 
HETATM 1166 O  O   . HOH H 6 .   ? 2.752   -7.449  1.142   1.00 35.39  ? 305 HOH A O   1 
HETATM 1167 O  O   . HOH H 6 .   ? 1.256   12.197  2.028   1.00 36.62  ? 306 HOH A O   1 
HETATM 1168 O  O   . HOH H 6 .   ? 10.576  12.083  5.863   1.00 36.28  ? 307 HOH A O   1 
HETATM 1169 O  O   . HOH H 6 .   ? 11.505  4.119   -0.982  0.50 46.93  ? 308 HOH A O   1 
HETATM 1170 O  O   . HOH H 6 .   ? -2.172  9.879   -8.848  1.00 43.00  ? 309 HOH A O   1 
HETATM 1171 O  O   . HOH H 6 .   ? 5.241   7.505   -10.047 1.00 48.29  ? 310 HOH A O   1 
HETATM 1172 O  O   . HOH H 6 .   ? -7.194  12.345  -1.448  1.00 26.94  ? 311 HOH A O   1 
HETATM 1173 O  O   . HOH H 6 .   ? 2.935   -6.349  0.008   1.00 23.51  ? 312 HOH A O   1 
HETATM 1174 O  O   . HOH H 6 .   ? 0.606   -10.243 13.438  0.55 43.72  ? 313 HOH A O   1 
HETATM 1175 O  O   . HOH H 6 .   ? 7.375   -2.917  19.187  1.00 27.81  ? 314 HOH A O   1 
HETATM 1176 O  O   . HOH H 6 .   ? 2.684   -1.574  -17.088 1.00 40.28  ? 315 HOH A O   1 
HETATM 1177 O  O   . HOH H 6 .   ? -1.418  -0.356  20.742  1.00 39.21  ? 316 HOH A O   1 
HETATM 1178 O  O   . HOH H 6 .   ? 18.370  7.216   5.542   1.00 34.42  ? 317 HOH A O   1 
HETATM 1179 O  O   . HOH H 6 .   ? -5.597  9.068   -4.354  1.00 20.29  ? 318 HOH A O   1 
HETATM 1180 O  O   . HOH H 6 .   ? 4.183   0.366   20.104  1.00 45.01  ? 319 HOH A O   1 
HETATM 1181 O  O   . HOH H 6 .   ? 13.370  2.938   2.814   0.50 21.37  ? 320 HOH A O   1 
HETATM 1182 O  O   . HOH H 6 .   ? -14.642 14.182  -1.681  1.00 38.50  ? 321 HOH A O   1 
HETATM 1183 O  O   . HOH H 6 .   ? -8.043  -7.969  -15.576 1.00 42.37  ? 322 HOH A O   1 
HETATM 1184 O  O   . HOH H 6 .   ? 9.829   -11.310 -2.661  1.00 38.85  ? 323 HOH A O   1 
HETATM 1185 O  O   . HOH H 6 .   ? 1.662   -13.650 -8.386  1.00 42.15  ? 324 HOH A O   1 
HETATM 1186 O  O   . HOH H 6 .   ? 5.979   -10.425 -16.552 1.00 31.97  ? 325 HOH A O   1 
HETATM 1187 O  O   . HOH H 6 .   ? -13.066 -7.449  -6.955  1.00 37.77  ? 326 HOH A O   1 
HETATM 1188 O  O   . HOH H 6 .   ? 9.774   1.065   -11.142 1.00 32.72  ? 327 HOH A O   1 
HETATM 1189 O  O   . HOH H 6 .   ? 2.781   -15.956 17.539  1.00 28.41  ? 328 HOH A O   1 
HETATM 1190 O  O   . HOH H 6 .   ? -2.038  8.924   -5.276  1.00 24.40  ? 329 HOH A O   1 
HETATM 1191 O  O   . HOH H 6 .   ? 7.667   0.253   7.949   1.00 33.85  ? 330 HOH A O   1 
HETATM 1192 O  O   . HOH H 6 .   ? 11.146  -2.834  -4.616  1.00 23.39  ? 331 HOH A O   1 
HETATM 1193 O  O   . HOH H 6 .   ? -10.550 -5.228  -12.094 1.00 34.15  ? 332 HOH A O   1 
HETATM 1194 O  O   . HOH H 6 .   ? 8.003   -2.357  -15.561 1.00 53.77  ? 333 HOH A O   1 
HETATM 1195 O  O   . HOH H 6 .   ? -14.184 -0.778  3.585   0.55 16.70  ? 334 HOH A O   1 
HETATM 1196 O  O   . HOH H 6 .   ? 10.538  -7.575  4.475   0.50 25.49  ? 335 HOH A O   1 
HETATM 1197 O  O   . HOH H 6 .   ? 13.931  -0.250  -7.065  1.00 33.79  ? 336 HOH A O   1 
HETATM 1198 O  O   . HOH H 6 .   ? 7.988   16.743  -0.968  1.00 56.27  ? 337 HOH A O   1 
HETATM 1199 O  O   . HOH H 6 .   ? -12.435 3.167   -12.294 1.00 35.32  ? 338 HOH A O   1 
HETATM 1200 O  O   . HOH H 6 .   ? -3.154  -7.413  3.446   1.00 39.53  ? 339 HOH A O   1 
HETATM 1201 O  O   . HOH H 6 .   ? 17.351  19.225  -0.612  1.00 38.95  ? 340 HOH A O   1 
HETATM 1202 O  O   . HOH H 6 .   ? -6.467  10.979  1.442   1.00 22.63  ? 341 HOH A O   1 
HETATM 1203 O  O   . HOH H 6 .   ? -0.906  -10.872 11.381  1.00 35.76  ? 342 HOH A O   1 
HETATM 1204 O  O   . HOH H 6 .   ? 5.721   -6.704  18.128  1.00 23.96  ? 343 HOH A O   1 
HETATM 1205 O  O   . HOH H 6 .   ? 10.127  5.647   7.321   1.00 45.07  ? 344 HOH A O   1 
HETATM 1206 O  O   . HOH H 6 .   ? 0.340   -4.941  9.004   1.00 24.67  ? 345 HOH A O   1 
HETATM 1207 O  O   . HOH H 6 .   ? -11.932 11.057  6.069   0.55 33.34  ? 346 HOH A O   1 
HETATM 1208 O  O   . HOH H 6 .   ? -7.573  7.736   15.328  1.00 39.04  ? 347 HOH A O   1 
HETATM 1209 O  O   . HOH H 6 .   ? -15.230 2.001   -10.396 0.55 19.56  ? 348 HOH A O   1 
HETATM 1210 O  O   . HOH H 6 .   ? 3.726   4.873   -2.304  1.00 17.26  ? 349 HOH A O   1 
HETATM 1211 O  O   . HOH H 6 .   ? -3.073  15.966  3.389   1.00 30.17  ? 350 HOH A O   1 
HETATM 1212 O  O   . HOH H 6 .   ? -3.304  -10.056 1.892   1.00 41.35  ? 351 HOH A O   1 
HETATM 1213 O  O   . HOH H 6 .   ? 10.093  -5.532  13.078  1.00 37.63  ? 352 HOH A O   1 
HETATM 1214 O  O   . HOH H 6 .   ? 6.090   3.423   13.522  1.00 37.93  ? 353 HOH A O   1 
HETATM 1215 O  O   . HOH H 6 .   ? -5.313  -16.813 -8.835  1.00 39.17  ? 354 HOH A O   1 
HETATM 1216 O  O   . HOH H 6 .   ? 9.502   -15.447 -5.222  1.00 29.57  ? 355 HOH A O   1 
HETATM 1217 O  O   . HOH H 6 .   ? 6.141   -16.910 -7.246  1.00 34.06  ? 356 HOH A O   1 
HETATM 1218 O  O   . HOH H 6 .   ? 8.696   9.181   -8.447  1.00 52.61  ? 357 HOH A O   1 
HETATM 1219 O  O   . HOH H 6 .   ? 8.938   9.737   5.579   1.00 42.14  ? 358 HOH A O   1 
HETATM 1220 O  O   . HOH H 6 .   ? 3.606   -12.288 -1.316  1.00 40.11  ? 359 HOH A O   1 
HETATM 1221 O  O   . HOH H 6 .   ? 8.320   -5.365  17.832  1.00 34.58  ? 360 HOH A O   1 
HETATM 1222 O  O   . HOH H 6 .   ? 9.142   -4.716  4.605   1.00 26.85  ? 361 HOH A O   1 
HETATM 1223 O  O   . HOH H 6 .   ? 6.320   -9.049  5.708   1.00 37.47  ? 362 HOH A O   1 
HETATM 1224 O  O   . HOH H 6 .   ? 18.400  2.051   6.855   0.50 31.94  ? 363 HOH A O   1 
HETATM 1225 O  O   . HOH H 6 .   ? -6.774  -8.577  0.692   1.00 29.06  ? 364 HOH A O   1 
HETATM 1226 O  O   . HOH H 6 .   ? -2.581  10.417  12.396  1.00 17.59  ? 365 HOH A O   1 
HETATM 1227 O  O   . HOH H 6 .   ? 3.190   6.734   17.248  1.00 32.08  ? 366 HOH A O   1 
HETATM 1228 O  O   . HOH H 6 .   ? 13.769  -3.101  -3.697  1.00 31.82  ? 367 HOH A O   1 
HETATM 1229 O  O   . HOH H 6 .   ? -14.403 11.448  -1.272  1.00 45.61  ? 368 HOH A O   1 
HETATM 1230 O  O   . HOH H 6 .   ? 9.614   14.753  2.858   1.00 43.21  ? 369 HOH A O   1 
HETATM 1231 O  O   . HOH H 6 .   ? -13.427 -4.118  -0.288  1.00 35.61  ? 370 HOH A O   1 
HETATM 1232 O  O   . HOH H 6 .   ? -4.422  5.392   16.088  1.00 41.24  ? 371 HOH A O   1 
HETATM 1233 O  O   . HOH H 6 .   ? -0.639  -16.063 -11.376 1.00 38.29  ? 372 HOH A O   1 
HETATM 1234 O  O   . HOH H 6 .   ? -0.014  -7.503  7.674   1.00 28.82  ? 373 HOH A O   1 
HETATM 1235 O  O   . HOH H 6 .   ? -2.922  8.320   15.668  1.00 33.75  ? 374 HOH A O   1 
HETATM 1236 O  O   . HOH H 6 .   ? 3.160   11.748  -4.898  1.00 26.34  ? 375 HOH A O   1 
HETATM 1237 O  O   . HOH H 6 .   ? 19.903  9.507   -0.954  1.00 34.67  ? 376 HOH A O   1 
HETATM 1238 O  O   . HOH H 6 .   ? -10.621 6.615   11.487  0.55 28.93  ? 377 HOH A O   1 
HETATM 1239 O  O   . HOH H 6 .   ? -9.917  3.818   -16.188 1.00 37.68  ? 378 HOH A O   1 
HETATM 1240 O  O   . HOH H 6 .   ? -9.543  -7.499  -13.562 1.00 39.02  ? 379 HOH A O   1 
HETATM 1241 O  O   . HOH H 6 .   ? 2.620   -14.917 -5.731  1.00 41.32  ? 380 HOH A O   1 
HETATM 1242 O  O   . HOH H 6 .   ? 1.584   0.244   20.070  1.00 50.41  ? 381 HOH A O   1 
HETATM 1243 O  O   . HOH H 6 .   ? -15.620 5.183   -3.902  1.00 23.98  ? 382 HOH A O   1 
HETATM 1244 O  O   . HOH H 6 .   ? -7.555  10.375  -3.103  1.00 23.45  ? 383 HOH A O   1 
HETATM 1245 O  O   . HOH H 6 .   ? 9.034   0.757   1.477   1.00 26.25  ? 384 HOH A O   1 
HETATM 1246 O  O   . HOH H 6 .   ? 9.781   -6.049  10.796  1.00 40.57  ? 385 HOH A O   1 
HETATM 1247 O  O   . HOH H 6 .   ? -4.580  9.286   13.611  1.00 25.59  ? 386 HOH A O   1 
HETATM 1248 O  O   . HOH H 6 .   ? 1.439   4.345   -3.948  1.00 21.20  ? 387 HOH A O   1 
HETATM 1249 O  O   . HOH H 6 .   ? 20.023  10.139  7.760   1.00 50.70  ? 388 HOH A O   1 
HETATM 1250 O  O   . HOH H 6 .   ? -8.019  -4.652  16.543  1.00 17.88  ? 389 HOH A O   1 
HETATM 1251 O  O   . HOH H 6 .   ? 1.706   4.592   18.166  1.00 41.62  ? 390 HOH A O   1 
HETATM 1252 O  O   . HOH H 6 .   ? 13.733  4.974   0.901   1.00 26.54  ? 391 HOH A O   1 
HETATM 1253 O  O   . HOH H 6 .   ? -7.394  -10.830 -7.183  1.00 31.60  ? 392 HOH A O   1 
HETATM 1254 O  O   . HOH H 6 .   ? 8.027   7.222   6.463   1.00 33.85  ? 393 HOH A O   1 
HETATM 1255 O  O   . HOH H 6 .   ? 6.821   2.860   -13.385 1.00 33.83  ? 394 HOH A O   1 
HETATM 1256 O  O   . HOH H 6 .   ? -11.839 -13.961 -13.722 0.55 22.04  ? 395 HOH A O   1 
HETATM 1257 O  O   . HOH H 6 .   ? -2.978  -16.386 -10.115 1.00 41.06  ? 396 HOH A O   1 
HETATM 1258 O  O   . HOH H 6 .   ? 3.558   15.918  -3.076  1.00 54.20  ? 397 HOH A O   1 
HETATM 1259 O  O   . HOH H 6 .   ? 15.139  3.810   -5.019  0.50 31.71  ? 398 HOH A O   1 
HETATM 1260 O  O   . HOH H 6 .   ? 9.761   0.807   9.487   1.00 43.37  ? 399 HOH A O   1 
HETATM 1261 O  O   . HOH H 6 .   ? -2.126  4.394   15.277  1.00 23.39  ? 400 HOH A O   1 
HETATM 1262 O  O   . HOH H 6 .   ? 2.382   6.366   -10.733 1.00 34.74  ? 401 HOH A O   1 
HETATM 1263 O  O   . HOH H 6 .   ? 19.991  1.315   2.545   1.00 49.93  ? 402 HOH A O   1 
HETATM 1264 O  O   . HOH H 6 .   ? -4.407  -6.399  6.033   0.55 20.92  ? 403 HOH A O   1 
HETATM 1265 O  O   . HOH H 6 .   ? 10.176  1.104   11.999  1.00 44.18  ? 404 HOH A O   1 
HETATM 1266 O  O   . HOH H 6 .   ? -3.092  14.481  -2.872  1.00 37.39  ? 405 HOH A O   1 
HETATM 1267 O  O   . HOH H 6 .   ? 0.159   -14.956 15.043  1.00 49.63  ? 406 HOH A O   1 
HETATM 1268 O  O   . HOH H 6 .   ? 15.986  -0.274  7.049   0.50 45.81  ? 407 HOH A O   1 
HETATM 1269 O  O   . HOH H 6 .   ? -0.038  -11.478 4.785   1.00 53.90  ? 408 HOH A O   1 
HETATM 1270 O  O   . HOH H 6 .   ? 0.870   12.402  -4.911  1.00 36.27  ? 409 HOH A O   1 
HETATM 1271 O  O   . HOH H 6 .   ? 17.589  5.031   7.944   1.00 52.25  ? 410 HOH A O   1 
HETATM 1272 O  O   . HOH H 6 .   ? 5.355   -1.414  -15.257 1.00 31.47  ? 411 HOH A O   1 
HETATM 1273 O  O   . HOH H 6 .   ? -0.806  2.221   15.866  1.00 23.02  ? 412 HOH A O   1 
HETATM 1274 O  O   . HOH H 6 .   ? -2.131  6.949   -11.632 1.00 36.43  ? 413 HOH A O   1 
HETATM 1275 O  O   . HOH H 6 .   ? -5.214  -10.057 14.289  0.55 29.42  ? 414 HOH A O   1 
HETATM 1276 O  O   . HOH H 6 .   ? 11.315  8.344   6.785   1.00 27.36  ? 415 HOH A O   1 
HETATM 1277 O  O   . HOH H 6 .   ? -7.340  -13.224 -7.048  1.00 38.84  ? 416 HOH A O   1 
HETATM 1278 O  O   . HOH H 6 .   ? -1.332  -4.558  22.389  1.00 28.27  ? 417 HOH A O   1 
HETATM 1279 O  O   . HOH H 6 .   ? 8.623   7.560   8.927   1.00 39.89  ? 418 HOH A O   1 
HETATM 1280 O  O   . HOH H 6 .   ? 12.782  2.858   9.700   1.00 47.44  ? 419 HOH A O   1 
HETATM 1281 O  O   . HOH H 6 .   ? -5.910  5.866   -13.676 1.00 30.90  ? 420 HOH A O   1 
HETATM 1282 O  O   . HOH H 6 .   ? 1.468   -11.092 0.041   1.00 43.89  ? 421 HOH A O   1 
HETATM 1283 O  O   . HOH H 6 .   ? 10.444  3.201   6.038   1.00 43.00  ? 422 HOH A O   1 
HETATM 1284 O  O   . HOH H 6 .   ? -0.621  3.836   -13.176 1.00 39.51  ? 423 HOH A O   1 
HETATM 1285 O  O   . HOH H 6 .   ? -15.153 -7.223  0.435   1.00 41.53  ? 424 HOH A O   1 
HETATM 1286 O  O   . HOH H 6 .   ? -19.765 3.699   1.206   1.00 42.91  ? 425 HOH A O   1 
HETATM 1287 O  O   . HOH H 6 .   ? 3.340   -9.466  0.594   1.00 33.48  ? 426 HOH A O   1 
HETATM 1288 O  O   . HOH H 6 .   ? 6.742   -18.972 -14.500 1.00 39.54  ? 427 HOH A O   1 
HETATM 1289 O  O   . HOH H 6 .   ? -2.286  1.444   -16.518 1.00 43.19  ? 428 HOH A O   1 
HETATM 1290 O  O   . HOH H 6 .   ? -7.222  -0.859  19.112  1.00 49.02  ? 429 HOH A O   1 
HETATM 1291 O  O   . HOH H 6 .   ? -14.318 11.175  1.657   1.00 35.02  ? 430 HOH A O   1 
HETATM 1292 O  O   . HOH H 6 .   ? 12.336  5.535   -7.395  1.00 36.02  ? 431 HOH A O   1 
HETATM 1293 O  O   . HOH H 6 .   ? -9.152  8.483   13.386  1.00 30.05  ? 432 HOH A O   1 
HETATM 1294 O  O   . HOH H 6 .   ? 9.222   0.607   14.643  1.00 39.27  ? 433 HOH A O   1 
HETATM 1295 O  O   . HOH H 6 .   ? -17.566 10.375  2.228   1.00 45.41  ? 434 HOH A O   1 
HETATM 1296 O  O   . HOH H 6 .   ? -5.156  0.382   21.142  1.00 44.43  ? 435 HOH A O   1 
HETATM 1297 O  O   . HOH H 6 .   ? 10.741  0.940   7.375   1.00 50.44  ? 436 HOH A O   1 
HETATM 1298 O  O   . HOH H 6 .   ? 9.916   -13.615 -3.396  0.55 21.26  ? 437 HOH A O   1 
HETATM 1299 O  O   . HOH H 6 .   ? -10.480 -12.016 -2.316  1.00 43.83  ? 438 HOH A O   1 
HETATM 1300 O  O   . HOH H 6 .   ? -12.682 -6.115  5.504   0.55 22.06  ? 439 HOH A O   1 
HETATM 1301 O  O   . HOH H 6 .   ? 0.697   5.668   -12.232 1.00 44.49  ? 440 HOH A O   1 
HETATM 1302 O  O   . HOH H 6 .   ? -5.113  -10.214 19.205  0.52 26.68  ? 441 HOH A O   1 
HETATM 1303 O  O   . HOH H 6 .   ? 17.380  8.424   -4.462  0.50 30.70  ? 442 HOH A O   1 
HETATM 1304 O  O   . HOH H 6 .   ? -17.822 -3.814  -1.407  1.00 49.46  ? 443 HOH A O   1 
HETATM 1305 O  O   . HOH H 6 .   ? 11.255  -7.244  7.566   0.50 20.29  ? 444 HOH A O   1 
HETATM 1306 O  O   . HOH H 6 .   ? 11.385  3.094   14.713  1.00 49.47  ? 445 HOH A O   1 
HETATM 1307 O  O   . HOH H 6 .   ? -19.843 0.584   4.119   0.55 22.85  ? 446 HOH A O   1 
HETATM 1308 O  O   . HOH H 6 .   ? -7.888  -7.006  17.783  1.00 51.61  ? 447 HOH A O   1 
HETATM 1309 O  O   . HOH H 6 .   ? -14.401 -15.916 -8.248  1.00 50.76  ? 448 HOH A O   1 
HETATM 1310 O  O   . HOH H 6 .   ? 9.006   -20.377 -14.915 1.00 44.30  ? 449 HOH A O   1 
HETATM 1311 O  O   . HOH H 6 .   ? -1.678  4.118   -15.868 1.00 45.15  ? 450 HOH A O   1 
HETATM 1312 O  O   . HOH H 6 .   ? -13.453 13.725  3.195   1.00 41.73  ? 451 HOH A O   1 
HETATM 1313 O  O   . HOH H 6 .   ? 0.307   2.805   18.617  1.00 30.31  ? 452 HOH A O   1 
HETATM 1314 O  O   . HOH H 6 .   ? 11.821  11.799  -6.451  1.00 51.10  ? 453 HOH A O   1 
HETATM 1315 O  O   . HOH H 6 .   ? -1.541  -0.688  -16.123 1.00 38.25  ? 454 HOH A O   1 
HETATM 1316 O  O   . HOH H 6 .   ? -14.123 -3.368  -8.012  1.00 33.33  ? 455 HOH A O   1 
HETATM 1317 O  O   . HOH H 6 .   ? -18.037 5.386   -3.246  1.00 28.42  ? 456 HOH A O   1 
HETATM 1318 O  O   . HOH H 6 .   ? -5.186  -14.882 -7.039  1.00 44.49  ? 457 HOH A O   1 
HETATM 1319 O  O   . HOH H 6 .   ? 8.731   11.947  7.361   1.00 35.37  ? 458 HOH A O   1 
HETATM 1320 O  O   . HOH H 6 .   ? 19.686  5.443   7.339   1.00 49.40  ? 459 HOH A O   1 
HETATM 1321 O  O   . HOH H 6 .   ? -8.088  -2.489  20.663  1.00 49.88  ? 460 HOH A O   1 
HETATM 1322 O  O   . HOH H 6 .   ? -4.092  11.391  -4.956  1.00 32.38  ? 461 HOH A O   1 
HETATM 1323 O  O   . HOH H 6 .   ? 12.010  9.650   8.544   1.00 43.44  ? 462 HOH A O   1 
HETATM 1324 O  O   . HOH H 6 .   ? -3.819  -12.067 19.899  0.52 43.03  ? 463 HOH A O   1 
HETATM 1325 O  O   . HOH H 6 .   ? -11.096 -19.280 -9.060  1.00 35.70  ? 464 HOH A O   1 
HETATM 1326 O  O   . HOH H 6 .   ? -3.226  8.830   -13.421 0.50 30.40  ? 465 HOH A O   1 
HETATM 1327 O  O   . HOH H 6 .   ? 6.932   -10.869 3.775   1.00 41.10  ? 466 HOH A O   1 
HETATM 1328 O  O   . HOH H 6 .   ? 9.459   -11.712 2.440   1.00 42.10  ? 467 HOH A O   1 
HETATM 1329 O  O   . HOH H 6 .   ? -6.355  1.588   19.139  1.00 38.74  ? 468 HOH A O   1 
HETATM 1330 O  O   . HOH H 6 .   ? -2.242  -14.828 -6.619  1.00 44.52  ? 469 HOH A O   1 
HETATM 1331 O  O   . HOH H 6 .   ? 10.861  -1.298  13.541  1.00 50.30  ? 470 HOH A O   1 
HETATM 1332 O  O   . HOH H 6 .   ? 5.459   -11.280 1.854   1.00 29.14  ? 471 HOH A O   1 
HETATM 1333 O  O   . HOH H 6 .   ? -5.767  3.865   18.627  1.00 39.06  ? 472 HOH A O   1 
HETATM 1334 O  O   . HOH H 6 .   ? 15.681  6.141   9.832   1.00 41.60  ? 473 HOH A O   1 
HETATM 1335 O  O   . HOH H 6 .   ? 11.467  15.842  -4.664  1.00 47.93  ? 474 HOH A O   1 
HETATM 1336 O  O   . HOH H 6 .   ? -4.030  -15.219 15.999  1.00 47.41  ? 475 HOH A O   1 
HETATM 1337 O  O   . HOH H 6 .   ? -6.393  -15.207 -0.893  1.00 39.19  ? 476 HOH A O   1 
HETATM 1338 O  O   . HOH H 6 .   ? -5.509  -0.074  -18.473 1.00 44.55  ? 477 HOH A O   1 
HETATM 1339 O  O   . HOH H 6 .   ? -16.499 7.853   10.204  0.55 60.83  ? 478 HOH A O   1 
HETATM 1340 O  O   . HOH H 6 .   ? 5.456   -17.910 -16.542 1.00 46.41  ? 479 HOH A O   1 
HETATM 1341 O  O   . HOH H 6 .   ? 13.333  2.387   12.218  1.00 41.91  ? 480 HOH A O   1 
HETATM 1342 O  O   . HOH H 6 .   ? -3.659  3.350   20.160  1.00 47.55  ? 481 HOH A O   1 
HETATM 1343 O  O   . HOH H 6 .   ? 15.240  7.331   -6.327  1.00 42.40  ? 482 HOH A O   1 
HETATM 1344 O  O   . HOH H 6 .   ? -20.548 9.705   12.111  1.00 40.53  ? 483 HOH A O   1 
# 
